data_6A8P
#
_entry.id   6A8P
#
_cell.length_a   133.195
_cell.length_b   216.312
_cell.length_c   166.042
_cell.angle_alpha   90.00
_cell.angle_beta   90.00
_cell.angle_gamma   90.00
#
_symmetry.space_group_name_H-M   'C 2 2 21'
#
loop_
_entity.id
_entity.type
_entity.pdbx_description
1 polymer 'Protein-glutamine gamma-glutamyltransferase 2'
2 non-polymer "GUANOSINE-5'-TRIPHOSPHATE"
#
_entity_poly.entity_id   1
_entity_poly.type   'polypeptide(L)'
_entity_poly.pdbx_seq_one_letter_code
;MAEELVLERCDLELETNGRDHHTADLCREKLVVRRGQPFWLTLHFEGRNYEASVDSLTFSVVTGPAPSQEAGTKARFPLR
DAVEEGDWTATVVDQQDCTLSLQLTTPANAPIGLYRLSLEASTGYQGSSFVLGHFILLFNAWCPADAVYLDSEEERQEYV
LTQQGFIYQGSAKFIKNIPWNFGQFEDGILDICLILLDVNPKFLKNAGRDCSRRSSPVYVGRVVSGMVNCNDDQGVLLGR
WDNNYGDGVSPMSWIGSVDILRRWKNHGCQRVKYGQCWVFAAVACTVLRCLGIPTRVVTNYNSAHDQNSNLLIEYFRNEF
GEIQGDKSEMIWNFHCWVESWMTRPDLQPGYEGWQALDPTPQEKSEGTYCCGPVPVRAIKEGDLSTKYDAPFVFAEVNAD
VVDWIQQDDGSVHKSINRSLIVGLKISTKSVGRDEREDITHTYKYPEGSSEEREAFTRANHLNKLAEKEETGMAMRIRVG
QSMNMGSDFDVFAHITNNTAEEYVCRLLLCARTVSYNGILGPECGTKYLLNLNLEPFSEKSVPLCILYEKYRDCLTESNL
IKVRALLVEPVINSYLLAERDLYLENPEIKIRILGEPKQKRKLVAEVSLQNPLPVALEGCTFTVEGAGLTEEQKTVEIPD
PVEAGEEVKVRMDLLPLHMGLHKLVVNFESDKLKAVKGFRNVIIGPALEHHHHHH
;
_entity_poly.pdbx_strand_id   A,B,C
#
loop_
_chem_comp.id
_chem_comp.type
_chem_comp.name
_chem_comp.formula
GTP non-polymer GUANOSINE-5'-TRIPHOSPHATE 'C10 H16 N5 O14 P3'
#
# COMPACT_ATOMS: atom_id res chain seq x y z
N MET A 1 18.55 -39.77 84.72
CA MET A 1 19.02 -39.58 83.36
C MET A 1 17.89 -39.85 82.35
N ALA A 2 17.54 -38.83 81.56
CA ALA A 2 16.35 -38.87 80.72
C ALA A 2 16.74 -39.01 79.25
N GLU A 3 16.15 -40.01 78.59
CA GLU A 3 16.37 -40.21 77.16
C GLU A 3 15.84 -39.01 76.37
N GLU A 4 16.52 -38.72 75.26
CA GLU A 4 16.06 -37.65 74.39
C GLU A 4 14.69 -37.98 73.81
N LEU A 5 13.88 -36.95 73.61
CA LEU A 5 12.59 -37.11 72.96
C LEU A 5 12.80 -37.30 71.46
N VAL A 6 12.16 -38.32 70.90
CA VAL A 6 12.33 -38.70 69.51
C VAL A 6 10.99 -38.58 68.80
N LEU A 7 10.94 -37.77 67.75
CA LEU A 7 9.71 -37.52 67.01
C LEU A 7 9.61 -38.52 65.86
N GLU A 8 8.75 -39.51 66.03
CA GLU A 8 8.39 -40.42 64.94
C GLU A 8 7.86 -39.64 63.76
N ARG A 9 6.68 -39.04 63.92
CA ARG A 9 6.00 -38.32 62.85
C ARG A 9 5.19 -37.19 63.45
N CYS A 10 5.01 -36.13 62.66
CA CYS A 10 4.13 -35.02 63.01
C CYS A 10 2.93 -34.99 62.07
N ASP A 11 1.73 -35.09 62.63
CA ASP A 11 0.48 -35.02 61.88
C ASP A 11 -0.10 -33.61 62.02
N LEU A 12 -0.43 -33.01 60.88
CA LEU A 12 -0.96 -31.65 60.87
C LEU A 12 -2.49 -31.61 60.74
N GLU A 13 -3.14 -32.77 60.88
CA GLU A 13 -4.59 -32.89 60.98
C GLU A 13 -5.31 -32.09 59.89
N LEU A 14 -5.01 -32.44 58.63
CA LEU A 14 -5.54 -31.68 57.51
C LEU A 14 -7.07 -31.74 57.46
N GLU A 15 -7.64 -32.92 57.67
CA GLU A 15 -9.10 -33.05 57.58
C GLU A 15 -9.80 -32.16 58.60
N THR A 16 -9.46 -32.33 59.88
CA THR A 16 -10.13 -31.57 60.93
C THR A 16 -9.84 -30.08 60.83
N ASN A 17 -8.57 -29.72 60.64
CA ASN A 17 -8.20 -28.31 60.54
C ASN A 17 -8.83 -27.65 59.32
N GLY A 18 -8.86 -28.35 58.18
CA GLY A 18 -9.48 -27.81 56.99
C GLY A 18 -10.96 -27.55 57.18
N ARG A 19 -11.65 -28.49 57.84
CA ARG A 19 -13.07 -28.30 58.11
C ARG A 19 -13.30 -27.13 59.05
N ASP A 20 -12.50 -27.02 60.11
CA ASP A 20 -12.66 -25.93 61.06
C ASP A 20 -12.31 -24.57 60.46
N HIS A 21 -11.25 -24.51 59.66
CA HIS A 21 -10.74 -23.26 59.11
C HIS A 21 -11.32 -22.90 57.75
N HIS A 22 -12.31 -23.65 57.27
CA HIS A 22 -12.97 -23.35 56.00
C HIS A 22 -11.96 -23.37 54.86
N THR A 23 -11.02 -24.32 54.91
CA THR A 23 -9.98 -24.48 53.92
C THR A 23 -9.88 -25.94 53.45
N ALA A 24 -10.99 -26.68 53.55
CA ALA A 24 -10.96 -28.11 53.30
C ALA A 24 -10.49 -28.42 51.88
N ASP A 25 -11.04 -27.72 50.89
CA ASP A 25 -10.61 -27.94 49.52
C ASP A 25 -9.16 -27.55 49.31
N LEU A 26 -8.69 -26.53 50.01
CA LEU A 26 -7.30 -26.09 49.93
C LEU A 26 -6.32 -27.08 50.55
N CYS A 27 -6.77 -27.93 51.45
CA CYS A 27 -5.88 -28.84 52.20
C CYS A 27 -5.63 -30.12 51.41
N ARG A 28 -4.85 -30.01 50.34
CA ARG A 28 -4.51 -31.18 49.54
C ARG A 28 -3.31 -31.96 50.08
N GLU A 29 -2.10 -31.50 49.81
CA GLU A 29 -0.89 -32.12 50.35
C GLU A 29 -0.19 -31.23 51.36
N LYS A 30 -0.75 -30.06 51.65
CA LYS A 30 -0.21 -29.10 52.60
C LYS A 30 -1.33 -28.74 53.58
N LEU A 31 -0.98 -28.04 54.64
CA LEU A 31 -1.97 -27.54 55.58
C LEU A 31 -2.22 -26.06 55.31
N VAL A 32 -3.48 -25.68 55.24
CA VAL A 32 -3.90 -24.31 55.03
C VAL A 32 -4.85 -23.93 56.16
N VAL A 33 -4.58 -22.81 56.82
CA VAL A 33 -5.35 -22.35 57.97
C VAL A 33 -5.48 -20.84 57.88
N ARG A 34 -6.36 -20.30 58.72
CA ARG A 34 -6.61 -18.86 58.75
C ARG A 34 -6.18 -18.27 60.07
N ARG A 35 -5.59 -17.07 60.00
CA ARG A 35 -4.99 -16.42 61.17
C ARG A 35 -6.04 -16.05 62.21
N GLY A 36 -5.58 -15.96 63.46
CA GLY A 36 -6.45 -15.61 64.56
C GLY A 36 -7.29 -16.74 65.09
N GLN A 37 -7.04 -17.97 64.66
CA GLN A 37 -7.81 -19.14 65.03
C GLN A 37 -6.87 -20.29 65.34
N PRO A 38 -7.17 -21.07 66.39
CA PRO A 38 -6.30 -22.21 66.73
C PRO A 38 -6.50 -23.37 65.76
N PHE A 39 -5.44 -24.16 65.59
CA PHE A 39 -5.50 -25.35 64.77
C PHE A 39 -4.80 -26.50 65.49
N TRP A 40 -5.33 -27.70 65.26
CA TRP A 40 -4.81 -28.91 65.89
C TRP A 40 -3.47 -29.33 65.32
N LEU A 41 -2.64 -29.91 66.18
CA LEU A 41 -1.35 -30.49 65.85
C LEU A 41 -1.18 -31.76 66.67
N THR A 42 -0.64 -32.80 66.06
CA THR A 42 -0.43 -34.04 66.80
C THR A 42 1.01 -34.49 66.61
N LEU A 43 1.69 -34.74 67.73
CA LEU A 43 3.08 -35.20 67.72
C LEU A 43 3.11 -36.65 68.15
N HIS A 44 3.81 -37.48 67.38
CA HIS A 44 3.97 -38.88 67.69
C HIS A 44 5.41 -39.16 68.07
N PHE A 45 5.61 -39.82 69.20
CA PHE A 45 6.94 -40.16 69.68
C PHE A 45 7.07 -41.67 69.76
N GLU A 46 8.31 -42.16 69.73
CA GLU A 46 8.57 -43.58 69.90
C GLU A 46 9.28 -43.78 71.24
N GLY A 47 8.81 -44.73 72.03
CA GLY A 47 9.36 -44.98 73.35
C GLY A 47 8.61 -44.30 74.47
N ARG A 48 8.71 -42.98 74.55
CA ARG A 48 8.07 -42.26 75.62
C ARG A 48 7.37 -41.01 75.17
N ASN A 49 6.31 -40.64 75.89
CA ASN A 49 5.60 -39.42 75.61
C ASN A 49 6.28 -38.23 76.28
N TYR A 50 5.84 -37.03 75.90
CA TYR A 50 6.40 -35.80 76.46
C TYR A 50 6.18 -35.71 77.96
N GLU A 51 7.22 -35.27 78.66
CA GLU A 51 7.23 -35.11 80.12
C GLU A 51 7.34 -33.63 80.45
N ALA A 52 6.32 -33.08 81.12
CA ALA A 52 6.41 -31.67 81.47
C ALA A 52 7.58 -31.42 82.41
N SER A 53 7.86 -32.37 83.30
CA SER A 53 8.96 -32.24 84.24
C SER A 53 10.32 -32.29 83.53
N VAL A 54 10.50 -33.25 82.61
CA VAL A 54 11.81 -33.52 82.04
C VAL A 54 12.01 -32.98 80.63
N ASP A 55 10.94 -32.57 79.96
CA ASP A 55 11.04 -32.11 78.58
C ASP A 55 10.64 -30.65 78.41
N SER A 56 11.39 -29.93 77.60
CA SER A 56 11.09 -28.54 77.30
C SER A 56 10.94 -28.39 75.79
N LEU A 57 9.80 -27.85 75.35
CA LEU A 57 9.51 -27.74 73.93
C LEU A 57 9.28 -26.29 73.54
N THR A 58 9.97 -25.84 72.49
CA THR A 58 9.74 -24.50 71.96
C THR A 58 9.48 -24.57 70.47
N PHE A 59 8.48 -23.83 70.00
CA PHE A 59 8.12 -23.79 68.59
C PHE A 59 8.64 -22.51 67.96
N SER A 60 9.01 -22.59 66.69
CA SER A 60 9.43 -21.43 65.92
C SER A 60 8.77 -21.47 64.55
N VAL A 61 8.38 -20.32 64.05
CA VAL A 61 7.73 -20.19 62.76
C VAL A 61 8.41 -19.07 61.99
N VAL A 62 8.63 -19.29 60.69
CA VAL A 62 9.27 -18.30 59.82
C VAL A 62 8.53 -18.30 58.50
N THR A 63 8.38 -17.12 57.90
CA THR A 63 7.67 -17.08 56.61
C THR A 63 8.45 -16.41 55.50
N GLY A 64 9.15 -15.32 55.77
CA GLY A 64 9.81 -14.59 54.72
C GLY A 64 11.15 -15.20 54.34
N PRO A 65 11.73 -14.67 53.27
CA PRO A 65 13.13 -15.01 52.97
C PRO A 65 14.07 -14.44 54.02
N ALA A 66 13.68 -13.37 54.69
CA ALA A 66 14.45 -12.74 55.76
C ALA A 66 13.55 -12.63 57.00
N PRO A 67 13.31 -13.74 57.68
CA PRO A 67 12.37 -13.72 58.81
C PRO A 67 12.91 -12.88 59.96
N SER A 68 11.99 -12.11 60.54
CA SER A 68 12.25 -11.28 61.69
C SER A 68 11.00 -11.23 62.57
N GLN A 69 11.25 -11.30 63.88
CA GLN A 69 10.24 -11.16 64.91
C GLN A 69 9.71 -9.74 64.92
N GLU A 70 10.61 -8.80 64.72
CA GLU A 70 10.27 -7.40 64.70
C GLU A 70 9.33 -7.10 63.54
N ALA A 71 9.61 -7.70 62.41
CA ALA A 71 8.78 -7.54 61.25
C ALA A 71 7.54 -8.39 61.38
N GLY A 72 7.50 -9.24 62.39
CA GLY A 72 6.34 -10.10 62.52
C GLY A 72 6.39 -11.35 61.68
N THR A 73 7.45 -11.52 60.90
CA THR A 73 7.62 -12.67 60.02
C THR A 73 8.18 -13.91 60.72
N LYS A 74 8.71 -13.77 61.93
CA LYS A 74 9.26 -14.90 62.68
C LYS A 74 8.73 -14.84 64.11
N ALA A 75 8.49 -16.01 64.70
CA ALA A 75 8.00 -16.06 66.07
C ALA A 75 8.47 -17.33 66.77
N ARG A 76 8.87 -17.21 68.02
CA ARG A 76 9.20 -18.39 68.80
C ARG A 76 8.41 -18.31 70.10
N PHE A 77 7.78 -19.41 70.45
CA PHE A 77 6.87 -19.53 71.58
C PHE A 77 6.98 -20.91 72.21
N PRO A 78 6.85 -21.01 73.53
CA PRO A 78 7.02 -22.32 74.19
C PRO A 78 5.71 -23.04 74.45
N LEU A 79 5.80 -24.34 74.69
CA LEU A 79 4.65 -25.15 75.03
C LEU A 79 4.17 -24.71 76.40
N ARG A 80 2.86 -24.71 76.62
CA ARG A 80 2.27 -24.25 77.87
C ARG A 80 1.05 -25.04 78.34
N ASP A 81 0.69 -24.88 79.62
CA ASP A 81 -0.52 -25.51 80.15
C ASP A 81 -1.79 -24.85 79.63
N ALA A 82 -1.96 -23.56 79.88
CA ALA A 82 -3.08 -22.79 79.34
C ALA A 82 -2.53 -21.79 78.34
N VAL A 83 -3.43 -21.24 77.51
CA VAL A 83 -3.00 -20.25 76.54
C VAL A 83 -2.30 -19.14 77.29
N GLU A 84 -1.21 -18.64 76.73
CA GLU A 84 -0.49 -17.59 77.43
C GLU A 84 -0.82 -16.22 76.83
N GLU A 85 -0.12 -15.19 77.29
CA GLU A 85 -0.31 -13.85 76.78
C GLU A 85 0.76 -13.63 75.72
N GLY A 86 0.40 -14.00 74.49
CA GLY A 86 1.30 -13.82 73.38
C GLY A 86 0.55 -14.07 72.09
N ASP A 87 1.10 -13.51 71.01
CA ASP A 87 0.47 -13.62 69.71
C ASP A 87 0.43 -15.08 69.23
N TRP A 88 1.58 -15.75 69.28
CA TRP A 88 1.69 -17.15 68.89
C TRP A 88 1.79 -18.01 70.14
N THR A 89 0.90 -18.99 70.25
CA THR A 89 0.85 -19.83 71.44
C THR A 89 0.71 -21.29 71.04
N ALA A 90 1.30 -22.16 71.86
CA ALA A 90 1.16 -23.61 71.72
C ALA A 90 0.83 -24.17 73.09
N THR A 91 -0.28 -24.92 73.18
CA THR A 91 -0.74 -25.47 74.44
C THR A 91 -1.11 -26.94 74.26
N VAL A 92 -0.86 -27.72 75.31
CA VAL A 92 -1.26 -29.11 75.33
C VAL A 92 -2.76 -29.19 75.51
N VAL A 93 -3.43 -29.97 74.65
CA VAL A 93 -4.85 -30.24 74.78
C VAL A 93 -5.09 -31.64 75.33
N ASP A 94 -4.38 -32.63 74.81
CA ASP A 94 -4.54 -33.99 75.33
C ASP A 94 -3.21 -34.72 75.21
N GLN A 95 -3.02 -35.70 76.08
CA GLN A 95 -1.85 -36.58 76.04
C GLN A 95 -2.31 -38.01 76.18
N GLN A 96 -1.97 -38.85 75.20
CA GLN A 96 -2.40 -40.24 75.28
C GLN A 96 -1.40 -41.10 74.54
N ASP A 97 -1.05 -42.25 75.13
CA ASP A 97 -0.11 -43.20 74.53
C ASP A 97 1.19 -42.48 74.26
N CYS A 98 1.69 -42.47 73.02
CA CYS A 98 2.88 -41.73 72.67
C CYS A 98 2.56 -40.50 71.81
N THR A 99 1.32 -40.01 71.87
CA THR A 99 0.89 -38.89 71.05
C THR A 99 0.50 -37.72 71.93
N LEU A 100 0.88 -36.53 71.49
CA LEU A 100 0.61 -35.27 72.15
C LEU A 100 -0.30 -34.46 71.23
N SER A 101 -1.47 -34.05 71.74
CA SER A 101 -2.44 -33.25 71.00
C SER A 101 -2.34 -31.80 71.45
N LEU A 102 -1.96 -30.93 70.50
CA LEU A 102 -1.64 -29.53 70.68
C LEU A 102 -2.63 -28.66 69.92
N GLN A 103 -2.75 -27.42 70.39
CA GLN A 103 -3.46 -26.39 69.68
C GLN A 103 -2.51 -25.22 69.50
N LEU A 104 -2.36 -24.78 68.26
CA LEU A 104 -1.48 -23.65 67.96
C LEU A 104 -2.35 -22.47 67.54
N THR A 105 -2.02 -21.30 68.03
CA THR A 105 -2.79 -20.10 67.76
C THR A 105 -1.87 -19.08 67.10
N THR A 106 -2.44 -18.31 66.18
CA THR A 106 -1.69 -17.31 65.48
C THR A 106 -2.37 -15.96 65.71
N PRO A 107 -1.63 -14.86 65.65
CA PRO A 107 -2.28 -13.57 65.87
C PRO A 107 -3.24 -13.27 64.73
N ALA A 108 -4.25 -12.46 65.05
CA ALA A 108 -5.22 -12.08 64.03
C ALA A 108 -4.64 -11.14 63.00
N ASN A 109 -3.47 -10.55 63.28
CA ASN A 109 -2.79 -9.67 62.34
C ASN A 109 -1.51 -10.30 61.81
N ALA A 110 -1.38 -11.61 61.90
CA ALA A 110 -0.18 -12.27 61.40
C ALA A 110 -0.07 -12.07 59.89
N PRO A 111 1.14 -11.90 59.35
CA PRO A 111 1.28 -11.80 57.90
C PRO A 111 0.87 -13.12 57.24
N ILE A 112 0.19 -13.02 56.11
CA ILE A 112 -0.24 -14.21 55.41
C ILE A 112 0.91 -14.74 54.58
N GLY A 113 0.92 -16.03 54.35
CA GLY A 113 1.93 -16.63 53.51
C GLY A 113 2.28 -18.03 53.98
N LEU A 114 3.27 -18.61 53.31
CA LEU A 114 3.77 -19.92 53.66
C LEU A 114 4.72 -19.82 54.85
N TYR A 115 4.56 -20.73 55.81
CA TYR A 115 5.36 -20.72 57.03
C TYR A 115 6.04 -22.07 57.21
N ARG A 116 7.25 -22.03 57.74
CA ARG A 116 7.95 -23.22 58.17
C ARG A 116 7.89 -23.26 59.70
N LEU A 117 7.45 -24.39 60.21
CA LEU A 117 7.25 -24.65 61.63
C LEU A 117 8.31 -25.62 62.10
N SER A 118 9.07 -25.20 63.09
CA SER A 118 10.16 -25.95 63.67
C SER A 118 9.95 -26.12 65.17
N LEU A 119 10.42 -27.24 65.69
CA LEU A 119 10.36 -27.55 67.12
C LEU A 119 11.78 -27.75 67.63
N GLU A 120 12.08 -27.12 68.76
CA GLU A 120 13.35 -27.32 69.42
C GLU A 120 12.97 -28.13 70.64
N ALA A 121 13.34 -29.41 70.70
CA ALA A 121 13.08 -30.21 71.89
C ALA A 121 14.38 -30.24 72.70
N SER A 122 14.36 -29.72 73.93
CA SER A 122 15.51 -29.85 74.81
C SER A 122 15.13 -30.74 75.98
N THR A 123 15.96 -31.76 76.22
CA THR A 123 15.77 -32.73 77.30
C THR A 123 17.08 -32.88 78.06
N GLY A 124 17.06 -32.50 79.34
CA GLY A 124 18.20 -32.64 80.21
C GLY A 124 19.54 -32.24 79.62
N TYR A 125 19.62 -31.00 79.13
CA TYR A 125 20.80 -30.33 78.60
C TYR A 125 21.16 -30.83 77.19
N GLN A 126 20.47 -31.85 76.67
CA GLN A 126 20.69 -32.30 75.30
C GLN A 126 19.57 -31.75 74.42
N GLY A 127 19.94 -30.97 73.41
CA GLY A 127 18.99 -30.27 72.58
C GLY A 127 18.98 -30.81 71.14
N SER A 128 17.77 -31.04 70.64
CA SER A 128 17.55 -31.46 69.26
C SER A 128 16.56 -30.50 68.62
N SER A 129 16.51 -30.46 67.29
CA SER A 129 15.55 -29.59 66.62
C SER A 129 15.05 -30.26 65.34
N PHE A 130 13.75 -30.18 65.10
CA PHE A 130 13.10 -30.81 63.97
C PHE A 130 12.34 -29.76 63.18
N VAL A 131 12.04 -30.11 61.94
CA VAL A 131 11.12 -29.33 61.11
C VAL A 131 9.85 -30.16 61.05
N LEU A 132 8.79 -29.64 61.69
CA LEU A 132 7.54 -30.39 61.72
C LEU A 132 6.84 -30.36 60.38
N GLY A 133 6.86 -29.23 59.69
CA GLY A 133 6.21 -29.15 58.40
C GLY A 133 6.05 -27.72 57.97
N HIS A 134 5.14 -27.52 57.02
CA HIS A 134 4.84 -26.20 56.50
C HIS A 134 3.33 -26.01 56.52
N PHE A 135 2.92 -24.75 56.57
CA PHE A 135 1.51 -24.43 56.50
C PHE A 135 1.37 -23.05 55.89
N ILE A 136 0.22 -22.81 55.26
CA ILE A 136 -0.09 -21.53 54.64
C ILE A 136 -1.17 -20.85 55.48
N LEU A 137 -0.93 -19.60 55.83
CA LEU A 137 -1.81 -18.82 56.69
C LEU A 137 -2.51 -17.77 55.85
N LEU A 138 -3.83 -17.69 55.98
CA LEU A 138 -4.64 -16.80 55.16
C LEU A 138 -5.45 -15.86 56.03
N PHE A 139 -6.01 -14.83 55.39
CA PHE A 139 -6.90 -13.91 56.09
C PHE A 139 -8.13 -14.67 56.56
N ASN A 140 -8.68 -14.26 57.70
CA ASN A 140 -9.80 -14.97 58.30
C ASN A 140 -11.01 -14.04 58.42
N ALA A 141 -12.00 -14.25 57.55
CA ALA A 141 -13.24 -13.49 57.63
C ALA A 141 -14.08 -13.95 58.81
N TRP A 142 -13.86 -15.16 59.32
CA TRP A 142 -14.57 -15.69 60.46
C TRP A 142 -14.05 -15.17 61.80
N CYS A 143 -12.84 -14.64 61.86
CA CYS A 143 -12.23 -14.22 63.12
C CYS A 143 -12.57 -12.77 63.43
N PRO A 144 -13.23 -12.48 64.56
CA PRO A 144 -13.62 -11.08 64.84
C PRO A 144 -12.45 -10.13 65.02
N ALA A 145 -11.33 -10.62 65.56
CA ALA A 145 -10.15 -9.76 65.69
C ALA A 145 -9.56 -9.41 64.34
N ASP A 146 -9.75 -10.26 63.32
CA ASP A 146 -9.19 -10.01 62.00
C ASP A 146 -9.80 -8.77 61.36
N ALA A 147 -8.99 -8.09 60.56
CA ALA A 147 -9.42 -6.88 59.88
C ALA A 147 -10.50 -7.15 58.83
N VAL A 148 -10.52 -8.35 58.26
CA VAL A 148 -11.46 -8.69 57.19
C VAL A 148 -12.70 -9.40 57.73
N TYR A 149 -12.94 -9.31 59.05
CA TYR A 149 -14.04 -10.04 59.66
C TYR A 149 -15.39 -9.64 59.08
N LEU A 150 -16.21 -10.65 58.82
CA LEU A 150 -17.59 -10.49 58.36
C LEU A 150 -18.50 -11.14 59.40
N ASP A 151 -19.47 -10.38 59.90
CA ASP A 151 -20.35 -10.91 60.94
C ASP A 151 -21.30 -11.97 60.40
N SER A 152 -21.65 -11.91 59.11
CA SER A 152 -22.63 -12.80 58.51
C SER A 152 -21.96 -14.02 57.87
N GLU A 153 -22.44 -15.21 58.24
CA GLU A 153 -21.93 -16.44 57.62
C GLU A 153 -22.27 -16.49 56.14
N GLU A 154 -23.45 -15.99 55.77
CA GLU A 154 -23.86 -15.97 54.36
C GLU A 154 -22.85 -15.21 53.52
N GLU A 155 -22.48 -14.01 54.00
CA GLU A 155 -21.54 -13.17 53.29
C GLU A 155 -20.15 -13.79 53.24
N ARG A 156 -19.74 -14.45 54.32
CA ARG A 156 -18.45 -15.13 54.31
C ARG A 156 -18.43 -16.20 53.23
N GLN A 157 -19.52 -16.98 53.15
CA GLN A 157 -19.63 -18.03 52.15
C GLN A 157 -19.59 -17.45 50.74
N GLU A 158 -20.36 -16.38 50.50
CA GLU A 158 -20.44 -15.81 49.16
C GLU A 158 -19.13 -15.18 48.74
N TYR A 159 -18.54 -14.35 49.58
CA TYR A 159 -17.40 -13.52 49.22
C TYR A 159 -16.05 -14.17 49.45
N VAL A 160 -15.96 -15.35 50.07
CA VAL A 160 -14.69 -16.05 50.24
C VAL A 160 -14.73 -17.45 49.65
N LEU A 161 -15.76 -18.24 49.97
CA LEU A 161 -15.77 -19.66 49.63
C LEU A 161 -16.40 -20.00 48.28
N THR A 162 -17.32 -19.18 47.77
CA THR A 162 -18.04 -19.55 46.55
C THR A 162 -17.13 -19.35 45.34
N GLN A 163 -16.92 -20.43 44.58
CA GLN A 163 -15.97 -20.44 43.47
C GLN A 163 -16.57 -20.07 42.12
N GLN A 164 -17.88 -19.88 42.04
CA GLN A 164 -18.51 -19.43 40.80
C GLN A 164 -19.40 -18.23 41.07
N GLY A 165 -19.60 -17.43 40.03
CA GLY A 165 -20.38 -16.22 40.18
C GLY A 165 -20.79 -15.63 38.85
N PHE A 166 -21.19 -14.37 38.89
CA PHE A 166 -21.63 -13.66 37.70
C PHE A 166 -20.88 -12.35 37.52
N ILE A 167 -20.62 -12.01 36.27
CA ILE A 167 -20.09 -10.71 35.86
C ILE A 167 -21.17 -10.05 35.02
N TYR A 168 -21.53 -8.82 35.36
CA TYR A 168 -22.63 -8.17 34.66
C TYR A 168 -22.12 -7.34 33.50
N GLN A 169 -22.65 -7.65 32.32
CA GLN A 169 -22.31 -6.99 31.06
C GLN A 169 -23.59 -6.57 30.35
N GLY A 170 -23.53 -6.52 29.01
CA GLY A 170 -24.68 -6.05 28.24
C GLY A 170 -24.82 -4.54 28.37
N SER A 171 -26.04 -4.08 28.63
CA SER A 171 -26.34 -2.66 28.70
C SER A 171 -27.15 -2.37 29.95
N ALA A 172 -27.17 -1.09 30.34
CA ALA A 172 -27.97 -0.69 31.50
C ALA A 172 -29.45 -0.98 31.27
N LYS A 173 -29.91 -0.79 30.03
CA LYS A 173 -31.29 -1.14 29.69
C LYS A 173 -31.49 -2.66 29.65
N PHE A 174 -30.41 -3.43 29.34
CA PHE A 174 -30.50 -4.89 29.21
C PHE A 174 -29.28 -5.51 29.88
N ILE A 175 -29.34 -5.64 31.21
CA ILE A 175 -28.24 -6.21 31.97
C ILE A 175 -28.12 -7.70 31.70
N LYS A 176 -26.88 -8.17 31.50
CA LYS A 176 -26.61 -9.56 31.21
C LYS A 176 -25.72 -10.14 32.30
N ASN A 177 -25.98 -11.37 32.74
CA ASN A 177 -25.15 -12.00 33.76
C ASN A 177 -24.33 -13.11 33.11
N ILE A 178 -23.02 -12.90 33.04
CA ILE A 178 -22.09 -13.85 32.43
C ILE A 178 -21.56 -14.77 33.52
N PRO A 179 -21.68 -16.09 33.35
CA PRO A 179 -21.14 -17.01 34.36
C PRO A 179 -19.62 -16.97 34.39
N TRP A 180 -19.06 -17.11 35.59
CA TRP A 180 -17.62 -17.10 35.75
C TRP A 180 -17.22 -18.13 36.79
N ASN A 181 -16.13 -18.85 36.50
CA ASN A 181 -15.56 -19.84 37.41
C ASN A 181 -14.34 -19.20 38.07
N PHE A 182 -14.54 -18.65 39.27
CA PHE A 182 -13.40 -18.07 39.99
C PHE A 182 -12.39 -19.13 40.36
N GLY A 183 -12.87 -20.29 40.82
CA GLY A 183 -11.98 -21.43 41.07
C GLY A 183 -10.82 -21.13 42.00
N GLN A 184 -11.05 -20.36 43.06
CA GLN A 184 -9.97 -19.99 43.97
C GLN A 184 -9.36 -21.21 44.65
N PHE A 185 -10.15 -22.26 44.87
CA PHE A 185 -9.67 -23.45 45.55
C PHE A 185 -9.33 -24.59 44.60
N GLU A 186 -9.23 -24.33 43.30
CA GLU A 186 -8.79 -25.36 42.38
C GLU A 186 -7.32 -25.64 42.57
N ASP A 187 -6.89 -26.79 42.03
CA ASP A 187 -5.54 -27.28 42.30
C ASP A 187 -4.47 -26.32 41.81
N GLY A 188 -3.53 -26.00 42.68
CA GLY A 188 -2.39 -25.15 42.36
C GLY A 188 -2.63 -23.65 42.40
N ILE A 189 -3.88 -23.20 42.55
CA ILE A 189 -4.18 -21.77 42.50
C ILE A 189 -3.58 -21.03 43.69
N LEU A 190 -3.62 -21.61 44.89
CA LEU A 190 -3.05 -20.94 46.05
C LEU A 190 -1.56 -20.71 45.88
N ASP A 191 -0.85 -21.72 45.37
CA ASP A 191 0.58 -21.57 45.13
C ASP A 191 0.85 -20.50 44.08
N ILE A 192 0.03 -20.43 43.04
CA ILE A 192 0.19 -19.40 42.02
C ILE A 192 -0.03 -18.02 42.62
N CYS A 193 -1.01 -17.90 43.52
CA CYS A 193 -1.25 -16.62 44.19
C CYS A 193 -0.05 -16.22 45.05
N LEU A 194 0.55 -17.18 45.74
CA LEU A 194 1.75 -16.89 46.52
C LEU A 194 2.89 -16.46 45.61
N ILE A 195 3.01 -17.10 44.43
CA ILE A 195 4.02 -16.68 43.46
C ILE A 195 3.75 -15.24 43.02
N LEU A 196 2.47 -14.91 42.81
CA LEU A 196 2.09 -13.57 42.39
C LEU A 196 2.51 -12.54 43.42
N LEU A 197 2.34 -12.87 44.70
CA LEU A 197 2.83 -12.00 45.76
C LEU A 197 4.36 -11.94 45.75
N ASP A 198 5.01 -13.08 45.59
CA ASP A 198 6.46 -13.17 45.66
C ASP A 198 7.19 -12.53 44.47
N VAL A 199 6.54 -12.38 43.32
CA VAL A 199 7.18 -11.75 42.18
C VAL A 199 6.76 -10.29 42.00
N ASN A 200 6.04 -9.73 42.96
CA ASN A 200 5.59 -8.35 42.85
C ASN A 200 6.76 -7.39 43.11
N PRO A 201 6.66 -6.16 42.56
CA PRO A 201 7.83 -5.25 42.61
C PRO A 201 8.31 -4.93 44.01
N LYS A 202 7.39 -4.73 44.95
CA LYS A 202 7.81 -4.42 46.31
C LYS A 202 8.58 -5.57 46.93
N PHE A 203 8.24 -6.81 46.59
CA PHE A 203 9.02 -7.95 47.06
C PHE A 203 10.42 -7.93 46.46
N LEU A 204 10.53 -7.58 45.18
CA LEU A 204 11.83 -7.50 44.53
C LEU A 204 12.70 -6.44 45.20
N LYS A 205 12.08 -5.32 45.57
CA LYS A 205 12.82 -4.23 46.20
C LYS A 205 13.34 -4.62 47.58
N ASN A 206 12.47 -5.16 48.43
CA ASN A 206 12.86 -5.38 49.83
C ASN A 206 12.63 -6.79 50.35
N ALA A 207 11.58 -7.47 49.87
CA ALA A 207 11.23 -8.84 50.25
C ALA A 207 10.86 -9.00 51.72
N GLY A 208 11.78 -8.69 52.64
CA GLY A 208 11.44 -8.81 54.05
C GLY A 208 10.36 -7.81 54.44
N ARG A 209 10.49 -6.58 53.94
CA ARG A 209 9.48 -5.55 54.18
C ARG A 209 8.13 -5.94 53.57
N ASP A 210 8.15 -6.47 52.35
CA ASP A 210 6.91 -6.87 51.68
C ASP A 210 6.20 -8.00 52.44
N CYS A 211 6.97 -9.03 52.83
CA CYS A 211 6.39 -10.13 53.58
C CYS A 211 5.84 -9.64 54.92
N SER A 212 6.53 -8.70 55.56
CA SER A 212 6.01 -8.14 56.80
C SER A 212 4.71 -7.37 56.56
N ARG A 213 4.65 -6.58 55.48
CA ARG A 213 3.45 -5.79 55.25
C ARG A 213 2.32 -6.62 54.66
N ARG A 214 2.54 -7.91 54.44
CA ARG A 214 1.45 -8.78 54.04
C ARG A 214 0.44 -9.04 55.17
N SER A 215 0.67 -8.49 56.36
CA SER A 215 -0.32 -8.60 57.42
C SER A 215 -1.57 -7.78 57.13
N SER A 216 -1.49 -6.82 56.21
CA SER A 216 -2.55 -5.87 55.93
C SER A 216 -3.35 -6.27 54.71
N PRO A 217 -4.68 -6.31 54.83
CA PRO A 217 -5.51 -6.54 53.64
C PRO A 217 -5.40 -5.42 52.64
N VAL A 218 -5.17 -4.19 53.11
CA VAL A 218 -4.98 -3.05 52.21
C VAL A 218 -3.76 -3.28 51.33
N TYR A 219 -2.66 -3.67 51.96
CA TYR A 219 -1.41 -3.88 51.24
C TYR A 219 -1.55 -5.02 50.23
N VAL A 220 -2.10 -6.15 50.66
CA VAL A 220 -2.24 -7.30 49.76
C VAL A 220 -3.20 -6.96 48.62
N GLY A 221 -4.28 -6.24 48.91
CA GLY A 221 -5.20 -5.86 47.86
C GLY A 221 -4.54 -4.96 46.84
N ARG A 222 -3.76 -3.98 47.31
CA ARG A 222 -3.05 -3.09 46.41
C ARG A 222 -2.07 -3.86 45.54
N VAL A 223 -1.31 -4.77 46.15
CA VAL A 223 -0.31 -5.55 45.41
C VAL A 223 -0.98 -6.39 44.34
N VAL A 224 -2.03 -7.12 44.71
CA VAL A 224 -2.72 -7.99 43.75
C VAL A 224 -3.31 -7.17 42.62
N SER A 225 -3.99 -6.08 42.95
CA SER A 225 -4.61 -5.25 41.93
C SER A 225 -3.57 -4.73 40.94
N GLY A 226 -2.42 -4.30 41.45
CA GLY A 226 -1.36 -3.87 40.55
C GLY A 226 -0.80 -5.02 39.72
N MET A 227 -0.69 -6.20 40.32
CA MET A 227 -0.10 -7.34 39.63
C MET A 227 -0.96 -7.83 38.48
N VAL A 228 -2.28 -7.63 38.53
CA VAL A 228 -3.15 -8.22 37.51
C VAL A 228 -2.81 -7.69 36.11
N ASN A 229 -2.76 -6.37 35.93
CA ASN A 229 -2.47 -5.85 34.61
C ASN A 229 -1.41 -4.75 34.61
N CYS A 230 -1.39 -3.91 35.66
CA CYS A 230 -0.50 -2.76 35.67
C CYS A 230 0.96 -3.16 35.60
N ASN A 231 1.34 -4.21 36.31
CA ASN A 231 2.76 -4.55 36.41
C ASN A 231 3.29 -5.01 35.06
N ASP A 232 4.23 -4.26 34.52
CA ASP A 232 4.94 -4.69 33.32
C ASP A 232 5.87 -5.84 33.69
N ASP A 233 6.16 -6.69 32.71
CA ASP A 233 7.12 -7.79 32.86
C ASP A 233 6.47 -9.01 33.51
N GLN A 234 5.97 -8.83 34.72
CA GLN A 234 5.39 -9.93 35.50
C GLN A 234 3.88 -9.85 35.63
N GLY A 235 3.23 -9.02 34.82
CA GLY A 235 1.77 -8.92 34.90
C GLY A 235 1.09 -10.21 34.50
N VAL A 236 -0.08 -10.45 35.10
CA VAL A 236 -0.82 -11.67 34.76
C VAL A 236 -1.43 -11.56 33.36
N LEU A 237 -1.99 -10.39 33.02
CA LEU A 237 -2.72 -10.25 31.77
C LEU A 237 -2.22 -9.06 30.96
N LEU A 238 -2.33 -9.22 29.64
CA LEU A 238 -2.05 -8.17 28.67
C LEU A 238 -3.38 -7.74 28.09
N GLY A 239 -3.65 -6.43 28.07
CA GLY A 239 -4.92 -5.91 27.62
C GLY A 239 -4.90 -5.49 26.17
N ARG A 240 -5.90 -5.94 25.41
CA ARG A 240 -6.09 -5.54 24.03
C ARG A 240 -7.55 -5.19 23.77
N TRP A 241 -7.76 -4.08 23.04
CA TRP A 241 -9.10 -3.53 22.85
C TRP A 241 -9.45 -3.27 21.38
N ASP A 242 -8.61 -3.66 20.43
CA ASP A 242 -8.83 -3.29 19.04
C ASP A 242 -9.66 -4.29 18.25
N ASN A 243 -10.17 -5.33 18.91
CA ASN A 243 -10.98 -6.40 18.35
C ASN A 243 -10.14 -7.40 17.55
N ASN A 244 -8.81 -7.38 17.69
CA ASN A 244 -7.95 -8.32 16.99
C ASN A 244 -7.27 -9.20 18.03
N TYR A 245 -7.85 -10.36 18.32
CA TYR A 245 -7.34 -11.28 19.33
C TYR A 245 -6.97 -12.63 18.76
N GLY A 246 -6.64 -12.69 17.47
CA GLY A 246 -6.40 -13.96 16.81
C GLY A 246 -5.22 -14.73 17.37
N ASP A 247 -4.18 -14.03 17.79
CA ASP A 247 -2.96 -14.67 18.28
C ASP A 247 -3.05 -15.05 19.75
N GLY A 248 -4.21 -14.87 20.36
CA GLY A 248 -4.42 -15.20 21.76
C GLY A 248 -5.84 -15.62 22.03
N VAL A 249 -6.27 -15.54 23.27
CA VAL A 249 -7.64 -15.81 23.65
C VAL A 249 -8.35 -14.46 23.76
N SER A 250 -9.48 -14.31 23.09
CA SER A 250 -10.20 -13.06 23.17
C SER A 250 -10.69 -12.85 24.60
N PRO A 251 -10.74 -11.60 25.06
CA PRO A 251 -11.15 -11.36 26.46
C PRO A 251 -12.52 -11.92 26.77
N MET A 252 -13.46 -11.84 25.83
CA MET A 252 -14.79 -12.37 26.03
C MET A 252 -14.81 -13.90 26.09
N SER A 253 -13.80 -14.57 25.55
CA SER A 253 -13.81 -16.04 25.52
C SER A 253 -13.63 -16.66 26.90
N TRP A 254 -12.91 -16.01 27.81
CA TRP A 254 -12.64 -16.61 29.11
C TRP A 254 -13.92 -16.92 29.87
N ILE A 255 -13.95 -18.09 30.51
CA ILE A 255 -15.06 -18.50 31.37
C ILE A 255 -14.63 -18.67 32.81
N GLY A 256 -13.36 -18.43 33.13
CA GLY A 256 -12.88 -18.57 34.49
C GLY A 256 -11.52 -17.93 34.65
N SER A 257 -11.15 -17.73 35.92
CA SER A 257 -9.83 -17.21 36.25
C SER A 257 -8.74 -18.28 36.22
N VAL A 258 -9.11 -19.55 36.40
CA VAL A 258 -8.13 -20.60 36.63
C VAL A 258 -7.17 -20.74 35.45
N ASP A 259 -7.72 -20.80 34.23
CA ASP A 259 -6.87 -21.00 33.06
C ASP A 259 -5.90 -19.84 32.86
N ILE A 260 -6.34 -18.61 33.16
CA ILE A 260 -5.47 -17.45 33.00
C ILE A 260 -4.28 -17.57 33.94
N LEU A 261 -4.53 -17.87 35.21
CA LEU A 261 -3.45 -17.98 36.19
C LEU A 261 -2.51 -19.13 35.84
N ARG A 262 -3.07 -20.26 35.39
CA ARG A 262 -2.26 -21.40 35.02
C ARG A 262 -1.36 -21.10 33.82
N ARG A 263 -1.91 -20.42 32.80
CA ARG A 263 -1.09 -20.04 31.65
C ARG A 263 0.02 -19.09 32.08
N TRP A 264 -0.32 -18.13 32.93
CA TRP A 264 0.66 -17.14 33.37
C TRP A 264 1.81 -17.82 34.11
N LYS A 265 1.49 -18.66 35.10
CA LYS A 265 2.55 -19.33 35.85
C LYS A 265 3.32 -20.31 34.96
N ASN A 266 2.62 -21.07 34.13
CA ASN A 266 3.26 -22.08 33.29
C ASN A 266 4.19 -21.48 32.25
N HIS A 267 4.05 -20.19 31.94
CA HIS A 267 4.91 -19.58 30.94
C HIS A 267 5.89 -18.60 31.57
N GLY A 268 6.44 -18.93 32.72
CA GLY A 268 7.39 -18.05 33.37
C GLY A 268 6.84 -16.67 33.70
N CYS A 269 5.56 -16.60 34.06
CA CYS A 269 4.90 -15.36 34.46
C CYS A 269 4.91 -14.29 33.38
N GLN A 270 4.77 -14.69 32.12
CA GLN A 270 4.55 -13.73 31.06
C GLN A 270 3.06 -13.40 30.99
N ARG A 271 2.76 -12.16 30.63
CA ARG A 271 1.39 -11.68 30.60
C ARG A 271 0.54 -12.56 29.67
N VAL A 272 -0.54 -13.13 30.21
CA VAL A 272 -1.42 -13.98 29.42
C VAL A 272 -2.15 -13.13 28.39
N LYS A 273 -2.29 -13.66 27.18
CA LYS A 273 -2.68 -12.81 26.05
C LYS A 273 -4.17 -12.52 26.06
N TYR A 274 -4.48 -11.25 26.30
CA TYR A 274 -5.75 -10.58 26.06
C TYR A 274 -6.80 -10.76 27.16
N GLY A 275 -6.93 -9.69 27.94
CA GLY A 275 -8.00 -9.57 28.90
C GLY A 275 -8.49 -8.14 28.88
N GLN A 276 -9.68 -7.92 29.42
CA GLN A 276 -10.20 -6.57 29.52
C GLN A 276 -10.63 -6.32 30.96
N CYS A 277 -11.33 -5.21 31.23
CA CYS A 277 -11.52 -4.77 32.61
C CYS A 277 -12.20 -5.82 33.47
N TRP A 278 -13.26 -6.44 32.96
CA TRP A 278 -13.91 -7.49 33.75
C TRP A 278 -13.00 -8.69 33.96
N VAL A 279 -12.13 -8.99 32.98
CA VAL A 279 -11.17 -10.07 33.17
C VAL A 279 -10.19 -9.74 34.28
N PHE A 280 -9.71 -8.49 34.30
CA PHE A 280 -8.80 -8.06 35.36
C PHE A 280 -9.49 -8.18 36.72
N ALA A 281 -10.73 -7.70 36.81
CA ALA A 281 -11.47 -7.76 38.05
C ALA A 281 -11.71 -9.20 38.50
N ALA A 282 -12.07 -10.08 37.56
CA ALA A 282 -12.36 -11.46 37.93
C ALA A 282 -11.12 -12.18 38.43
N VAL A 283 -9.98 -11.98 37.76
CA VAL A 283 -8.75 -12.61 38.23
C VAL A 283 -8.35 -12.06 39.60
N ALA A 284 -8.47 -10.74 39.79
CA ALA A 284 -8.18 -10.15 41.08
C ALA A 284 -9.09 -10.71 42.17
N CYS A 285 -10.37 -10.87 41.85
CA CYS A 285 -11.31 -11.45 42.79
C CYS A 285 -10.92 -12.87 43.17
N THR A 286 -10.48 -13.66 42.18
CA THR A 286 -10.05 -15.01 42.48
C THR A 286 -8.85 -15.01 43.41
N VAL A 287 -7.86 -14.16 43.15
CA VAL A 287 -6.66 -14.13 43.98
C VAL A 287 -7.02 -13.73 45.41
N LEU A 288 -7.80 -12.66 45.54
CA LEU A 288 -8.17 -12.17 46.87
C LEU A 288 -9.00 -13.20 47.64
N ARG A 289 -9.97 -13.83 46.97
CA ARG A 289 -10.78 -14.85 47.64
C ARG A 289 -9.92 -16.02 48.07
N CYS A 290 -8.96 -16.41 47.23
CA CYS A 290 -8.03 -17.47 47.61
C CYS A 290 -7.25 -17.08 48.85
N LEU A 291 -6.88 -15.80 48.96
CA LEU A 291 -6.11 -15.33 50.09
C LEU A 291 -6.96 -15.07 51.33
N GLY A 292 -8.29 -15.17 51.23
CA GLY A 292 -9.17 -14.99 52.36
C GLY A 292 -9.78 -13.61 52.53
N ILE A 293 -9.57 -12.70 51.59
CA ILE A 293 -10.12 -11.35 51.67
C ILE A 293 -11.48 -11.37 50.97
N PRO A 294 -12.58 -11.05 51.66
CA PRO A 294 -13.89 -11.08 51.00
C PRO A 294 -13.93 -10.06 49.86
N THR A 295 -14.25 -10.55 48.68
CA THR A 295 -14.21 -9.72 47.47
C THR A 295 -15.38 -10.07 46.56
N ARG A 296 -15.86 -9.06 45.84
CA ARG A 296 -16.92 -9.23 44.87
C ARG A 296 -16.63 -8.38 43.64
N VAL A 297 -16.99 -8.89 42.47
CA VAL A 297 -16.83 -8.16 41.22
C VAL A 297 -18.03 -7.26 41.02
N VAL A 298 -17.78 -6.00 40.64
CA VAL A 298 -18.80 -4.97 40.54
C VAL A 298 -18.78 -4.41 39.12
N THR A 299 -19.97 -4.11 38.60
CA THR A 299 -20.14 -3.53 37.28
C THR A 299 -20.87 -2.21 37.40
N ASN A 300 -20.33 -1.18 36.74
CA ASN A 300 -20.94 0.14 36.69
C ASN A 300 -21.26 0.47 35.24
N TYR A 301 -22.52 0.72 34.95
CA TYR A 301 -22.94 1.07 33.60
C TYR A 301 -22.86 2.57 33.38
N ASN A 302 -22.56 2.96 32.14
CA ASN A 302 -22.31 4.36 31.79
C ASN A 302 -21.17 4.91 32.66
N SER A 303 -20.07 4.17 32.67
CA SER A 303 -18.94 4.50 33.52
C SER A 303 -18.07 5.57 32.86
N ALA A 304 -17.80 6.65 33.60
CA ALA A 304 -16.93 7.72 33.12
C ALA A 304 -15.50 7.35 33.46
N HIS A 305 -14.86 6.61 32.57
CA HIS A 305 -13.56 6.03 32.83
C HIS A 305 -12.50 6.72 31.97
N ASP A 306 -11.26 6.72 32.48
CA ASP A 306 -10.11 7.30 31.79
C ASP A 306 -10.33 8.77 31.43
N GLN A 307 -11.06 9.49 32.26
CA GLN A 307 -11.26 10.93 32.07
C GLN A 307 -10.44 11.74 33.06
N ASN A 308 -9.38 11.14 33.61
CA ASN A 308 -8.46 11.79 34.54
C ASN A 308 -9.22 12.46 35.68
N SER A 309 -10.32 11.83 36.13
CA SER A 309 -11.15 12.23 37.25
C SER A 309 -11.97 13.48 36.94
N ASN A 310 -12.07 13.87 35.67
CA ASN A 310 -12.80 15.08 35.32
C ASN A 310 -14.29 14.87 35.57
N LEU A 311 -14.89 15.81 36.28
CA LEU A 311 -16.31 15.73 36.63
C LEU A 311 -17.21 16.43 35.61
N LEU A 312 -16.63 17.16 34.67
CA LEU A 312 -17.41 17.75 33.59
C LEU A 312 -16.76 17.31 32.29
N ILE A 313 -17.49 16.51 31.51
CA ILE A 313 -16.98 15.95 30.27
C ILE A 313 -17.79 16.57 29.15
N GLU A 314 -17.09 17.11 28.17
CA GLU A 314 -17.73 17.87 27.11
C GLU A 314 -17.43 17.24 25.77
N TYR A 315 -18.48 17.06 24.97
CA TYR A 315 -18.36 16.49 23.64
C TYR A 315 -18.91 17.50 22.65
N PHE A 316 -18.20 17.65 21.54
CA PHE A 316 -18.60 18.58 20.49
C PHE A 316 -18.98 17.75 19.28
N ARG A 317 -20.21 17.91 18.83
CA ARG A 317 -20.75 17.09 17.76
C ARG A 317 -21.13 17.87 16.55
N ASN A 318 -21.14 17.22 15.41
CA ASN A 318 -21.47 17.89 14.15
C ASN A 318 -22.98 17.98 13.99
N GLU A 319 -23.41 18.32 12.78
CA GLU A 319 -24.82 18.48 12.48
C GLU A 319 -25.61 17.18 12.67
N PHE A 320 -24.94 16.03 12.52
CA PHE A 320 -25.60 14.74 12.67
C PHE A 320 -25.55 14.22 14.11
N GLY A 321 -24.94 14.95 15.03
CA GLY A 321 -24.79 14.49 16.39
C GLY A 321 -23.58 13.62 16.63
N GLU A 322 -22.74 13.41 15.61
CA GLU A 322 -21.53 12.61 15.75
C GLU A 322 -20.48 13.36 16.55
N ILE A 323 -19.82 12.65 17.47
CA ILE A 323 -18.82 13.27 18.33
C ILE A 323 -17.56 13.48 17.48
N GLN A 324 -17.21 14.75 17.26
CA GLN A 324 -16.07 15.09 16.40
C GLN A 324 -14.74 14.82 17.06
N GLY A 325 -14.64 15.00 18.37
CA GLY A 325 -13.32 15.00 18.98
C GLY A 325 -12.54 13.72 18.84
N ASP A 326 -11.33 13.84 18.28
CA ASP A 326 -10.40 12.72 18.25
C ASP A 326 -9.65 12.62 19.56
N LYS A 327 -9.56 13.74 20.27
CA LYS A 327 -8.96 13.79 21.59
C LYS A 327 -9.83 13.09 22.64
N SER A 328 -11.15 13.25 22.55
CA SER A 328 -12.03 12.93 23.67
C SER A 328 -12.18 11.43 23.90
N GLU A 329 -12.37 11.08 25.17
CA GLU A 329 -12.55 9.71 25.62
C GLU A 329 -14.04 9.45 25.77
N MET A 330 -14.52 8.34 25.22
CA MET A 330 -15.93 8.03 25.29
C MET A 330 -16.33 7.51 26.66
N ILE A 331 -17.62 7.66 26.97
CA ILE A 331 -18.18 7.06 28.17
C ILE A 331 -18.31 5.56 27.95
N TRP A 332 -17.76 4.78 28.86
CA TRP A 332 -17.81 3.34 28.71
C TRP A 332 -19.24 2.84 28.91
N ASN A 333 -19.64 1.86 28.08
CA ASN A 333 -20.95 1.25 28.25
C ASN A 333 -21.06 0.62 29.63
N PHE A 334 -20.00 -0.05 30.07
CA PHE A 334 -19.88 -0.54 31.43
C PHE A 334 -18.40 -0.72 31.74
N HIS A 335 -18.06 -0.61 33.02
CA HIS A 335 -16.71 -0.83 33.52
C HIS A 335 -16.78 -1.65 34.79
N CYS A 336 -15.80 -2.51 34.99
CA CYS A 336 -15.82 -3.44 36.11
C CYS A 336 -14.63 -3.23 37.02
N TRP A 337 -14.86 -3.43 38.31
CA TRP A 337 -13.80 -3.39 39.32
C TRP A 337 -14.21 -4.33 40.44
N VAL A 338 -13.48 -4.31 41.55
CA VAL A 338 -13.79 -5.21 42.65
C VAL A 338 -13.97 -4.42 43.93
N GLU A 339 -14.64 -5.03 44.89
CA GLU A 339 -14.82 -4.49 46.22
C GLU A 339 -14.32 -5.53 47.21
N SER A 340 -13.48 -5.10 48.14
CA SER A 340 -12.94 -5.99 49.17
C SER A 340 -13.31 -5.47 50.56
N TRP A 341 -13.53 -6.40 51.48
CA TRP A 341 -14.08 -6.09 52.79
C TRP A 341 -12.97 -6.02 53.82
N MET A 342 -12.78 -4.84 54.41
CA MET A 342 -11.73 -4.70 55.42
C MET A 342 -11.92 -3.45 56.25
N THR A 343 -11.27 -3.44 57.40
CA THR A 343 -11.12 -2.24 58.19
C THR A 343 -9.97 -1.44 57.59
N ARG A 344 -9.94 -0.14 57.87
CA ARG A 344 -8.90 0.73 57.34
C ARG A 344 -8.30 1.54 58.50
N PRO A 345 -7.36 0.96 59.24
CA PRO A 345 -6.72 1.70 60.34
C PRO A 345 -5.93 2.90 59.84
N ASP A 346 -5.47 2.87 58.59
CA ASP A 346 -4.69 3.95 58.02
C ASP A 346 -5.52 5.22 57.80
N LEU A 347 -6.83 5.14 57.97
CA LEU A 347 -7.71 6.27 57.72
C LEU A 347 -8.42 6.67 59.01
N GLN A 348 -9.18 7.75 58.94
CA GLN A 348 -10.03 8.14 60.04
C GLN A 348 -11.03 7.03 60.34
N PRO A 349 -11.45 6.89 61.60
CA PRO A 349 -12.39 5.81 61.92
C PRO A 349 -13.72 5.96 61.20
N GLY A 350 -14.42 4.83 61.07
CA GLY A 350 -15.71 4.80 60.42
C GLY A 350 -15.70 4.48 58.93
N TYR A 351 -14.53 4.22 58.35
CA TYR A 351 -14.42 3.89 56.94
C TYR A 351 -14.22 2.39 56.69
N GLU A 352 -14.47 1.55 57.70
CA GLU A 352 -14.40 0.11 57.48
C GLU A 352 -15.54 -0.33 56.57
N GLY A 353 -15.30 -1.41 55.84
CA GLY A 353 -16.32 -1.91 54.93
C GLY A 353 -15.79 -2.27 53.56
N TRP A 354 -16.61 -2.03 52.55
CA TRP A 354 -16.22 -2.29 51.17
C TRP A 354 -15.25 -1.22 50.68
N GLN A 355 -14.17 -1.66 50.05
CA GLN A 355 -13.17 -0.80 49.45
C GLN A 355 -13.13 -1.10 47.96
N ALA A 356 -13.20 -0.06 47.15
CA ALA A 356 -13.18 -0.23 45.70
C ALA A 356 -11.73 -0.33 45.22
N LEU A 357 -11.42 -1.41 44.52
CA LEU A 357 -10.13 -1.64 43.88
C LEU A 357 -10.38 -1.78 42.39
N ASP A 358 -9.77 -0.89 41.61
CA ASP A 358 -9.91 -0.98 40.16
C ASP A 358 -8.59 -1.46 39.60
N PRO A 359 -8.49 -2.71 39.14
CA PRO A 359 -7.22 -3.20 38.59
C PRO A 359 -6.99 -2.82 37.13
N THR A 360 -7.86 -1.99 36.56
CA THR A 360 -7.67 -1.54 35.19
C THR A 360 -6.88 -0.24 35.22
N PRO A 361 -5.68 -0.20 34.63
CA PRO A 361 -4.88 1.03 34.70
C PRO A 361 -5.59 2.21 34.07
N GLN A 362 -5.52 3.34 34.76
CA GLN A 362 -6.18 4.57 34.35
C GLN A 362 -5.16 5.67 34.19
N GLU A 363 -5.43 6.61 33.29
CA GLU A 363 -4.57 7.76 33.14
C GLU A 363 -4.68 8.64 34.38
N LYS A 364 -3.56 9.14 34.84
CA LYS A 364 -3.58 9.99 36.00
C LYS A 364 -2.46 10.98 35.93
N SER A 365 -2.53 11.96 36.81
CA SER A 365 -1.43 12.88 36.98
C SER A 365 -0.42 11.91 37.57
N GLU A 366 0.79 11.91 36.99
CA GLU A 366 1.97 11.04 37.26
C GLU A 366 1.98 9.69 36.55
N GLY A 367 1.04 9.46 35.62
CA GLY A 367 1.04 8.21 34.86
C GLY A 367 -0.17 7.29 34.88
N THR A 368 -0.07 6.18 34.18
CA THR A 368 -1.16 5.22 34.13
C THR A 368 -0.98 4.18 35.23
N TYR A 369 -1.99 4.06 36.11
CA TYR A 369 -1.94 3.07 37.16
C TYR A 369 -3.35 2.76 37.63
N CYS A 370 -3.49 1.62 38.29
CA CYS A 370 -4.78 1.25 38.84
C CYS A 370 -5.08 2.09 40.07
N CYS A 371 -6.36 2.13 40.43
CA CYS A 371 -6.82 2.96 41.55
C CYS A 371 -6.95 2.11 42.82
N GLY A 372 -6.15 2.46 43.83
CA GLY A 372 -6.02 1.70 45.05
C GLY A 372 -7.29 1.70 45.89
N PRO A 373 -7.26 0.93 46.97
CA PRO A 373 -8.48 0.72 47.78
C PRO A 373 -8.99 2.01 48.40
N VAL A 374 -10.22 2.38 48.04
CA VAL A 374 -10.88 3.57 48.56
C VAL A 374 -12.21 3.14 49.16
N PRO A 375 -12.58 3.62 50.35
CA PRO A 375 -13.87 3.20 50.93
C PRO A 375 -15.02 3.67 50.07
N VAL A 376 -15.93 2.73 49.78
CA VAL A 376 -17.08 3.08 48.95
C VAL A 376 -17.91 4.15 49.65
N ARG A 377 -18.00 4.07 50.98
CA ARG A 377 -18.74 5.07 51.75
C ARG A 377 -18.14 6.45 51.59
N ALA A 378 -16.80 6.53 51.50
CA ALA A 378 -16.17 7.82 51.26
C ALA A 378 -16.58 8.39 49.91
N ILE A 379 -16.66 7.53 48.90
CA ILE A 379 -17.11 7.97 47.59
C ILE A 379 -18.55 8.47 47.66
N LYS A 380 -19.38 7.78 48.43
CA LYS A 380 -20.78 8.19 48.58
C LYS A 380 -20.88 9.55 49.27
N GLU A 381 -20.11 9.75 50.34
CA GLU A 381 -20.13 11.01 51.07
C GLU A 381 -19.47 12.15 50.31
N GLY A 382 -18.71 11.86 49.25
CA GLY A 382 -18.00 12.89 48.54
C GLY A 382 -16.69 13.28 49.19
N ASP A 383 -16.22 12.48 50.15
CA ASP A 383 -15.00 12.74 50.91
C ASP A 383 -13.78 12.30 50.09
N LEU A 384 -13.48 13.08 49.06
CA LEU A 384 -12.45 12.70 48.09
C LEU A 384 -11.04 12.86 48.62
N SER A 385 -10.85 13.45 49.80
CA SER A 385 -9.51 13.48 50.37
C SER A 385 -9.09 12.11 50.85
N THR A 386 -10.06 11.20 50.99
CA THR A 386 -9.78 9.88 51.54
C THR A 386 -8.79 9.15 50.64
N LYS A 387 -7.92 8.36 51.26
CA LYS A 387 -6.73 7.89 50.57
C LYS A 387 -7.03 6.78 49.58
N TYR A 388 -6.22 6.75 48.52
CA TYR A 388 -6.22 5.84 47.37
C TYR A 388 -7.33 6.14 46.37
N ASP A 389 -7.11 7.19 45.59
CA ASP A 389 -7.82 7.47 44.34
C ASP A 389 -9.32 7.62 44.52
N ALA A 390 -9.73 8.34 45.57
CA ALA A 390 -11.14 8.68 45.68
C ALA A 390 -11.63 9.53 44.52
N PRO A 391 -10.87 10.51 44.00
CA PRO A 391 -11.38 11.31 42.87
C PRO A 391 -11.70 10.50 41.63
N PHE A 392 -10.88 9.50 41.29
CA PHE A 392 -11.13 8.74 40.06
C PHE A 392 -12.38 7.87 40.19
N VAL A 393 -12.51 7.15 41.31
CA VAL A 393 -13.69 6.31 41.52
C VAL A 393 -14.95 7.17 41.61
N PHE A 394 -14.83 8.37 42.20
CA PHE A 394 -15.96 9.29 42.28
C PHE A 394 -16.38 9.78 40.90
N ALA A 395 -15.41 10.15 40.06
CA ALA A 395 -15.71 10.58 38.71
C ALA A 395 -16.35 9.46 37.93
N GLU A 396 -15.98 8.23 38.26
CA GLU A 396 -16.51 7.06 37.57
C GLU A 396 -18.04 7.02 37.64
N VAL A 397 -18.61 7.36 38.80
CA VAL A 397 -20.05 7.27 38.98
C VAL A 397 -20.79 8.60 39.01
N ASN A 398 -20.07 9.74 39.10
CA ASN A 398 -20.75 11.02 39.24
C ASN A 398 -20.44 12.07 38.19
N ALA A 399 -19.64 11.76 37.17
CA ALA A 399 -19.26 12.78 36.20
C ALA A 399 -20.47 13.30 35.45
N ASP A 400 -20.38 14.55 35.00
CA ASP A 400 -21.43 15.20 34.23
C ASP A 400 -21.00 15.31 32.77
N VAL A 401 -21.95 15.11 31.87
CA VAL A 401 -21.69 15.14 30.44
C VAL A 401 -22.46 16.30 29.84
N VAL A 402 -21.77 17.11 29.04
CA VAL A 402 -22.39 18.20 28.30
C VAL A 402 -22.15 17.93 26.82
N ASP A 403 -23.20 17.99 26.04
CA ASP A 403 -23.10 17.73 24.63
C ASP A 403 -23.38 18.99 23.85
N TRP A 404 -22.44 19.34 22.98
CA TRP A 404 -22.53 20.55 22.17
C TRP A 404 -22.71 20.16 20.71
N ILE A 405 -23.52 20.94 20.00
CA ILE A 405 -23.69 20.81 18.56
C ILE A 405 -23.07 22.07 17.95
N GLN A 406 -22.18 21.88 16.99
CA GLN A 406 -21.39 23.00 16.47
C GLN A 406 -22.12 23.73 15.35
N GLN A 407 -22.07 25.06 15.43
CA GLN A 407 -22.81 25.95 14.55
C GLN A 407 -22.07 26.20 13.25
N ASP A 408 -22.79 26.81 12.30
CA ASP A 408 -22.15 27.35 11.10
C ASP A 408 -21.28 28.57 11.42
N ASP A 409 -21.60 29.31 12.49
CA ASP A 409 -20.78 30.46 12.87
C ASP A 409 -19.50 30.08 13.62
N GLY A 410 -19.32 28.80 13.95
CA GLY A 410 -18.19 28.39 14.75
C GLY A 410 -18.50 28.37 16.23
N SER A 411 -19.74 28.64 16.60
CA SER A 411 -20.23 28.59 17.96
C SER A 411 -20.88 27.22 18.23
N VAL A 412 -21.05 26.92 19.51
CA VAL A 412 -21.63 25.65 19.96
C VAL A 412 -22.94 25.94 20.69
N HIS A 413 -23.94 25.08 20.47
CA HIS A 413 -25.21 25.16 21.15
C HIS A 413 -25.34 23.94 22.04
N LYS A 414 -25.72 24.16 23.29
CA LYS A 414 -25.92 23.07 24.22
C LYS A 414 -27.22 22.35 23.92
N SER A 415 -27.14 21.02 23.81
CA SER A 415 -28.31 20.20 23.56
C SER A 415 -28.85 19.61 24.86
N ILE A 416 -30.10 19.21 24.81
CA ILE A 416 -30.74 18.51 25.92
C ILE A 416 -30.59 17.01 25.68
N ASN A 417 -29.95 16.32 26.63
CA ASN A 417 -29.80 14.88 26.56
C ASN A 417 -30.26 14.31 27.90
N ARG A 418 -31.43 13.67 27.89
CA ARG A 418 -31.97 13.02 29.06
C ARG A 418 -31.73 11.51 29.05
N SER A 419 -31.22 10.98 27.94
CA SER A 419 -30.96 9.55 27.85
C SER A 419 -29.79 9.11 28.73
N LEU A 420 -28.81 9.98 28.96
CA LEU A 420 -27.56 9.58 29.60
C LEU A 420 -27.41 10.13 31.02
N ILE A 421 -27.20 9.23 31.97
CA ILE A 421 -26.71 9.56 33.30
C ILE A 421 -25.63 8.54 33.63
N VAL A 422 -24.44 9.02 33.95
CA VAL A 422 -23.33 8.13 34.28
C VAL A 422 -23.52 7.56 35.67
N GLY A 423 -22.98 6.37 35.89
CA GLY A 423 -23.15 5.65 37.13
C GLY A 423 -24.54 5.07 37.27
N LEU A 424 -24.85 4.08 36.43
CA LEU A 424 -26.16 3.47 36.35
C LEU A 424 -26.09 2.01 36.73
N LYS A 425 -27.11 1.54 37.44
CA LYS A 425 -27.34 0.11 37.68
C LYS A 425 -26.09 -0.62 38.15
N ILE A 426 -25.45 -0.09 39.18
CA ILE A 426 -24.25 -0.73 39.72
C ILE A 426 -24.66 -2.08 40.30
N SER A 427 -24.07 -3.16 39.76
CA SER A 427 -24.58 -4.50 39.99
C SER A 427 -23.51 -5.44 40.49
N THR A 428 -23.93 -6.37 41.32
CA THR A 428 -23.07 -7.45 41.82
C THR A 428 -23.96 -8.64 42.14
N LYS A 429 -23.38 -9.83 42.14
CA LYS A 429 -24.17 -11.01 42.44
C LYS A 429 -24.64 -10.96 43.89
N SER A 430 -25.91 -11.30 44.11
CA SER A 430 -26.44 -11.31 45.47
C SER A 430 -25.91 -12.51 46.25
N VAL A 431 -26.07 -12.43 47.57
CA VAL A 431 -25.49 -13.41 48.48
C VAL A 431 -26.30 -14.70 48.44
N GLY A 432 -25.63 -15.81 48.08
CA GLY A 432 -26.26 -17.13 48.12
C GLY A 432 -27.33 -17.37 47.09
N ARG A 433 -27.46 -16.49 46.12
CA ARG A 433 -28.47 -16.59 45.10
C ARG A 433 -27.91 -16.18 43.76
N ASP A 434 -28.57 -16.56 42.68
CA ASP A 434 -28.12 -16.16 41.36
C ASP A 434 -28.69 -14.82 40.89
N GLU A 435 -29.58 -14.21 41.69
CA GLU A 435 -30.15 -12.94 41.31
C GLU A 435 -29.12 -11.83 41.41
N ARG A 436 -29.37 -10.76 40.67
CA ARG A 436 -28.52 -9.58 40.68
C ARG A 436 -28.94 -8.64 41.81
N GLU A 437 -27.95 -8.10 42.51
CA GLU A 437 -28.16 -7.10 43.54
C GLU A 437 -27.68 -5.75 43.00
N ASP A 438 -28.55 -4.75 43.10
CA ASP A 438 -28.22 -3.39 42.69
C ASP A 438 -27.60 -2.67 43.88
N ILE A 439 -26.36 -2.23 43.73
CA ILE A 439 -25.63 -1.57 44.80
C ILE A 439 -25.36 -0.10 44.46
N THR A 440 -26.18 0.49 43.60
CA THR A 440 -26.00 1.90 43.26
C THR A 440 -26.17 2.78 44.49
N HIS A 441 -27.08 2.40 45.39
CA HIS A 441 -27.33 3.21 46.58
C HIS A 441 -26.09 3.31 47.47
N THR A 442 -25.23 2.28 47.47
CA THR A 442 -24.01 2.35 48.25
C THR A 442 -23.05 3.40 47.70
N TYR A 443 -22.98 3.55 46.38
CA TYR A 443 -22.10 4.55 45.78
C TYR A 443 -22.67 5.97 45.83
N LYS A 444 -23.97 6.14 45.63
CA LYS A 444 -24.53 7.47 45.49
C LYS A 444 -25.83 7.60 46.27
N TYR A 445 -26.06 8.80 46.78
CA TYR A 445 -27.30 9.15 47.44
C TYR A 445 -28.36 9.41 46.38
N PRO A 446 -29.64 9.41 46.77
CA PRO A 446 -30.68 9.71 45.78
C PRO A 446 -30.49 11.09 45.17
N GLU A 447 -30.79 11.19 43.89
CA GLU A 447 -30.63 12.44 43.18
C GLU A 447 -31.62 13.48 43.70
N GLY A 448 -31.17 14.73 43.77
CA GLY A 448 -32.01 15.79 44.30
C GLY A 448 -32.32 15.65 45.77
N SER A 449 -31.48 14.95 46.52
CA SER A 449 -31.65 14.73 47.95
C SER A 449 -30.75 15.66 48.74
N SER A 450 -31.07 15.82 50.02
CA SER A 450 -30.23 16.63 50.91
C SER A 450 -28.84 16.03 51.03
N GLU A 451 -28.77 14.71 51.20
CA GLU A 451 -27.48 14.04 51.31
C GLU A 451 -26.64 14.19 50.05
N GLU A 452 -27.28 14.12 48.87
CA GLU A 452 -26.54 14.29 47.62
C GLU A 452 -25.88 15.66 47.55
N ARG A 453 -26.63 16.72 47.88
CA ARG A 453 -26.06 18.07 47.86
C ARG A 453 -24.93 18.17 48.87
N GLU A 454 -25.11 17.51 50.02
CA GLU A 454 -24.15 17.53 51.10
C GLU A 454 -22.82 16.95 50.62
N ALA A 455 -22.93 15.80 49.93
CA ALA A 455 -21.78 15.10 49.39
C ALA A 455 -21.13 15.87 48.26
N PHE A 456 -21.93 16.49 47.40
CA PHE A 456 -21.35 17.22 46.28
C PHE A 456 -20.59 18.45 46.75
N THR A 457 -21.12 19.18 47.75
CA THR A 457 -20.35 20.31 48.28
C THR A 457 -19.06 19.83 48.93
N ARG A 458 -19.10 18.72 49.68
CA ARG A 458 -17.83 18.19 50.18
C ARG A 458 -16.90 17.81 49.05
N ALA A 459 -17.44 17.42 47.91
CA ALA A 459 -16.65 17.00 46.77
C ALA A 459 -16.35 18.15 45.84
N ASN A 460 -16.78 19.37 46.17
CA ASN A 460 -16.60 20.52 45.30
C ASN A 460 -17.08 20.23 43.90
N HIS A 461 -18.26 19.64 43.82
CA HIS A 461 -18.85 19.24 42.55
C HIS A 461 -19.93 20.25 42.19
N LEU A 462 -21.17 19.98 42.61
CA LEU A 462 -22.26 20.93 42.42
C LEU A 462 -22.29 21.46 41.00
N ASN A 463 -22.40 20.53 40.05
CA ASN A 463 -22.88 21.00 38.78
C ASN A 463 -24.13 20.14 38.52
N THR A 471 -37.77 22.69 25.38
CA THR A 471 -38.84 23.24 24.54
C THR A 471 -40.15 22.48 24.62
N GLY A 472 -40.34 21.73 25.70
CA GLY A 472 -41.55 20.94 25.83
C GLY A 472 -41.53 19.66 25.03
N MET A 473 -40.43 19.37 24.35
CA MET A 473 -40.30 18.18 23.54
C MET A 473 -39.31 17.22 24.19
N ALA A 474 -39.58 15.93 24.03
CA ALA A 474 -38.71 14.90 24.59
C ALA A 474 -38.51 13.84 23.52
N MET A 475 -37.39 13.12 23.60
CA MET A 475 -37.15 12.03 22.66
C MET A 475 -36.39 10.93 23.36
N ARG A 476 -36.70 9.69 23.01
CA ARG A 476 -36.02 8.53 23.54
C ARG A 476 -35.94 7.43 22.51
N ILE A 477 -35.02 6.51 22.68
CA ILE A 477 -34.86 5.39 21.75
C ILE A 477 -35.62 4.20 22.32
N ARG A 478 -36.42 3.57 21.48
CA ARG A 478 -37.26 2.46 21.91
C ARG A 478 -36.89 1.19 21.15
N VAL A 479 -36.96 0.07 21.86
CA VAL A 479 -36.81 -1.25 21.28
C VAL A 479 -38.16 -1.93 21.39
N GLY A 480 -38.68 -2.45 20.29
CA GLY A 480 -39.98 -3.09 20.37
C GLY A 480 -39.95 -4.24 21.38
N GLN A 481 -38.97 -5.12 21.22
CA GLN A 481 -38.79 -6.30 22.06
C GLN A 481 -37.33 -6.70 21.99
N SER A 482 -36.99 -7.83 22.61
CA SER A 482 -35.63 -8.33 22.54
C SER A 482 -35.26 -8.67 21.10
N MET A 483 -34.03 -8.34 20.72
CA MET A 483 -33.52 -8.61 19.38
C MET A 483 -32.32 -9.55 19.49
N ASN A 484 -32.24 -10.52 18.58
CA ASN A 484 -31.23 -11.55 18.65
C ASN A 484 -30.07 -11.29 17.69
N MET A 485 -28.89 -11.73 18.12
CA MET A 485 -27.72 -11.66 17.26
C MET A 485 -27.94 -12.54 16.03
N GLY A 486 -27.64 -12.01 14.86
CA GLY A 486 -27.87 -12.72 13.62
C GLY A 486 -29.19 -12.46 12.94
N SER A 487 -29.98 -11.49 13.41
CA SER A 487 -31.29 -11.21 12.84
C SER A 487 -31.41 -9.73 12.51
N ASP A 488 -32.45 -9.40 11.75
CA ASP A 488 -32.78 -8.03 11.39
C ASP A 488 -33.83 -7.51 12.36
N PHE A 489 -33.69 -6.27 12.80
CA PHE A 489 -34.65 -5.75 13.76
C PHE A 489 -34.79 -4.25 13.60
N ASP A 490 -35.85 -3.72 14.22
CA ASP A 490 -36.13 -2.29 14.16
C ASP A 490 -35.97 -1.66 15.54
N VAL A 491 -35.51 -0.41 15.53
CA VAL A 491 -35.48 0.42 16.72
C VAL A 491 -36.20 1.70 16.33
N PHE A 492 -36.62 2.47 17.32
CA PHE A 492 -37.41 3.63 17.00
C PHE A 492 -36.91 4.85 17.76
N ALA A 493 -37.03 6.00 17.10
CA ALA A 493 -36.89 7.28 17.76
C ALA A 493 -38.30 7.73 18.10
N HIS A 494 -38.60 7.82 19.39
CA HIS A 494 -39.92 8.19 19.86
C HIS A 494 -39.83 9.62 20.37
N ILE A 495 -40.61 10.49 19.74
CA ILE A 495 -40.62 11.91 20.04
C ILE A 495 -41.98 12.24 20.66
N THR A 496 -41.95 13.03 21.72
CA THR A 496 -43.15 13.47 22.41
C THR A 496 -43.18 14.99 22.34
N ASN A 497 -44.27 15.53 21.79
CA ASN A 497 -44.51 16.96 21.72
C ASN A 497 -45.73 17.23 22.59
N ASN A 498 -45.50 17.68 23.81
CA ASN A 498 -46.58 18.02 24.73
C ASN A 498 -46.79 19.52 24.79
N THR A 499 -46.89 20.14 23.61
CA THR A 499 -47.06 21.58 23.50
C THR A 499 -48.12 21.87 22.45
N ALA A 500 -48.67 23.08 22.51
CA ALA A 500 -49.65 23.51 21.52
C ALA A 500 -49.01 23.69 20.14
N GLU A 501 -47.70 23.93 20.10
CA GLU A 501 -47.02 24.25 18.85
C GLU A 501 -46.98 23.04 17.91
N GLU A 502 -46.92 23.34 16.61
CA GLU A 502 -46.65 22.34 15.59
C GLU A 502 -45.24 22.62 15.08
N TYR A 503 -44.42 21.59 15.01
CA TYR A 503 -43.02 21.78 14.65
C TYR A 503 -42.69 21.04 13.37
N VAL A 504 -41.77 21.60 12.59
CA VAL A 504 -41.13 20.87 11.50
C VAL A 504 -39.66 20.82 11.85
N CYS A 505 -39.13 19.61 11.97
CA CYS A 505 -37.84 19.40 12.59
C CYS A 505 -36.94 18.55 11.70
N ARG A 506 -35.70 18.44 12.14
CA ARG A 506 -34.68 17.61 11.53
C ARG A 506 -34.45 16.42 12.45
N LEU A 507 -34.53 15.21 11.92
CA LEU A 507 -34.25 14.03 12.72
C LEU A 507 -33.14 13.25 12.05
N LEU A 508 -32.03 13.06 12.76
CA LEU A 508 -30.89 12.32 12.24
C LEU A 508 -30.69 11.09 13.11
N LEU A 509 -30.78 9.91 12.49
CA LEU A 509 -30.71 8.63 13.17
C LEU A 509 -29.49 7.88 12.65
N CYS A 510 -28.63 7.45 13.56
CA CYS A 510 -27.41 6.73 13.21
C CYS A 510 -27.21 5.56 14.16
N ALA A 511 -27.04 4.37 13.61
CA ALA A 511 -26.76 3.17 14.37
C ALA A 511 -25.40 2.66 13.95
N ARG A 512 -24.52 2.48 14.93
CA ARG A 512 -23.15 2.04 14.71
C ARG A 512 -22.80 0.94 15.70
N THR A 513 -21.98 0.00 15.26
CA THR A 513 -21.47 -0.97 16.21
C THR A 513 -20.50 -0.27 17.17
N VAL A 514 -20.45 -0.75 18.40
CA VAL A 514 -19.62 -0.13 19.43
C VAL A 514 -19.03 -1.22 20.32
N SER A 515 -17.82 -0.96 20.82
CA SER A 515 -17.23 -1.83 21.82
C SER A 515 -17.77 -1.48 23.20
N TYR A 516 -17.53 -2.37 24.16
CA TYR A 516 -18.05 -2.13 25.50
C TYR A 516 -17.42 -0.90 26.14
N ASN A 517 -16.20 -0.54 25.73
CA ASN A 517 -15.53 0.63 26.26
C ASN A 517 -15.77 1.88 25.41
N GLY A 518 -16.75 1.85 24.51
CA GLY A 518 -17.18 3.03 23.79
C GLY A 518 -16.53 3.34 22.47
N ILE A 519 -15.73 2.43 21.92
CA ILE A 519 -15.10 2.70 20.62
C ILE A 519 -16.14 2.43 19.53
N LEU A 520 -16.52 3.49 18.82
CA LEU A 520 -17.55 3.39 17.79
C LEU A 520 -17.00 2.87 16.48
N GLY A 521 -17.72 1.93 15.86
CA GLY A 521 -17.37 1.43 14.57
C GLY A 521 -18.16 2.14 13.49
N PRO A 522 -18.15 1.61 12.28
CA PRO A 522 -18.93 2.24 11.20
C PRO A 522 -20.42 2.08 11.42
N GLU A 523 -21.18 2.96 10.80
CA GLU A 523 -22.63 2.92 10.90
C GLU A 523 -23.20 1.65 10.27
N CYS A 524 -24.15 1.03 10.99
CA CYS A 524 -24.89 -0.11 10.50
C CYS A 524 -26.35 0.24 10.17
N GLY A 525 -26.74 1.49 10.37
CA GLY A 525 -28.05 1.93 9.93
C GLY A 525 -28.20 3.44 9.99
N THR A 526 -28.78 4.07 8.97
CA THR A 526 -28.95 5.52 9.04
C THR A 526 -30.27 5.94 8.43
N LYS A 527 -30.87 6.98 9.01
CA LYS A 527 -32.07 7.59 8.44
C LYS A 527 -32.02 9.07 8.75
N TYR A 528 -32.26 9.89 7.73
CA TYR A 528 -32.25 11.33 7.92
C TYR A 528 -33.55 11.88 7.37
N LEU A 529 -34.25 12.66 8.19
CA LEU A 529 -35.52 13.27 7.81
C LEU A 529 -35.35 14.77 8.01
N LEU A 530 -35.23 15.51 6.92
CA LEU A 530 -35.00 16.95 7.03
C LEU A 530 -36.27 17.71 7.40
N ASN A 531 -37.43 17.25 6.93
CA ASN A 531 -38.70 17.94 7.19
C ASN A 531 -39.67 16.95 7.85
N LEU A 532 -39.65 16.92 9.18
CA LEU A 532 -40.49 16.01 9.97
C LEU A 532 -41.54 16.80 10.73
N ASN A 533 -42.81 16.51 10.47
CA ASN A 533 -43.90 17.19 11.14
C ASN A 533 -44.18 16.54 12.49
N LEU A 534 -44.18 17.36 13.54
CA LEU A 534 -44.60 16.95 14.87
C LEU A 534 -45.84 17.75 15.23
N GLU A 535 -46.96 17.03 15.30
CA GLU A 535 -48.25 17.64 15.55
C GLU A 535 -48.37 18.04 17.02
N PRO A 536 -49.24 19.00 17.32
CA PRO A 536 -49.38 19.44 18.72
C PRO A 536 -49.96 18.36 19.62
N PHE A 537 -49.39 18.24 20.82
CA PHE A 537 -49.84 17.30 21.85
C PHE A 537 -49.92 15.88 21.30
N SER A 538 -48.86 15.45 20.62
CA SER A 538 -48.86 14.15 20.00
C SER A 538 -47.46 13.53 20.07
N GLU A 539 -47.38 12.28 19.66
CA GLU A 539 -46.13 11.54 19.68
C GLU A 539 -45.88 10.95 18.31
N LYS A 540 -44.60 10.77 17.99
CA LYS A 540 -44.18 10.25 16.70
C LYS A 540 -43.13 9.16 16.90
N SER A 541 -43.23 8.11 16.10
CA SER A 541 -42.25 7.03 16.12
C SER A 541 -41.65 6.92 14.73
N VAL A 542 -40.33 7.07 14.67
CA VAL A 542 -39.60 6.97 13.40
C VAL A 542 -38.75 5.70 13.47
N PRO A 543 -38.98 4.72 12.60
CA PRO A 543 -38.22 3.48 12.67
C PRO A 543 -36.88 3.57 11.96
N LEU A 544 -35.93 2.80 12.50
CA LEU A 544 -34.62 2.59 11.92
C LEU A 544 -34.41 1.09 11.85
N CYS A 545 -34.06 0.60 10.66
CA CYS A 545 -33.92 -0.83 10.44
C CYS A 545 -32.43 -1.20 10.50
N ILE A 546 -32.10 -2.14 11.39
CA ILE A 546 -30.74 -2.62 11.58
C ILE A 546 -30.67 -4.03 11.00
N LEU A 547 -29.81 -4.21 10.00
CA LEU A 547 -29.69 -5.47 9.29
C LEU A 547 -28.47 -6.24 9.76
N TYR A 548 -28.62 -7.56 9.85
CA TYR A 548 -27.50 -8.41 10.26
C TYR A 548 -26.32 -8.25 9.31
N GLU A 549 -26.60 -8.12 8.01
CA GLU A 549 -25.53 -7.93 7.03
C GLU A 549 -24.78 -6.63 7.31
N LYS A 550 -25.50 -5.60 7.75
CA LYS A 550 -24.87 -4.30 8.01
C LYS A 550 -24.00 -4.27 9.26
N TYR A 551 -24.32 -5.05 10.29
CA TYR A 551 -23.56 -5.01 11.53
C TYR A 551 -22.64 -6.20 11.76
N ARG A 552 -22.71 -7.24 10.93
CA ARG A 552 -21.95 -8.46 11.19
C ARG A 552 -20.44 -8.24 11.12
N ASP A 553 -19.97 -7.44 10.16
CA ASP A 553 -18.52 -7.34 9.94
C ASP A 553 -17.79 -6.72 11.13
N CYS A 554 -18.34 -5.65 11.72
CA CYS A 554 -17.63 -4.92 12.75
C CYS A 554 -18.20 -5.12 14.15
N LEU A 555 -19.20 -5.99 14.32
CA LEU A 555 -19.75 -6.23 15.64
C LEU A 555 -18.69 -6.86 16.55
N THR A 556 -18.62 -6.37 17.77
CA THR A 556 -17.70 -6.90 18.77
C THR A 556 -18.33 -8.12 19.45
N GLU A 557 -17.51 -8.80 20.26
CA GLU A 557 -18.05 -9.93 21.01
C GLU A 557 -18.98 -9.50 22.13
N SER A 558 -19.04 -8.21 22.44
CA SER A 558 -19.98 -7.69 23.42
C SER A 558 -21.40 -7.55 22.87
N ASN A 559 -21.57 -7.69 21.55
CA ASN A 559 -22.87 -7.63 20.90
C ASN A 559 -23.60 -6.32 21.19
N LEU A 560 -22.87 -5.21 21.08
CA LEU A 560 -23.42 -3.89 21.39
C LEU A 560 -23.54 -3.03 20.14
N ILE A 561 -24.68 -2.37 19.99
CA ILE A 561 -24.91 -1.41 18.92
C ILE A 561 -25.42 -0.12 19.54
N LYS A 562 -24.88 1.01 19.13
CA LYS A 562 -25.27 2.29 19.67
C LYS A 562 -26.18 3.00 18.68
N VAL A 563 -27.32 3.47 19.18
CA VAL A 563 -28.32 4.20 18.40
C VAL A 563 -28.26 5.65 18.85
N ARG A 564 -28.15 6.55 17.89
CA ARG A 564 -28.03 7.98 18.10
C ARG A 564 -29.15 8.68 17.35
N ALA A 565 -29.81 9.61 18.03
CA ALA A 565 -30.88 10.40 17.45
C ALA A 565 -30.65 11.86 17.80
N LEU A 566 -30.67 12.72 16.80
CA LEU A 566 -30.57 14.16 16.99
C LEU A 566 -31.79 14.80 16.36
N LEU A 567 -32.55 15.51 17.17
CA LEU A 567 -33.75 16.21 16.73
C LEU A 567 -33.48 17.70 16.83
N VAL A 568 -33.71 18.42 15.74
CA VAL A 568 -33.42 19.84 15.67
C VAL A 568 -34.70 20.59 15.39
N GLU A 569 -35.01 21.57 16.25
CA GLU A 569 -36.14 22.43 15.99
C GLU A 569 -35.54 23.73 15.49
N PRO A 570 -35.69 24.07 14.20
CA PRO A 570 -34.96 25.21 13.65
C PRO A 570 -35.40 26.57 14.16
N VAL A 571 -36.69 26.77 14.42
CA VAL A 571 -37.20 28.11 14.74
C VAL A 571 -36.53 28.64 16.01
N ILE A 572 -36.52 27.84 17.08
CA ILE A 572 -35.81 28.24 18.29
C ILE A 572 -34.43 27.63 18.35
N ASN A 573 -34.03 26.89 17.31
CA ASN A 573 -32.69 26.30 17.21
C ASN A 573 -32.37 25.48 18.45
N SER A 574 -33.27 24.56 18.79
CA SER A 574 -33.10 23.71 19.97
C SER A 574 -32.70 22.31 19.50
N TYR A 575 -31.79 21.70 20.25
CA TYR A 575 -31.25 20.39 19.90
C TYR A 575 -31.60 19.39 20.99
N LEU A 576 -32.13 18.24 20.55
CA LEU A 576 -32.49 17.14 21.43
C LEU A 576 -31.68 15.91 21.05
N LEU A 577 -31.06 15.28 22.03
CA LEU A 577 -30.15 14.17 21.79
C LEU A 577 -30.64 12.95 22.55
N ALA A 578 -30.72 11.81 21.86
CA ALA A 578 -31.09 10.56 22.50
C ALA A 578 -30.15 9.46 22.03
N GLU A 579 -29.54 8.75 22.97
CA GLU A 579 -28.64 7.66 22.62
C GLU A 579 -28.99 6.44 23.45
N ARG A 580 -28.86 5.26 22.85
CA ARG A 580 -29.12 4.03 23.56
C ARG A 580 -28.18 2.93 23.08
N ASP A 581 -27.76 2.07 24.01
CA ASP A 581 -26.92 0.93 23.68
C ASP A 581 -27.76 -0.34 23.70
N LEU A 582 -27.69 -1.08 22.61
CA LEU A 582 -28.48 -2.28 22.40
C LEU A 582 -27.58 -3.49 22.57
N TYR A 583 -28.12 -4.52 23.23
CA TYR A 583 -27.42 -5.79 23.38
C TYR A 583 -28.15 -6.83 22.53
N LEU A 584 -27.42 -7.48 21.64
CA LEU A 584 -28.01 -8.48 20.76
C LEU A 584 -27.90 -9.82 21.48
N GLU A 585 -29.04 -10.46 21.70
CA GLU A 585 -29.07 -11.69 22.48
C GLU A 585 -28.44 -12.85 21.71
N ASN A 586 -27.57 -13.59 22.38
CA ASN A 586 -26.97 -14.79 21.85
C ASN A 586 -27.95 -15.95 21.92
N PRO A 587 -27.71 -17.01 21.15
CA PRO A 587 -28.55 -18.20 21.31
C PRO A 587 -28.29 -18.86 22.65
N GLU A 588 -29.36 -19.37 23.24
CA GLU A 588 -29.25 -20.07 24.52
C GLU A 588 -28.49 -21.38 24.35
N ILE A 589 -27.66 -21.70 25.33
CA ILE A 589 -26.96 -22.98 25.34
C ILE A 589 -27.76 -23.93 26.22
N LYS A 590 -28.32 -24.97 25.61
CA LYS A 590 -29.08 -25.97 26.33
C LYS A 590 -28.10 -26.94 26.99
N ILE A 591 -28.30 -27.18 28.28
CA ILE A 591 -27.43 -28.04 29.07
C ILE A 591 -28.29 -29.13 29.70
N ARG A 592 -27.85 -30.37 29.54
CA ARG A 592 -28.54 -31.51 30.10
C ARG A 592 -27.52 -32.26 30.96
N ILE A 593 -27.93 -32.70 32.14
CA ILE A 593 -27.05 -33.45 33.03
C ILE A 593 -27.53 -34.89 33.02
N LEU A 594 -26.66 -35.79 32.58
CA LEU A 594 -26.96 -37.20 32.42
C LEU A 594 -26.27 -38.00 33.49
N GLY A 595 -27.02 -38.93 34.09
CA GLY A 595 -26.59 -39.73 35.21
C GLY A 595 -27.00 -39.08 36.52
N GLU A 596 -26.66 -39.74 37.62
CA GLU A 596 -26.95 -39.17 38.93
C GLU A 596 -25.71 -38.44 39.42
N PRO A 597 -25.80 -37.16 39.76
CA PRO A 597 -24.61 -36.41 40.17
C PRO A 597 -24.17 -36.80 41.55
N LYS A 598 -23.11 -37.59 41.64
CA LYS A 598 -22.57 -38.07 42.89
C LYS A 598 -21.06 -37.88 42.89
N GLN A 599 -20.49 -37.73 44.07
CA GLN A 599 -19.07 -37.46 44.19
C GLN A 599 -18.27 -38.66 43.70
N LYS A 600 -17.23 -38.38 42.92
CA LYS A 600 -16.32 -39.39 42.38
C LYS A 600 -17.06 -40.42 41.52
N ARG A 601 -18.12 -39.98 40.85
CA ARG A 601 -18.84 -40.82 39.89
C ARG A 601 -18.95 -40.06 38.58
N LYS A 602 -18.99 -40.81 37.48
CA LYS A 602 -19.04 -40.20 36.15
C LYS A 602 -20.33 -39.41 35.95
N LEU A 603 -20.21 -38.23 35.36
CA LEU A 603 -21.34 -37.36 35.03
C LEU A 603 -21.19 -36.96 33.58
N VAL A 604 -22.29 -36.86 32.84
CA VAL A 604 -22.22 -36.44 31.44
C VAL A 604 -22.98 -35.14 31.28
N ALA A 605 -22.38 -34.17 30.60
CA ALA A 605 -23.04 -32.92 30.30
C ALA A 605 -23.26 -32.83 28.80
N GLU A 606 -24.51 -32.63 28.39
CA GLU A 606 -24.87 -32.49 26.99
C GLU A 606 -25.11 -31.02 26.74
N VAL A 607 -24.31 -30.41 25.88
CA VAL A 607 -24.44 -29.00 25.58
C VAL A 607 -24.81 -28.86 24.10
N SER A 608 -25.73 -27.95 23.83
CA SER A 608 -26.22 -27.80 22.47
C SER A 608 -26.70 -26.37 22.27
N LEU A 609 -26.76 -25.96 21.01
CA LEU A 609 -27.36 -24.68 20.65
C LEU A 609 -27.82 -24.74 19.21
N GLN A 610 -28.73 -23.83 18.86
CA GLN A 610 -29.23 -23.73 17.50
C GLN A 610 -28.62 -22.51 16.83
N ASN A 611 -28.15 -22.68 15.61
CA ASN A 611 -27.49 -21.59 14.89
C ASN A 611 -28.47 -20.48 14.56
N PRO A 612 -28.28 -19.27 15.09
CA PRO A 612 -29.20 -18.17 14.77
C PRO A 612 -28.85 -17.41 13.50
N LEU A 613 -27.70 -17.70 12.89
CA LEU A 613 -27.25 -16.94 11.73
C LEU A 613 -27.87 -17.48 10.44
N PRO A 614 -27.98 -16.62 9.41
CA PRO A 614 -28.41 -17.11 8.10
C PRO A 614 -27.34 -17.96 7.42
N VAL A 615 -26.08 -17.83 7.84
CA VAL A 615 -24.97 -18.55 7.24
C VAL A 615 -24.52 -19.67 8.18
N ALA A 616 -23.71 -20.58 7.64
CA ALA A 616 -23.22 -21.71 8.40
C ALA A 616 -22.12 -21.31 9.37
N LEU A 617 -21.90 -22.17 10.36
CA LEU A 617 -20.87 -21.98 11.37
C LEU A 617 -19.76 -22.99 11.15
N GLU A 618 -18.52 -22.53 11.26
CA GLU A 618 -17.36 -23.39 11.08
C GLU A 618 -16.41 -23.23 12.26
N GLY A 619 -15.64 -24.27 12.52
CA GLY A 619 -14.74 -24.29 13.66
C GLY A 619 -15.45 -24.27 15.00
N CYS A 620 -16.63 -24.87 15.07
CA CYS A 620 -17.42 -24.83 16.31
C CYS A 620 -16.73 -25.61 17.41
N THR A 621 -16.64 -24.97 18.58
CA THR A 621 -15.99 -25.54 19.75
C THR A 621 -16.79 -25.24 21.00
N PHE A 622 -16.90 -26.23 21.88
CA PHE A 622 -17.54 -26.10 23.18
C PHE A 622 -16.46 -26.24 24.24
N THR A 623 -16.41 -25.30 25.18
CA THR A 623 -15.47 -25.33 26.28
C THR A 623 -16.26 -25.31 27.59
N VAL A 624 -15.91 -26.22 28.49
CA VAL A 624 -16.63 -26.45 29.73
C VAL A 624 -15.65 -26.36 30.89
N GLU A 625 -16.07 -25.70 31.97
CA GLU A 625 -15.21 -25.48 33.13
C GLU A 625 -16.07 -25.44 34.38
N GLY A 626 -15.50 -25.85 35.52
CA GLY A 626 -16.24 -25.76 36.76
C GLY A 626 -15.57 -26.34 37.98
N ALA A 627 -15.26 -25.49 38.96
CA ALA A 627 -14.61 -25.96 40.18
C ALA A 627 -15.55 -26.89 40.94
N GLY A 628 -15.05 -28.07 41.28
CA GLY A 628 -15.84 -29.09 41.92
C GLY A 628 -16.51 -30.06 40.98
N LEU A 629 -16.68 -29.68 39.71
CA LEU A 629 -17.27 -30.55 38.70
C LEU A 629 -16.22 -31.20 37.81
N THR A 630 -15.18 -30.46 37.43
CA THR A 630 -14.10 -31.02 36.61
C THR A 630 -12.77 -30.41 37.02
N GLU A 631 -11.76 -31.27 37.16
CA GLU A 631 -10.43 -30.80 37.51
C GLU A 631 -9.81 -30.01 36.37
N GLU A 632 -10.11 -30.33 35.12
CA GLU A 632 -9.41 -29.64 34.05
C GLU A 632 -10.49 -29.07 33.14
N GLN A 633 -10.13 -28.03 32.41
CA GLN A 633 -11.01 -27.49 31.39
C GLN A 633 -11.20 -28.54 30.30
N LYS A 634 -12.40 -28.61 29.72
CA LYS A 634 -12.65 -29.59 28.67
C LYS A 634 -13.17 -28.95 27.40
N THR A 635 -12.60 -29.37 26.26
CA THR A 635 -12.86 -28.79 24.95
C THR A 635 -13.30 -29.86 23.97
N VAL A 636 -14.34 -29.56 23.19
CA VAL A 636 -14.78 -30.44 22.12
C VAL A 636 -14.92 -29.62 20.84
N GLU A 637 -14.36 -30.12 19.74
CA GLU A 637 -14.47 -29.47 18.45
C GLU A 637 -15.38 -30.29 17.55
N ILE A 638 -16.28 -29.60 16.84
CA ILE A 638 -17.19 -30.22 15.90
C ILE A 638 -16.59 -30.10 14.52
N PRO A 639 -16.17 -31.20 13.88
CA PRO A 639 -15.45 -31.06 12.60
C PRO A 639 -16.29 -30.46 11.48
N ASP A 640 -17.53 -30.89 11.34
CA ASP A 640 -18.36 -30.47 10.23
C ASP A 640 -19.01 -29.11 10.49
N PRO A 641 -19.33 -28.37 9.44
CA PRO A 641 -19.98 -27.07 9.64
C PRO A 641 -21.40 -27.24 10.12
N VAL A 642 -21.89 -26.21 10.80
CA VAL A 642 -23.27 -26.18 11.28
C VAL A 642 -24.00 -25.16 10.42
N GLU A 643 -24.97 -25.64 9.64
CA GLU A 643 -25.63 -24.80 8.65
C GLU A 643 -26.69 -23.94 9.36
N ALA A 644 -27.43 -23.16 8.57
CA ALA A 644 -28.20 -22.04 9.10
C ALA A 644 -29.22 -22.47 10.15
N GLY A 645 -29.98 -23.52 9.90
CA GLY A 645 -30.99 -23.91 10.87
C GLY A 645 -30.60 -25.01 11.83
N GLU A 646 -29.48 -25.68 11.59
CA GLU A 646 -29.13 -26.86 12.36
C GLU A 646 -28.72 -26.50 13.80
N GLU A 647 -28.62 -27.55 14.61
CA GLU A 647 -28.23 -27.51 16.00
C GLU A 647 -26.90 -28.22 16.17
N VAL A 648 -26.11 -27.75 17.13
CA VAL A 648 -24.83 -28.35 17.50
C VAL A 648 -25.02 -28.95 18.87
N LYS A 649 -24.68 -30.23 19.02
CA LYS A 649 -24.81 -30.88 20.31
C LYS A 649 -23.63 -31.81 20.53
N VAL A 650 -23.02 -31.72 21.72
CA VAL A 650 -21.89 -32.57 22.09
C VAL A 650 -22.07 -33.00 23.54
N ARG A 651 -21.33 -34.03 23.91
CA ARG A 651 -21.34 -34.57 25.26
C ARG A 651 -19.93 -34.47 25.84
N MET A 652 -19.84 -33.97 27.06
CA MET A 652 -18.58 -33.88 27.77
C MET A 652 -18.67 -34.75 29.02
N ASP A 653 -17.62 -35.53 29.25
CA ASP A 653 -17.55 -36.38 30.42
C ASP A 653 -16.91 -35.59 31.56
N LEU A 654 -17.51 -35.66 32.74
CA LEU A 654 -17.04 -34.95 33.91
C LEU A 654 -16.89 -35.95 35.06
N LEU A 655 -15.98 -35.64 35.96
CA LEU A 655 -15.73 -36.46 37.14
C LEU A 655 -15.74 -35.53 38.35
N PRO A 656 -16.91 -35.21 38.88
CA PRO A 656 -16.98 -34.30 40.02
C PRO A 656 -16.28 -34.87 41.24
N LEU A 657 -15.37 -34.09 41.81
CA LEU A 657 -14.63 -34.54 42.99
C LEU A 657 -15.14 -33.92 44.27
N HIS A 658 -16.09 -33.00 44.21
CA HIS A 658 -16.58 -32.32 45.40
C HIS A 658 -18.09 -32.36 45.48
N MET A 659 -18.59 -32.52 46.70
CA MET A 659 -20.00 -32.47 47.01
C MET A 659 -20.45 -31.01 47.03
N GLY A 660 -21.77 -30.80 47.05
CA GLY A 660 -22.29 -29.46 47.15
C GLY A 660 -22.64 -28.85 45.80
N LEU A 661 -23.02 -27.57 45.86
CA LEU A 661 -23.44 -26.85 44.67
C LEU A 661 -22.24 -26.29 43.93
N HIS A 662 -22.18 -26.55 42.62
CA HIS A 662 -21.16 -26.04 41.73
C HIS A 662 -21.86 -25.51 40.48
N LYS A 663 -21.22 -24.59 39.80
CA LYS A 663 -21.77 -24.02 38.58
C LYS A 663 -20.91 -24.45 37.40
N LEU A 664 -21.54 -25.10 36.42
CA LEU A 664 -20.86 -25.52 35.20
C LEU A 664 -20.95 -24.37 34.21
N VAL A 665 -19.80 -23.84 33.80
CA VAL A 665 -19.72 -22.71 32.88
C VAL A 665 -19.34 -23.24 31.50
N VAL A 666 -20.05 -22.76 30.48
CA VAL A 666 -19.89 -23.22 29.10
C VAL A 666 -19.65 -22.02 28.19
N ASN A 667 -18.73 -22.18 27.25
CA ASN A 667 -18.44 -21.22 26.21
C ASN A 667 -18.54 -21.91 24.85
N PHE A 668 -19.10 -21.20 23.88
CA PHE A 668 -19.20 -21.70 22.52
C PHE A 668 -18.48 -20.72 21.60
N GLU A 669 -17.64 -21.27 20.72
CA GLU A 669 -16.82 -20.53 19.80
C GLU A 669 -17.06 -21.02 18.38
N SER A 670 -17.06 -20.09 17.43
CA SER A 670 -17.19 -20.43 16.02
C SER A 670 -16.65 -19.25 15.23
N ASP A 671 -16.51 -19.43 13.92
CA ASP A 671 -15.93 -18.35 13.11
C ASP A 671 -16.84 -17.12 13.09
N LYS A 672 -18.15 -17.30 13.05
CA LYS A 672 -19.06 -16.18 12.95
C LYS A 672 -19.95 -15.98 14.17
N LEU A 673 -19.88 -16.88 15.15
CA LEU A 673 -20.62 -16.74 16.41
C LEU A 673 -19.63 -17.01 17.54
N LYS A 674 -19.31 -15.98 18.30
CA LYS A 674 -18.23 -16.09 19.28
C LYS A 674 -18.71 -15.77 20.69
N ALA A 675 -18.00 -16.37 21.65
CA ALA A 675 -18.17 -16.09 23.07
C ALA A 675 -19.61 -16.27 23.55
N VAL A 676 -20.28 -17.32 23.09
CA VAL A 676 -21.64 -17.59 23.56
C VAL A 676 -21.56 -18.32 24.88
N LYS A 677 -22.28 -17.82 25.89
CA LYS A 677 -22.13 -18.32 27.25
C LYS A 677 -23.34 -19.12 27.70
N GLY A 678 -23.07 -20.06 28.62
CA GLY A 678 -24.11 -20.85 29.25
C GLY A 678 -23.63 -21.29 30.62
N PHE A 679 -24.57 -21.64 31.48
CA PHE A 679 -24.20 -22.14 32.79
C PHE A 679 -25.33 -23.01 33.32
N ARG A 680 -24.96 -23.91 34.20
CA ARG A 680 -25.95 -24.78 34.87
C ARG A 680 -25.52 -25.07 36.30
N ASN A 681 -26.45 -24.93 37.24
CA ASN A 681 -26.18 -25.23 38.64
C ASN A 681 -26.35 -26.74 38.84
N VAL A 682 -25.30 -27.38 39.36
CA VAL A 682 -25.29 -28.82 39.59
C VAL A 682 -24.95 -29.06 41.05
N ILE A 683 -25.78 -29.83 41.72
CA ILE A 683 -25.53 -30.21 43.11
C ILE A 683 -25.04 -31.65 43.13
N ILE A 684 -23.86 -31.86 43.69
CA ILE A 684 -23.22 -33.16 43.74
C ILE A 684 -23.51 -33.78 45.09
N GLY A 685 -24.14 -34.96 45.08
CA GLY A 685 -24.47 -35.66 46.29
C GLY A 685 -23.33 -36.51 46.81
N PRO A 686 -23.52 -37.05 48.01
CA PRO A 686 -22.49 -37.89 48.62
C PRO A 686 -22.22 -39.16 47.82
N ALA A 687 -20.95 -39.56 47.79
CA ALA A 687 -20.54 -40.76 47.06
C ALA A 687 -21.29 -42.01 47.56
N LEU A 688 -21.49 -42.11 48.86
CA LEU A 688 -22.13 -43.28 49.49
C LEU A 688 -21.50 -44.59 49.03
N GLU B 8 17.22 -44.74 -37.41
CA GLU B 8 17.99 -44.60 -36.19
C GLU B 8 17.29 -43.67 -35.20
N ARG B 9 17.18 -42.41 -35.62
CA ARG B 9 16.69 -41.33 -34.79
C ARG B 9 15.87 -40.38 -35.63
N CYS B 10 14.85 -39.80 -35.03
CA CYS B 10 14.14 -38.71 -35.68
C CYS B 10 14.37 -37.46 -34.85
N ASP B 11 14.99 -36.46 -35.45
CA ASP B 11 15.26 -35.19 -34.79
C ASP B 11 14.17 -34.21 -35.23
N LEU B 12 13.55 -33.56 -34.25
CA LEU B 12 12.45 -32.66 -34.52
C LEU B 12 12.91 -31.22 -34.64
N GLU B 13 14.22 -30.99 -34.67
CA GLU B 13 14.82 -29.68 -34.93
C GLU B 13 14.13 -28.58 -34.11
N LEU B 14 14.23 -28.76 -32.80
CA LEU B 14 13.51 -27.91 -31.84
C LEU B 14 13.90 -26.44 -31.98
N GLU B 15 15.20 -26.16 -32.07
CA GLU B 15 15.66 -24.79 -32.15
C GLU B 15 15.10 -24.08 -33.38
N THR B 16 15.35 -24.64 -34.56
CA THR B 16 14.96 -24.00 -35.80
C THR B 16 13.45 -23.87 -35.91
N ASN B 17 12.71 -24.95 -35.62
CA ASN B 17 11.26 -24.91 -35.70
C ASN B 17 10.66 -23.92 -34.71
N GLY B 18 11.17 -23.93 -33.47
CA GLY B 18 10.67 -22.99 -32.48
C GLY B 18 10.89 -21.55 -32.87
N ARG B 19 12.06 -21.24 -33.42
CA ARG B 19 12.33 -19.87 -33.86
C ARG B 19 11.43 -19.50 -35.05
N ASP B 20 11.30 -20.42 -36.02
CA ASP B 20 10.47 -20.12 -37.19
C ASP B 20 9.00 -19.99 -36.82
N HIS B 21 8.52 -20.84 -35.92
CA HIS B 21 7.11 -20.87 -35.57
C HIS B 21 6.77 -19.99 -34.38
N HIS B 22 7.72 -19.19 -33.89
CA HIS B 22 7.48 -18.28 -32.77
C HIS B 22 7.01 -19.05 -31.53
N THR B 23 7.61 -20.21 -31.30
CA THR B 23 7.29 -21.08 -30.18
C THR B 23 8.55 -21.50 -29.44
N ALA B 24 9.60 -20.68 -29.50
CA ALA B 24 10.90 -21.06 -28.96
C ALA B 24 10.83 -21.38 -27.47
N ASP B 25 10.17 -20.51 -26.71
CA ASP B 25 10.04 -20.76 -25.27
C ASP B 25 9.25 -22.03 -25.01
N LEU B 26 8.26 -22.33 -25.85
CA LEU B 26 7.45 -23.54 -25.69
C LEU B 26 8.25 -24.80 -26.02
N CYS B 27 9.28 -24.68 -26.84
CA CYS B 27 10.03 -25.86 -27.27
C CYS B 27 11.18 -26.15 -26.29
N ARG B 28 10.93 -26.77 -25.14
CA ARG B 28 12.07 -27.11 -24.27
C ARG B 28 12.66 -28.46 -24.72
N GLU B 29 11.76 -29.43 -24.70
CA GLU B 29 11.87 -30.79 -25.19
C GLU B 29 10.72 -31.23 -26.09
N LYS B 30 9.51 -30.68 -25.93
CA LYS B 30 8.51 -31.09 -26.90
C LYS B 30 8.69 -30.19 -28.10
N LEU B 31 8.05 -30.55 -29.21
CA LEU B 31 8.06 -29.68 -30.37
C LEU B 31 6.70 -29.02 -30.43
N VAL B 32 6.69 -27.70 -30.55
CA VAL B 32 5.47 -26.92 -30.65
C VAL B 32 5.56 -26.08 -31.92
N VAL B 33 4.51 -26.14 -32.74
CA VAL B 33 4.49 -25.48 -34.03
C VAL B 33 3.10 -24.90 -34.24
N ARG B 34 2.99 -24.05 -35.25
CA ARG B 34 1.73 -23.40 -35.58
C ARG B 34 1.23 -23.86 -36.95
N ARG B 35 -0.08 -24.07 -37.03
CA ARG B 35 -0.72 -24.64 -38.21
C ARG B 35 -0.59 -23.73 -39.44
N GLY B 36 -0.66 -24.36 -40.61
CA GLY B 36 -0.56 -23.63 -41.86
C GLY B 36 0.85 -23.29 -42.28
N GLN B 37 1.85 -23.82 -41.59
CA GLN B 37 3.24 -23.52 -41.83
C GLN B 37 4.05 -24.80 -41.75
N PRO B 38 5.05 -24.96 -42.62
CA PRO B 38 5.90 -26.15 -42.57
C PRO B 38 6.89 -26.09 -41.42
N PHE B 39 7.29 -27.27 -40.94
CA PHE B 39 8.31 -27.41 -39.92
C PHE B 39 9.29 -28.52 -40.32
N TRP B 40 10.55 -28.31 -39.96
CA TRP B 40 11.63 -29.23 -40.31
C TRP B 40 11.55 -30.53 -39.53
N LEU B 41 12.00 -31.60 -40.20
CA LEU B 41 12.08 -32.92 -39.60
C LEU B 41 13.35 -33.56 -40.13
N THR B 42 14.07 -34.30 -39.31
CA THR B 42 15.30 -34.94 -39.77
C THR B 42 15.25 -36.41 -39.41
N LEU B 43 15.50 -37.26 -40.40
CA LEU B 43 15.51 -38.70 -40.22
C LEU B 43 16.95 -39.17 -40.34
N HIS B 44 17.40 -39.95 -39.36
CA HIS B 44 18.73 -40.51 -39.34
C HIS B 44 18.60 -42.01 -39.55
N PHE B 45 19.30 -42.55 -40.53
CA PHE B 45 19.26 -43.97 -40.83
C PHE B 45 20.70 -44.46 -40.62
N GLU B 46 20.94 -45.74 -40.32
CA GLU B 46 22.34 -46.18 -40.28
C GLU B 46 22.54 -47.09 -41.46
N GLY B 47 23.71 -47.00 -42.07
CA GLY B 47 24.08 -47.79 -43.22
C GLY B 47 23.90 -46.99 -44.49
N ARG B 48 22.65 -46.78 -44.91
CA ARG B 48 22.38 -46.06 -46.15
C ARG B 48 21.29 -45.02 -45.92
N ASN B 49 21.32 -43.99 -46.74
CA ASN B 49 20.28 -42.97 -46.70
C ASN B 49 19.05 -43.49 -47.44
N TYR B 50 17.92 -42.82 -47.22
CA TYR B 50 16.68 -43.21 -47.87
C TYR B 50 16.79 -43.06 -49.39
N GLU B 51 16.31 -44.06 -50.12
CA GLU B 51 16.32 -44.05 -51.58
C GLU B 51 14.90 -44.14 -52.12
N ALA B 52 14.51 -43.15 -52.93
CA ALA B 52 13.18 -43.09 -53.51
C ALA B 52 12.89 -44.30 -54.40
N SER B 53 13.92 -44.86 -55.04
CA SER B 53 13.71 -45.99 -55.93
C SER B 53 13.15 -47.20 -55.19
N VAL B 54 13.75 -47.55 -54.04
CA VAL B 54 13.36 -48.74 -53.32
C VAL B 54 12.58 -48.50 -52.03
N ASP B 55 12.55 -47.26 -51.51
CA ASP B 55 11.96 -46.97 -50.22
C ASP B 55 10.73 -46.10 -50.37
N SER B 56 9.67 -46.43 -49.63
CA SER B 56 8.43 -45.66 -49.62
C SER B 56 8.07 -45.28 -48.19
N LEU B 57 7.88 -44.00 -47.94
CA LEU B 57 7.55 -43.51 -46.61
C LEU B 57 6.23 -42.73 -46.64
N THR B 58 5.31 -43.06 -45.73
CA THR B 58 4.08 -42.27 -45.60
C THR B 58 3.89 -41.88 -44.14
N PHE B 59 3.51 -40.63 -43.92
CA PHE B 59 3.32 -40.10 -42.59
C PHE B 59 1.86 -40.17 -42.20
N SER B 60 1.69 -40.32 -40.89
CA SER B 60 0.47 -40.57 -40.14
C SER B 60 0.38 -39.57 -39.00
N VAL B 61 -0.73 -38.83 -38.89
CA VAL B 61 -0.89 -37.89 -37.78
C VAL B 61 -2.26 -38.11 -37.14
N VAL B 62 -2.29 -38.08 -35.81
CA VAL B 62 -3.54 -38.34 -35.09
C VAL B 62 -3.63 -37.47 -33.83
N THR B 63 -4.84 -36.93 -33.53
CA THR B 63 -4.80 -36.08 -32.33
C THR B 63 -5.85 -36.40 -31.28
N GLY B 64 -7.08 -36.73 -31.67
CA GLY B 64 -8.15 -36.89 -30.69
C GLY B 64 -8.11 -38.24 -30.01
N PRO B 65 -8.97 -38.40 -29.00
CA PRO B 65 -9.16 -39.74 -28.41
C PRO B 65 -9.83 -40.70 -29.36
N ALA B 66 -10.70 -40.20 -30.25
CA ALA B 66 -11.39 -40.99 -31.26
C ALA B 66 -11.13 -40.32 -32.61
N PRO B 67 -9.93 -40.48 -33.14
CA PRO B 67 -9.55 -39.77 -34.38
C PRO B 67 -10.31 -40.24 -35.61
N SER B 68 -10.61 -39.28 -36.49
CA SER B 68 -11.31 -39.51 -37.76
C SER B 68 -10.67 -38.71 -38.89
N GLN B 69 -10.49 -39.28 -40.06
CA GLN B 69 -9.96 -38.50 -41.19
C GLN B 69 -10.98 -37.45 -41.60
N GLU B 70 -12.23 -37.85 -41.54
CA GLU B 70 -13.34 -36.97 -41.89
C GLU B 70 -13.48 -35.81 -40.92
N ALA B 71 -13.25 -36.07 -39.64
CA ALA B 71 -13.33 -35.01 -38.66
C ALA B 71 -12.18 -34.03 -38.80
N GLY B 72 -11.12 -34.41 -39.50
CA GLY B 72 -9.92 -33.60 -39.54
C GLY B 72 -8.95 -33.95 -38.45
N THR B 73 -9.31 -34.91 -37.60
CA THR B 73 -8.51 -35.36 -36.47
C THR B 73 -7.38 -36.30 -36.86
N LYS B 74 -7.46 -36.88 -38.06
CA LYS B 74 -6.48 -37.85 -38.51
C LYS B 74 -6.10 -37.58 -39.97
N ALA B 75 -4.84 -37.83 -40.30
CA ALA B 75 -4.42 -37.62 -41.67
C ALA B 75 -3.26 -38.55 -41.99
N ARG B 76 -3.30 -39.15 -43.17
CA ARG B 76 -2.20 -39.97 -43.65
C ARG B 76 -1.82 -39.36 -44.99
N PHE B 77 -0.54 -39.10 -45.19
CA PHE B 77 -0.05 -38.43 -46.39
C PHE B 77 1.32 -38.99 -46.72
N PRO B 78 1.68 -39.11 -47.98
CA PRO B 78 2.96 -39.75 -48.30
C PRO B 78 4.12 -38.78 -48.43
N LEU B 79 5.34 -39.30 -48.27
CA LEU B 79 6.54 -38.51 -48.51
C LEU B 79 6.66 -38.23 -50.00
N ARG B 80 7.20 -37.07 -50.32
CA ARG B 80 7.28 -36.66 -51.72
C ARG B 80 8.54 -35.85 -51.94
N ASP B 81 8.81 -35.60 -53.22
CA ASP B 81 9.89 -34.70 -53.61
C ASP B 81 9.35 -33.35 -54.08
N ALA B 82 8.11 -33.30 -54.55
CA ALA B 82 7.39 -32.07 -54.89
C ALA B 82 6.18 -31.90 -53.96
N VAL B 83 5.56 -30.73 -54.01
CA VAL B 83 4.38 -30.48 -53.19
C VAL B 83 3.24 -31.39 -53.64
N GLU B 84 2.32 -31.68 -52.73
CA GLU B 84 1.20 -32.58 -52.98
C GLU B 84 -0.10 -31.87 -53.30
N GLU B 85 -0.18 -30.55 -53.09
CA GLU B 85 -1.42 -29.81 -53.26
C GLU B 85 -2.50 -30.40 -52.36
N GLY B 86 -2.08 -30.96 -51.22
CA GLY B 86 -2.99 -31.48 -50.22
C GLY B 86 -2.88 -30.65 -48.95
N ASP B 87 -3.71 -31.02 -47.96
CA ASP B 87 -3.72 -30.29 -46.70
C ASP B 87 -2.50 -30.67 -45.85
N TRP B 88 -2.28 -31.96 -45.64
CA TRP B 88 -1.11 -32.44 -44.91
C TRP B 88 -0.12 -32.98 -45.92
N THR B 89 1.10 -32.43 -45.91
CA THR B 89 2.11 -32.81 -46.88
C THR B 89 3.45 -33.01 -46.20
N ALA B 90 4.23 -33.93 -46.75
CA ALA B 90 5.61 -34.16 -46.35
C ALA B 90 6.43 -34.12 -47.63
N THR B 91 7.47 -33.29 -47.64
CA THR B 91 8.25 -33.09 -48.85
C THR B 91 9.73 -33.21 -48.54
N VAL B 92 10.47 -33.83 -49.46
CA VAL B 92 11.91 -33.89 -49.32
C VAL B 92 12.48 -32.52 -49.63
N VAL B 93 13.28 -32.01 -48.71
CA VAL B 93 13.97 -30.74 -48.90
C VAL B 93 15.46 -30.96 -49.15
N ASP B 94 16.10 -31.75 -48.31
CA ASP B 94 17.54 -31.90 -48.49
C ASP B 94 17.95 -33.30 -48.04
N GLN B 95 19.06 -33.77 -48.57
CA GLN B 95 19.58 -35.06 -48.16
C GLN B 95 21.05 -34.91 -47.86
N GLN B 96 21.47 -35.41 -46.70
CA GLN B 96 22.81 -35.18 -46.20
C GLN B 96 23.30 -36.47 -45.55
N ASP B 97 24.40 -37.02 -46.08
CA ASP B 97 24.99 -38.24 -45.52
C ASP B 97 23.94 -39.33 -45.45
N CYS B 98 23.67 -39.85 -44.24
CA CYS B 98 22.64 -40.86 -44.03
C CYS B 98 21.36 -40.28 -43.42
N THR B 99 21.17 -38.97 -43.57
CA THR B 99 20.07 -38.22 -42.98
C THR B 99 19.20 -37.56 -44.06
N LEU B 100 17.90 -37.54 -43.78
CA LEU B 100 16.88 -36.98 -44.64
C LEU B 100 16.29 -35.74 -43.96
N SER B 101 16.33 -34.60 -44.66
CA SER B 101 15.79 -33.35 -44.16
C SER B 101 14.46 -33.08 -44.83
N LEU B 102 13.39 -33.14 -44.04
CA LEU B 102 12.03 -32.98 -44.52
C LEU B 102 11.31 -31.76 -44.06
N GLN B 103 10.31 -31.37 -44.82
CA GLN B 103 9.44 -30.27 -44.45
C GLN B 103 8.04 -30.83 -44.36
N LEU B 104 7.39 -30.66 -43.21
CA LEU B 104 6.04 -31.14 -42.99
C LEU B 104 5.12 -29.95 -42.87
N THR B 105 3.99 -29.99 -43.56
CA THR B 105 3.07 -28.87 -43.56
C THR B 105 1.69 -29.32 -43.11
N THR B 106 0.99 -28.42 -42.42
CA THR B 106 -0.32 -28.65 -41.86
C THR B 106 -1.30 -27.63 -42.44
N PRO B 107 -2.58 -27.96 -42.51
CA PRO B 107 -3.55 -27.00 -43.04
C PRO B 107 -3.77 -25.85 -42.06
N ALA B 108 -4.17 -24.70 -42.61
CA ALA B 108 -4.43 -23.54 -41.78
C ALA B 108 -5.70 -23.70 -40.95
N ASN B 109 -6.53 -24.69 -41.27
CA ASN B 109 -7.74 -24.97 -40.50
C ASN B 109 -7.61 -26.27 -39.72
N ALA B 110 -6.39 -26.76 -39.54
CA ALA B 110 -6.17 -27.98 -38.79
C ALA B 110 -6.58 -27.77 -37.33
N PRO B 111 -7.16 -28.78 -36.68
CA PRO B 111 -7.46 -28.64 -35.25
C PRO B 111 -6.18 -28.55 -34.46
N ILE B 112 -6.19 -27.67 -33.45
CA ILE B 112 -5.02 -27.48 -32.60
C ILE B 112 -5.04 -28.55 -31.52
N GLY B 113 -3.86 -28.91 -31.03
CA GLY B 113 -3.78 -29.85 -29.94
C GLY B 113 -2.53 -30.69 -30.07
N LEU B 114 -2.46 -31.68 -29.20
CA LEU B 114 -1.36 -32.64 -29.22
C LEU B 114 -1.63 -33.65 -30.33
N TYR B 115 -0.60 -33.92 -31.13
CA TYR B 115 -0.68 -34.86 -32.22
C TYR B 115 0.39 -35.90 -32.00
N ARG B 116 0.07 -37.12 -32.43
CA ARG B 116 1.00 -38.22 -32.41
C ARG B 116 1.35 -38.43 -33.87
N LEU B 117 2.64 -38.56 -34.12
CA LEU B 117 3.19 -38.70 -35.46
C LEU B 117 3.81 -40.08 -35.65
N SER B 118 3.35 -40.79 -36.67
CA SER B 118 3.81 -42.12 -37.04
C SER B 118 4.28 -42.14 -38.49
N LEU B 119 5.28 -42.97 -38.76
CA LEU B 119 5.89 -43.16 -40.08
C LEU B 119 5.69 -44.62 -40.51
N GLU B 120 5.25 -44.80 -41.74
CA GLU B 120 5.10 -46.14 -42.28
C GLU B 120 6.22 -46.31 -43.29
N ALA B 121 7.12 -47.26 -43.07
CA ALA B 121 8.18 -47.52 -44.05
C ALA B 121 7.70 -48.68 -44.92
N SER B 128 5.44 -52.07 -41.75
CA SER B 128 6.53 -51.66 -40.85
C SER B 128 6.34 -50.19 -40.46
N SER B 129 5.22 -49.89 -39.80
CA SER B 129 4.91 -48.52 -39.38
C SER B 129 5.10 -48.36 -37.88
N PHE B 130 5.80 -47.28 -37.52
CA PHE B 130 6.14 -46.93 -36.15
C PHE B 130 5.93 -45.44 -35.83
N VAL B 131 6.05 -45.10 -34.56
CA VAL B 131 5.77 -43.79 -34.01
C VAL B 131 7.07 -42.99 -33.97
N LEU B 132 7.13 -41.91 -34.76
CA LEU B 132 8.30 -41.04 -34.75
C LEU B 132 8.32 -40.17 -33.49
N GLY B 133 7.19 -39.63 -33.08
CA GLY B 133 7.16 -38.75 -31.92
C GLY B 133 5.86 -37.99 -31.81
N HIS B 134 5.90 -36.91 -31.02
CA HIS B 134 4.73 -36.07 -30.77
C HIS B 134 5.07 -34.62 -30.99
N PHE B 135 4.03 -33.83 -31.29
CA PHE B 135 4.15 -32.40 -31.44
C PHE B 135 2.81 -31.75 -31.11
N ILE B 136 2.86 -30.49 -30.68
CA ILE B 136 1.67 -29.72 -30.37
C ILE B 136 1.50 -28.64 -31.45
N LEU B 137 0.28 -28.54 -31.99
CA LEU B 137 -0.04 -27.61 -33.06
C LEU B 137 -0.95 -26.52 -32.50
N LEU B 138 -0.61 -25.26 -32.77
CA LEU B 138 -1.32 -24.11 -32.23
C LEU B 138 -1.78 -23.21 -33.36
N PHE B 139 -2.65 -22.26 -33.02
CA PHE B 139 -3.10 -21.27 -33.98
C PHE B 139 -1.92 -20.41 -34.43
N ASN B 140 -1.96 -19.99 -35.69
CA ASN B 140 -0.86 -19.24 -36.30
C ASN B 140 -1.34 -17.85 -36.70
N ALA B 141 -0.95 -16.84 -35.92
CA ALA B 141 -1.27 -15.47 -36.31
C ALA B 141 -0.40 -15.00 -37.46
N TRP B 142 0.75 -15.64 -37.69
CA TRP B 142 1.64 -15.28 -38.78
C TRP B 142 1.19 -15.84 -40.13
N CYS B 143 0.31 -16.83 -40.16
CA CYS B 143 -0.10 -17.47 -41.41
C CYS B 143 -1.32 -16.76 -41.99
N PRO B 144 -1.25 -16.24 -43.22
CA PRO B 144 -2.40 -15.52 -43.79
C PRO B 144 -3.63 -16.38 -43.98
N ALA B 145 -3.46 -17.66 -44.29
CA ALA B 145 -4.62 -18.55 -44.44
C ALA B 145 -5.34 -18.78 -43.12
N ASP B 146 -4.63 -18.69 -41.99
CA ASP B 146 -5.24 -18.93 -40.69
C ASP B 146 -6.28 -17.86 -40.35
N ALA B 147 -7.30 -18.28 -39.60
CA ALA B 147 -8.39 -17.39 -39.21
C ALA B 147 -7.94 -16.29 -38.26
N VAL B 148 -6.89 -16.52 -37.48
CA VAL B 148 -6.44 -15.56 -36.48
C VAL B 148 -5.35 -14.66 -37.03
N TYR B 149 -5.20 -14.64 -38.35
CA TYR B 149 -4.09 -13.92 -38.97
C TYR B 149 -4.12 -12.42 -38.66
N LEU B 150 -2.95 -11.89 -38.33
CA LEU B 150 -2.74 -10.46 -38.08
C LEU B 150 -1.67 -9.98 -39.04
N ASP B 151 -1.98 -8.91 -39.80
CA ASP B 151 -1.00 -8.42 -40.76
C ASP B 151 0.19 -7.73 -40.08
N SER B 152 -0.01 -7.18 -38.88
CA SER B 152 1.02 -6.40 -38.21
C SER B 152 1.85 -7.27 -37.28
N GLU B 153 3.17 -7.21 -37.47
CA GLU B 153 4.08 -7.96 -36.60
C GLU B 153 4.05 -7.43 -35.17
N GLU B 154 3.94 -6.11 -35.02
CA GLU B 154 3.86 -5.53 -33.68
C GLU B 154 2.66 -6.08 -32.92
N GLU B 155 1.51 -6.13 -33.60
CA GLU B 155 0.30 -6.64 -32.97
C GLU B 155 0.42 -8.13 -32.67
N ARG B 156 1.09 -8.88 -33.54
CA ARG B 156 1.31 -10.30 -33.25
C ARG B 156 2.14 -10.46 -31.98
N GLN B 157 3.20 -9.66 -31.86
CA GLN B 157 4.04 -9.71 -30.66
C GLN B 157 3.24 -9.36 -29.43
N GLU B 158 2.47 -8.28 -29.49
CA GLU B 158 1.74 -7.81 -28.33
C GLU B 158 0.65 -8.79 -27.90
N TYR B 159 -0.17 -9.24 -28.84
CA TYR B 159 -1.35 -10.02 -28.51
C TYR B 159 -1.13 -11.53 -28.45
N VAL B 160 0.04 -12.04 -28.84
CA VAL B 160 0.32 -13.48 -28.76
C VAL B 160 1.57 -13.76 -27.93
N LEU B 161 2.67 -13.07 -28.21
CA LEU B 161 3.95 -13.43 -27.60
C LEU B 161 4.28 -12.71 -26.30
N THR B 162 3.77 -11.50 -26.08
CA THR B 162 4.18 -10.72 -24.90
C THR B 162 3.53 -11.31 -23.64
N GLN B 163 4.38 -11.70 -22.68
CA GLN B 163 3.92 -12.42 -21.49
C GLN B 163 3.57 -11.53 -20.30
N GLN B 164 3.79 -10.23 -20.38
CA GLN B 164 3.39 -9.33 -19.31
C GLN B 164 2.58 -8.19 -19.89
N GLY B 165 1.71 -7.61 -19.07
CA GLY B 165 0.83 -6.57 -19.54
C GLY B 165 0.20 -5.78 -18.41
N PHE B 166 -0.86 -5.06 -18.76
CA PHE B 166 -1.56 -4.21 -17.80
C PHE B 166 -3.05 -4.52 -17.78
N ILE B 167 -3.63 -4.43 -16.60
CA ILE B 167 -5.07 -4.48 -16.38
C ILE B 167 -5.48 -3.13 -15.83
N TYR B 168 -6.46 -2.49 -16.45
CA TYR B 168 -6.83 -1.15 -16.05
C TYR B 168 -7.95 -1.18 -15.02
N GLN B 169 -7.68 -0.57 -13.87
CA GLN B 169 -8.59 -0.48 -12.73
C GLN B 169 -8.66 0.96 -12.26
N GLY B 170 -8.89 1.15 -10.96
CA GLY B 170 -9.06 2.50 -10.44
C GLY B 170 -10.42 3.04 -10.83
N SER B 171 -10.45 4.28 -11.32
CA SER B 171 -11.69 4.93 -11.68
C SER B 171 -11.53 5.59 -13.04
N ALA B 172 -12.68 5.91 -13.65
CA ALA B 172 -12.66 6.58 -14.96
C ALA B 172 -11.94 7.91 -14.87
N LYS B 173 -12.11 8.63 -13.74
CA LYS B 173 -11.39 9.87 -13.52
C LYS B 173 -9.91 9.62 -13.23
N PHE B 174 -9.58 8.47 -12.64
CA PHE B 174 -8.20 8.15 -12.23
C PHE B 174 -7.91 6.69 -12.60
N ILE B 175 -7.57 6.47 -13.86
CA ILE B 175 -7.27 5.11 -14.34
C ILE B 175 -5.95 4.63 -13.76
N LYS B 176 -5.93 3.36 -13.33
CA LYS B 176 -4.74 2.76 -12.74
C LYS B 176 -4.34 1.57 -13.59
N ASN B 177 -3.03 1.39 -13.82
CA ASN B 177 -2.56 0.25 -14.61
C ASN B 177 -1.88 -0.75 -13.68
N ILE B 178 -2.51 -1.90 -13.50
CA ILE B 178 -2.00 -2.97 -12.64
C ILE B 178 -1.14 -3.90 -13.49
N PRO B 179 0.11 -4.12 -13.10
CA PRO B 179 0.96 -5.05 -13.85
C PRO B 179 0.46 -6.48 -13.71
N TRP B 180 0.62 -7.25 -14.78
CA TRP B 180 0.18 -8.63 -14.78
C TRP B 180 1.18 -9.50 -15.53
N ASN B 181 1.46 -10.67 -14.97
CA ASN B 181 2.34 -11.65 -15.61
C ASN B 181 1.45 -12.72 -16.22
N PHE B 182 1.15 -12.58 -17.51
CA PHE B 182 0.36 -13.60 -18.19
C PHE B 182 1.11 -14.93 -18.25
N GLY B 183 2.41 -14.87 -18.55
CA GLY B 183 3.26 -16.06 -18.49
C GLY B 183 2.77 -17.24 -19.29
N GLN B 184 2.26 -16.99 -20.50
CA GLN B 184 1.71 -18.07 -21.32
C GLN B 184 2.76 -19.12 -21.68
N PHE B 185 4.03 -18.73 -21.77
CA PHE B 185 5.09 -19.65 -22.17
C PHE B 185 5.91 -20.18 -21.00
N GLU B 186 5.44 -20.01 -19.76
CA GLU B 186 6.11 -20.57 -18.60
C GLU B 186 5.90 -22.08 -18.56
N ASP B 187 6.73 -22.78 -17.78
CA ASP B 187 6.76 -24.24 -17.80
C ASP B 187 5.42 -24.83 -17.37
N GLY B 188 4.90 -25.76 -18.17
CA GLY B 188 3.67 -26.46 -17.88
C GLY B 188 2.39 -25.74 -18.24
N ILE B 189 2.46 -24.46 -18.63
CA ILE B 189 1.24 -23.72 -18.92
C ILE B 189 0.56 -24.26 -20.17
N LEU B 190 1.33 -24.63 -21.19
CA LEU B 190 0.73 -25.18 -22.40
C LEU B 190 0.03 -26.51 -22.11
N ASP B 191 0.66 -27.37 -21.32
CA ASP B 191 0.05 -28.64 -20.96
C ASP B 191 -1.23 -28.42 -20.15
N ILE B 192 -1.20 -27.49 -19.20
CA ILE B 192 -2.39 -27.19 -18.41
C ILE B 192 -3.50 -26.62 -19.29
N CYS B 193 -3.13 -25.81 -20.29
CA CYS B 193 -4.14 -25.27 -21.20
C CYS B 193 -4.80 -26.39 -21.98
N LEU B 194 -4.00 -27.36 -22.44
CA LEU B 194 -4.56 -28.50 -23.14
C LEU B 194 -5.46 -29.32 -22.22
N ILE B 195 -5.07 -29.47 -20.95
CA ILE B 195 -5.92 -30.16 -19.98
C ILE B 195 -7.24 -29.42 -19.79
N LEU B 196 -7.19 -28.09 -19.76
CA LEU B 196 -8.42 -27.30 -19.64
C LEU B 196 -9.32 -27.57 -20.83
N LEU B 197 -8.71 -27.70 -22.01
CA LEU B 197 -9.47 -28.10 -23.20
C LEU B 197 -10.09 -29.48 -23.02
N ASP B 198 -9.32 -30.43 -22.51
CA ASP B 198 -9.76 -31.82 -22.43
C ASP B 198 -10.81 -32.08 -21.36
N VAL B 199 -10.90 -31.26 -20.32
CA VAL B 199 -11.88 -31.49 -19.26
C VAL B 199 -13.11 -30.59 -19.42
N ASN B 200 -13.21 -29.88 -20.53
CA ASN B 200 -14.35 -29.01 -20.78
C ASN B 200 -15.59 -29.85 -21.09
N PRO B 201 -16.79 -29.28 -20.90
CA PRO B 201 -18.01 -30.12 -20.99
C PRO B 201 -18.21 -30.80 -22.33
N LYS B 202 -17.91 -30.11 -23.43
CA LYS B 202 -18.13 -30.69 -24.75
C LYS B 202 -17.22 -31.88 -25.01
N PHE B 203 -16.04 -31.87 -24.43
CA PHE B 203 -15.14 -33.00 -24.55
C PHE B 203 -15.75 -34.20 -23.85
N LEU B 204 -16.36 -33.97 -22.69
CA LEU B 204 -16.99 -35.03 -21.92
C LEU B 204 -18.18 -35.62 -22.68
N LYS B 205 -19.03 -34.76 -23.25
CA LYS B 205 -20.19 -35.26 -23.98
C LYS B 205 -19.77 -35.93 -25.29
N ASN B 206 -19.05 -35.19 -26.14
CA ASN B 206 -18.66 -35.66 -27.48
C ASN B 206 -17.17 -35.36 -27.68
N ALA B 207 -16.32 -36.26 -27.19
CA ALA B 207 -14.87 -36.06 -27.24
C ALA B 207 -14.36 -35.83 -28.67
N GLY B 208 -14.65 -36.75 -29.57
CA GLY B 208 -14.14 -36.65 -30.92
C GLY B 208 -14.60 -35.41 -31.61
N ARG B 209 -15.86 -35.06 -31.38
CA ARG B 209 -16.41 -33.87 -31.97
C ARG B 209 -15.72 -32.65 -31.43
N ASP B 210 -15.45 -32.66 -30.13
CA ASP B 210 -14.81 -31.51 -29.52
C ASP B 210 -13.45 -31.30 -30.12
N CYS B 211 -12.69 -32.36 -30.25
CA CYS B 211 -11.37 -32.26 -30.86
C CYS B 211 -11.47 -31.79 -32.30
N SER B 212 -12.49 -32.27 -33.02
CA SER B 212 -12.69 -31.84 -34.40
C SER B 212 -13.00 -30.35 -34.47
N ARG B 213 -13.88 -29.89 -33.62
CA ARG B 213 -14.30 -28.50 -33.61
C ARG B 213 -13.16 -27.56 -33.24
N ARG B 214 -12.18 -28.07 -32.52
CA ARG B 214 -11.09 -27.23 -32.04
C ARG B 214 -10.34 -26.56 -33.18
N SER B 215 -10.74 -26.81 -34.43
CA SER B 215 -10.16 -26.10 -35.56
C SER B 215 -10.57 -24.63 -35.59
N SER B 216 -11.64 -24.28 -34.87
CA SER B 216 -12.18 -22.94 -34.95
C SER B 216 -11.75 -22.08 -33.77
N PRO B 217 -11.25 -20.87 -34.03
CA PRO B 217 -10.96 -19.96 -32.93
C PRO B 217 -12.21 -19.58 -32.15
N VAL B 218 -13.36 -19.56 -32.82
CA VAL B 218 -14.62 -19.27 -32.15
C VAL B 218 -14.91 -20.34 -31.10
N TYR B 219 -14.79 -21.60 -31.50
CA TYR B 219 -15.09 -22.71 -30.60
C TYR B 219 -14.14 -22.73 -29.41
N VAL B 220 -12.84 -22.62 -29.67
CA VAL B 220 -11.85 -22.64 -28.59
C VAL B 220 -12.05 -21.44 -27.66
N GLY B 221 -12.36 -20.27 -28.23
CA GLY B 221 -12.59 -19.10 -27.40
C GLY B 221 -13.78 -19.28 -26.47
N ARG B 222 -14.89 -19.79 -27.01
CA ARG B 222 -16.06 -20.05 -26.16
C ARG B 222 -15.75 -21.04 -25.06
N VAL B 223 -15.06 -22.13 -25.41
CA VAL B 223 -14.75 -23.16 -24.44
C VAL B 223 -13.89 -22.60 -23.31
N VAL B 224 -12.82 -21.88 -23.66
CA VAL B 224 -11.92 -21.34 -22.65
C VAL B 224 -12.65 -20.32 -21.76
N SER B 225 -13.41 -19.42 -22.38
CA SER B 225 -14.13 -18.41 -21.61
C SER B 225 -15.08 -19.06 -20.61
N GLY B 226 -15.79 -20.11 -21.04
CA GLY B 226 -16.66 -20.81 -20.11
C GLY B 226 -15.89 -21.54 -19.03
N MET B 227 -14.74 -22.11 -19.39
CA MET B 227 -13.95 -22.90 -18.45
C MET B 227 -13.35 -22.08 -17.32
N VAL B 228 -13.10 -20.78 -17.54
CA VAL B 228 -12.41 -19.99 -16.52
C VAL B 228 -13.20 -19.96 -15.22
N ASN B 229 -14.49 -19.59 -15.28
CA ASN B 229 -15.27 -19.47 -14.06
C ASN B 229 -16.64 -20.15 -14.10
N CYS B 230 -17.29 -20.16 -15.27
CA CYS B 230 -18.66 -20.64 -15.35
C CYS B 230 -18.82 -22.09 -14.90
N ASN B 231 -17.87 -22.95 -15.26
CA ASN B 231 -18.08 -24.35 -14.98
C ASN B 231 -18.03 -24.59 -13.47
N ASP B 232 -19.13 -25.06 -12.90
CA ASP B 232 -19.15 -25.35 -11.48
C ASP B 232 -18.24 -26.52 -11.15
N ASP B 233 -17.98 -27.37 -12.15
CA ASP B 233 -17.13 -28.54 -12.01
C ASP B 233 -15.88 -28.48 -12.86
N GLN B 234 -14.73 -28.34 -12.16
CA GLN B 234 -13.40 -28.19 -12.75
C GLN B 234 -13.16 -26.78 -13.31
N GLY B 235 -13.95 -25.81 -12.84
CA GLY B 235 -13.71 -24.45 -13.22
C GLY B 235 -12.37 -23.98 -12.68
N VAL B 236 -11.74 -23.04 -13.37
CA VAL B 236 -10.42 -22.60 -12.92
C VAL B 236 -10.51 -21.77 -11.64
N LEU B 237 -11.47 -20.85 -11.57
CA LEU B 237 -11.54 -19.94 -10.44
C LEU B 237 -12.93 -19.92 -9.80
N LEU B 238 -12.93 -19.67 -8.49
CA LEU B 238 -14.13 -19.47 -7.70
C LEU B 238 -14.21 -17.99 -7.37
N GLY B 239 -15.34 -17.36 -7.65
CA GLY B 239 -15.49 -15.92 -7.49
C GLY B 239 -16.09 -15.57 -6.15
N ARG B 240 -15.45 -14.63 -5.45
CA ARG B 240 -15.99 -14.12 -4.21
C ARG B 240 -15.91 -12.60 -4.20
N TRP B 241 -16.99 -11.97 -3.74
CA TRP B 241 -17.15 -10.53 -3.81
C TRP B 241 -17.47 -9.87 -2.46
N ASP B 242 -17.44 -10.62 -1.35
CA ASP B 242 -17.91 -10.12 -0.07
C ASP B 242 -16.81 -9.50 0.81
N ASN B 243 -15.57 -9.44 0.32
CA ASN B 243 -14.40 -8.88 0.98
C ASN B 243 -13.89 -9.84 2.05
N ASN B 244 -14.34 -11.10 2.07
CA ASN B 244 -13.79 -12.09 3.00
C ASN B 244 -13.07 -13.16 2.17
N TYR B 245 -11.77 -12.98 2.02
CA TYR B 245 -10.92 -13.87 1.25
C TYR B 245 -9.88 -14.51 2.16
N GLY B 246 -10.20 -14.63 3.45
CA GLY B 246 -9.23 -15.10 4.43
C GLY B 246 -8.72 -16.50 4.19
N ASP B 247 -9.62 -17.40 3.75
CA ASP B 247 -9.22 -18.80 3.56
C ASP B 247 -8.62 -19.05 2.18
N GLY B 248 -8.40 -18.01 1.39
CA GLY B 248 -7.84 -18.15 0.07
C GLY B 248 -6.98 -16.96 -0.29
N VAL B 249 -6.74 -16.74 -1.57
CA VAL B 249 -6.00 -15.58 -2.05
C VAL B 249 -7.00 -14.55 -2.51
N SER B 250 -6.87 -13.32 -2.03
CA SER B 250 -7.80 -12.28 -2.44
C SER B 250 -7.63 -12.00 -3.93
N PRO B 251 -8.72 -11.65 -4.62
CA PRO B 251 -8.61 -11.44 -6.07
C PRO B 251 -7.61 -10.36 -6.44
N MET B 252 -7.54 -9.30 -5.64
CA MET B 252 -6.58 -8.22 -5.90
C MET B 252 -5.13 -8.65 -5.66
N SER B 253 -4.90 -9.71 -4.88
CA SER B 253 -3.54 -10.12 -4.57
C SER B 253 -2.80 -10.70 -5.76
N TRP B 254 -3.50 -11.36 -6.68
CA TRP B 254 -2.84 -12.02 -7.79
C TRP B 254 -2.04 -11.04 -8.63
N ILE B 255 -0.84 -11.47 -9.05
CA ILE B 255 -0.01 -10.71 -9.95
C ILE B 255 0.23 -11.42 -11.27
N GLY B 256 -0.34 -12.61 -11.46
CA GLY B 256 -0.17 -13.34 -12.70
C GLY B 256 -1.17 -14.48 -12.82
N SER B 257 -1.28 -14.98 -14.05
CA SER B 257 -2.13 -16.14 -14.32
C SER B 257 -1.44 -17.45 -13.99
N VAL B 258 -0.10 -17.48 -13.96
CA VAL B 258 0.64 -18.73 -13.87
C VAL B 258 0.32 -19.45 -12.56
N ASP B 259 0.38 -18.73 -11.44
CA ASP B 259 0.13 -19.36 -10.15
C ASP B 259 -1.28 -19.91 -10.06
N ILE B 260 -2.26 -19.20 -10.64
CA ILE B 260 -3.64 -19.66 -10.61
C ILE B 260 -3.79 -20.98 -11.37
N LEU B 261 -3.26 -21.02 -12.60
CA LEU B 261 -3.39 -22.23 -13.41
C LEU B 261 -2.66 -23.38 -12.77
N ARG B 262 -1.48 -23.12 -12.20
CA ARG B 262 -0.71 -24.16 -11.54
C ARG B 262 -1.44 -24.71 -10.32
N ARG B 263 -2.04 -23.83 -9.51
CA ARG B 263 -2.80 -24.30 -8.36
C ARG B 263 -3.99 -25.14 -8.80
N TRP B 264 -4.69 -24.68 -9.84
CA TRP B 264 -5.86 -25.39 -10.33
C TRP B 264 -5.49 -26.79 -10.80
N LYS B 265 -4.46 -26.90 -11.64
CA LYS B 265 -4.05 -28.22 -12.12
C LYS B 265 -3.51 -29.08 -10.97
N ASN B 266 -2.68 -28.50 -10.10
CA ASN B 266 -2.06 -29.27 -9.04
C ASN B 266 -3.05 -29.81 -8.02
N HIS B 267 -4.26 -29.24 -7.96
CA HIS B 267 -5.23 -29.72 -6.99
C HIS B 267 -6.38 -30.46 -7.66
N GLY B 268 -6.07 -31.25 -8.67
CA GLY B 268 -7.10 -32.02 -9.37
C GLY B 268 -8.17 -31.18 -10.03
N CYS B 269 -7.80 -30.02 -10.57
CA CYS B 269 -8.71 -29.14 -11.31
C CYS B 269 -9.88 -28.64 -10.46
N GLN B 270 -9.63 -28.39 -9.18
CA GLN B 270 -10.59 -27.69 -8.34
C GLN B 270 -10.43 -26.19 -8.51
N ARG B 271 -11.55 -25.48 -8.38
CA ARG B 271 -11.56 -24.03 -8.55
C ARG B 271 -10.59 -23.37 -7.57
N VAL B 272 -9.66 -22.60 -8.10
CA VAL B 272 -8.72 -21.90 -7.26
C VAL B 272 -9.51 -20.83 -6.54
N LYS B 273 -9.23 -20.64 -5.26
CA LYS B 273 -10.01 -19.69 -4.52
C LYS B 273 -9.69 -18.22 -4.62
N TYR B 274 -10.77 -17.56 -5.03
CA TYR B 274 -10.96 -16.14 -5.19
C TYR B 274 -10.36 -15.40 -6.37
N GLY B 275 -11.26 -15.05 -7.27
CA GLY B 275 -10.97 -14.28 -8.44
C GLY B 275 -12.14 -13.39 -8.76
N GLN B 276 -11.91 -12.31 -9.47
CA GLN B 276 -13.01 -11.45 -9.87
C GLN B 276 -12.91 -11.23 -11.38
N CYS B 277 -13.69 -10.29 -11.93
CA CYS B 277 -13.84 -10.21 -13.38
C CYS B 277 -12.50 -10.04 -14.09
N TRP B 278 -11.64 -9.14 -13.60
CA TRP B 278 -10.35 -8.96 -14.25
C TRP B 278 -9.48 -10.21 -14.11
N VAL B 279 -9.59 -10.93 -13.00
CA VAL B 279 -8.83 -12.18 -12.85
C VAL B 279 -9.28 -13.21 -13.87
N PHE B 280 -10.60 -13.32 -14.07
CA PHE B 280 -11.12 -14.25 -15.07
C PHE B 280 -10.60 -13.87 -16.45
N ALA B 281 -10.66 -12.57 -16.76
CA ALA B 281 -10.21 -12.09 -18.07
C ALA B 281 -8.72 -12.34 -18.27
N ALA B 282 -7.91 -12.11 -17.23
CA ALA B 282 -6.47 -12.30 -17.34
C ALA B 282 -6.11 -13.77 -17.56
N VAL B 283 -6.75 -14.67 -16.82
CA VAL B 283 -6.47 -16.09 -17.01
C VAL B 283 -6.91 -16.53 -18.41
N ALA B 284 -8.08 -16.04 -18.85
CA ALA B 284 -8.54 -16.35 -20.19
C ALA B 284 -7.57 -15.83 -21.25
N CYS B 285 -7.05 -14.63 -21.04
CA CYS B 285 -6.07 -14.06 -21.97
C CYS B 285 -4.80 -14.91 -22.01
N THR B 286 -4.36 -15.40 -20.85
CA THR B 286 -3.17 -16.24 -20.82
C THR B 286 -3.39 -17.52 -21.61
N VAL B 287 -4.54 -18.18 -21.40
CA VAL B 287 -4.81 -19.43 -22.11
C VAL B 287 -4.91 -19.19 -23.61
N LEU B 288 -5.67 -18.16 -24.00
CA LEU B 288 -5.86 -17.88 -25.43
C LEU B 288 -4.55 -17.51 -26.10
N ARG B 289 -3.73 -16.68 -25.45
CA ARG B 289 -2.43 -16.32 -26.02
C ARG B 289 -1.53 -17.53 -26.12
N CYS B 290 -1.57 -18.43 -25.12
CA CYS B 290 -0.80 -19.65 -25.18
C CYS B 290 -1.19 -20.51 -26.37
N LEU B 291 -2.50 -20.55 -26.68
CA LEU B 291 -2.99 -21.35 -27.79
C LEU B 291 -2.80 -20.70 -29.16
N GLY B 292 -2.29 -19.48 -29.21
CA GLY B 292 -2.03 -18.80 -30.47
C GLY B 292 -3.12 -17.87 -30.95
N ILE B 293 -4.16 -17.64 -30.16
CA ILE B 293 -5.24 -16.74 -30.51
C ILE B 293 -4.90 -15.36 -29.99
N PRO B 294 -4.75 -14.34 -30.83
CA PRO B 294 -4.43 -13.01 -30.33
C PRO B 294 -5.53 -12.48 -29.42
N THR B 295 -5.15 -12.10 -28.20
CA THR B 295 -6.12 -11.69 -27.20
C THR B 295 -5.57 -10.53 -26.38
N ARG B 296 -6.46 -9.65 -25.96
CA ARG B 296 -6.10 -8.53 -25.09
C ARG B 296 -7.19 -8.33 -24.04
N VAL B 297 -6.78 -7.95 -22.83
CA VAL B 297 -7.72 -7.68 -21.75
C VAL B 297 -8.16 -6.23 -21.83
N VAL B 298 -9.47 -5.99 -21.71
CA VAL B 298 -10.06 -4.67 -21.85
C VAL B 298 -10.86 -4.35 -20.59
N THR B 299 -10.84 -3.07 -20.22
CA THR B 299 -11.58 -2.55 -19.07
C THR B 299 -12.59 -1.51 -19.55
N ASN B 300 -13.83 -1.64 -19.06
CA ASN B 300 -14.92 -0.71 -19.34
C ASN B 300 -15.32 -0.07 -18.03
N TYR B 301 -15.19 1.25 -17.94
CA TYR B 301 -15.56 1.97 -16.74
C TYR B 301 -17.02 2.37 -16.80
N ASN B 302 -17.66 2.41 -15.62
CA ASN B 302 -19.11 2.64 -15.51
C ASN B 302 -19.86 1.58 -16.31
N SER B 303 -19.52 0.32 -16.08
CA SER B 303 -20.09 -0.78 -16.84
C SER B 303 -21.44 -1.18 -16.28
N ALA B 304 -22.44 -1.27 -17.15
CA ALA B 304 -23.77 -1.74 -16.76
C ALA B 304 -23.75 -3.25 -16.90
N HIS B 305 -23.37 -3.94 -15.82
CA HIS B 305 -23.18 -5.38 -15.87
C HIS B 305 -24.27 -6.10 -15.09
N ASP B 306 -24.58 -7.32 -15.54
CA ASP B 306 -25.62 -8.15 -14.96
C ASP B 306 -26.97 -7.44 -14.86
N GLN B 307 -27.30 -6.59 -15.84
CA GLN B 307 -28.60 -5.96 -15.88
C GLN B 307 -29.51 -6.65 -16.88
N ASN B 308 -29.23 -7.92 -17.18
CA ASN B 308 -30.07 -8.76 -18.02
C ASN B 308 -30.38 -8.09 -19.37
N SER B 309 -29.40 -7.37 -19.90
CA SER B 309 -29.42 -6.69 -21.18
C SER B 309 -30.33 -5.47 -21.21
N ASN B 310 -30.85 -5.02 -20.07
CA ASN B 310 -31.76 -3.89 -20.07
C ASN B 310 -31.01 -2.61 -20.44
N LEU B 311 -31.59 -1.86 -21.37
CA LEU B 311 -30.99 -0.63 -21.87
C LEU B 311 -31.43 0.59 -21.06
N LEU B 312 -32.40 0.43 -20.17
CA LEU B 312 -32.82 1.47 -19.26
C LEU B 312 -32.85 0.91 -17.84
N ILE B 313 -32.06 1.49 -16.95
CA ILE B 313 -31.93 1.05 -15.57
C ILE B 313 -32.44 2.19 -14.67
N GLU B 314 -33.33 1.85 -13.75
CA GLU B 314 -33.93 2.83 -12.88
C GLU B 314 -33.60 2.65 -11.41
N TYR B 315 -33.24 3.74 -10.76
CA TYR B 315 -32.91 3.74 -9.35
C TYR B 315 -33.83 4.71 -8.62
N PHE B 316 -34.33 4.27 -7.48
CA PHE B 316 -35.22 5.07 -6.64
C PHE B 316 -34.51 5.37 -5.33
N ARG B 317 -34.43 6.65 -4.99
CA ARG B 317 -33.62 7.12 -3.88
C ARG B 317 -34.46 7.90 -2.88
N ASN B 318 -33.97 7.92 -1.63
CA ASN B 318 -34.67 8.58 -0.53
C ASN B 318 -34.36 10.08 -0.53
N GLU B 319 -34.67 10.73 0.56
CA GLU B 319 -34.49 12.14 0.71
C GLU B 319 -33.02 12.54 0.61
N PHE B 320 -32.14 11.67 1.06
CA PHE B 320 -30.70 11.89 1.11
C PHE B 320 -29.99 11.42 -0.15
N GLY B 321 -30.73 10.92 -1.13
CA GLY B 321 -30.14 10.40 -2.35
C GLY B 321 -29.71 8.95 -2.29
N GLU B 322 -29.94 8.27 -1.17
CA GLU B 322 -29.56 6.88 -1.04
C GLU B 322 -30.49 5.97 -1.86
N ILE B 323 -29.90 5.00 -2.54
CA ILE B 323 -30.65 4.10 -3.43
C ILE B 323 -31.42 3.11 -2.56
N GLN B 324 -32.75 3.17 -2.64
CA GLN B 324 -33.58 2.32 -1.78
C GLN B 324 -33.57 0.85 -2.21
N GLY B 325 -33.56 0.58 -3.52
CA GLY B 325 -33.70 -0.79 -3.95
C GLY B 325 -32.49 -1.61 -3.51
N ASP B 326 -32.72 -2.68 -2.76
CA ASP B 326 -31.61 -3.59 -2.46
C ASP B 326 -31.47 -4.67 -3.52
N LYS B 327 -32.57 -4.95 -4.23
CA LYS B 327 -32.59 -6.04 -5.21
C LYS B 327 -31.80 -5.72 -6.46
N SER B 328 -32.07 -4.58 -7.08
CA SER B 328 -31.55 -4.31 -8.41
C SER B 328 -30.06 -3.96 -8.35
N GLU B 329 -29.34 -4.22 -9.43
CA GLU B 329 -27.89 -4.15 -9.30
C GLU B 329 -27.30 -2.79 -9.72
N MET B 330 -26.29 -2.37 -8.95
CA MET B 330 -25.56 -1.14 -9.17
C MET B 330 -24.71 -1.21 -10.45
N ILE B 331 -24.39 -0.03 -10.95
CA ILE B 331 -23.46 0.13 -12.07
C ILE B 331 -22.05 -0.13 -11.58
N TRP B 332 -21.35 -1.04 -12.24
CA TRP B 332 -20.00 -1.38 -11.82
C TRP B 332 -19.05 -0.20 -12.07
N ASN B 333 -18.13 0.03 -11.14
CA ASN B 333 -17.15 1.07 -11.33
C ASN B 333 -16.29 0.77 -12.56
N PHE B 334 -15.93 -0.49 -12.73
CA PHE B 334 -15.31 -0.98 -13.95
C PHE B 334 -15.58 -2.47 -14.05
N HIS B 335 -15.58 -2.98 -15.28
CA HIS B 335 -15.73 -4.41 -15.55
C HIS B 335 -14.75 -4.78 -16.65
N CYS B 336 -14.21 -5.99 -16.56
CA CYS B 336 -13.17 -6.41 -17.49
C CYS B 336 -13.60 -7.64 -18.29
N TRP B 337 -13.15 -7.67 -19.54
CA TRP B 337 -13.37 -8.84 -20.40
C TRP B 337 -12.21 -8.89 -21.39
N VAL B 338 -12.28 -9.79 -22.37
CA VAL B 338 -11.18 -9.91 -23.31
C VAL B 338 -11.70 -9.76 -24.73
N GLU B 339 -10.78 -9.44 -25.64
CA GLU B 339 -11.05 -9.37 -27.06
C GLU B 339 -10.08 -10.29 -27.78
N SER B 340 -10.60 -11.13 -28.66
CA SER B 340 -9.79 -12.06 -29.43
C SER B 340 -9.93 -11.77 -30.92
N TRP B 341 -8.85 -11.95 -31.65
CA TRP B 341 -8.76 -11.57 -33.05
C TRP B 341 -8.99 -12.78 -33.93
N MET B 342 -10.07 -12.76 -34.72
CA MET B 342 -10.33 -13.90 -35.59
C MET B 342 -11.31 -13.52 -36.69
N THR B 343 -11.33 -14.34 -37.72
CA THR B 343 -12.38 -14.23 -38.71
C THR B 343 -13.62 -14.90 -38.13
N ARG B 344 -14.77 -14.52 -38.66
CA ARG B 344 -16.05 -15.10 -38.23
C ARG B 344 -16.77 -15.58 -39.48
N PRO B 345 -16.41 -16.75 -39.99
CA PRO B 345 -17.08 -17.30 -41.18
C PRO B 345 -18.54 -17.60 -40.93
N ASP B 346 -18.89 -17.88 -39.68
CA ASP B 346 -20.23 -18.26 -39.28
C ASP B 346 -21.23 -17.11 -39.38
N LEU B 347 -20.79 -15.90 -39.68
CA LEU B 347 -21.64 -14.72 -39.77
C LEU B 347 -21.55 -14.12 -41.18
N GLN B 348 -22.34 -13.06 -41.39
CA GLN B 348 -22.23 -12.32 -42.63
C GLN B 348 -20.82 -11.76 -42.77
N PRO B 349 -20.36 -11.55 -43.99
CA PRO B 349 -18.98 -11.12 -44.20
C PRO B 349 -18.69 -9.76 -43.61
N GLY B 350 -17.43 -9.58 -43.26
CA GLY B 350 -16.96 -8.34 -42.67
C GLY B 350 -16.98 -8.22 -41.17
N TYR B 351 -17.39 -9.27 -40.48
CA TYR B 351 -17.40 -9.20 -39.03
C TYR B 351 -16.11 -9.73 -38.42
N GLU B 352 -15.13 -10.00 -39.27
CA GLU B 352 -13.84 -10.45 -38.79
C GLU B 352 -13.16 -9.32 -38.01
N GLY B 353 -12.34 -9.69 -37.04
CA GLY B 353 -11.68 -8.71 -36.22
C GLY B 353 -11.71 -9.06 -34.75
N TRP B 354 -11.83 -8.03 -33.91
CA TRP B 354 -11.93 -8.25 -32.47
C TRP B 354 -13.30 -8.79 -32.09
N GLN B 355 -13.31 -9.83 -31.28
CA GLN B 355 -14.51 -10.47 -30.77
C GLN B 355 -14.48 -10.34 -29.24
N ALA B 356 -15.56 -9.83 -28.66
CA ALA B 356 -15.62 -9.65 -27.22
C ALA B 356 -16.03 -10.96 -26.57
N LEU B 357 -15.20 -11.43 -25.63
CA LEU B 357 -15.45 -12.62 -24.84
C LEU B 357 -15.50 -12.20 -23.38
N ASP B 358 -16.62 -12.44 -22.73
CA ASP B 358 -16.74 -12.10 -21.32
C ASP B 358 -16.79 -13.37 -20.50
N PRO B 359 -15.73 -13.72 -19.77
CA PRO B 359 -15.74 -14.95 -18.97
C PRO B 359 -16.43 -14.77 -17.62
N THR B 360 -17.02 -13.60 -17.37
CA THR B 360 -17.75 -13.36 -16.13
C THR B 360 -19.21 -13.72 -16.34
N PRO B 361 -19.77 -14.67 -15.60
CA PRO B 361 -21.17 -15.05 -15.81
C PRO B 361 -22.09 -13.86 -15.63
N GLN B 362 -23.04 -13.73 -16.55
CA GLN B 362 -23.96 -12.60 -16.54
C GLN B 362 -25.41 -13.06 -16.42
N TYR B 369 -24.29 -17.92 -17.47
CA TYR B 369 -23.42 -18.27 -18.59
C TYR B 369 -22.59 -17.08 -19.05
N CYS B 370 -21.47 -17.37 -19.73
CA CYS B 370 -20.62 -16.35 -20.29
C CYS B 370 -21.21 -15.77 -21.57
N CYS B 371 -20.68 -14.63 -21.98
CA CYS B 371 -21.07 -14.00 -23.24
C CYS B 371 -20.06 -14.41 -24.31
N GLY B 372 -20.52 -15.17 -25.29
CA GLY B 372 -19.65 -15.74 -26.30
C GLY B 372 -19.06 -14.69 -27.19
N PRO B 373 -18.14 -15.10 -28.07
CA PRO B 373 -17.44 -14.12 -28.91
C PRO B 373 -18.43 -13.38 -29.80
N VAL B 374 -18.47 -12.07 -29.62
CA VAL B 374 -19.36 -11.21 -30.39
C VAL B 374 -18.48 -10.16 -31.05
N PRO B 375 -18.65 -9.91 -32.34
CA PRO B 375 -17.81 -8.90 -33.00
C PRO B 375 -18.06 -7.54 -32.40
N VAL B 376 -16.97 -6.86 -32.02
CA VAL B 376 -17.08 -5.54 -31.41
C VAL B 376 -17.69 -4.55 -32.40
N ARG B 377 -17.39 -4.72 -33.67
CA ARG B 377 -17.93 -3.83 -34.69
C ARG B 377 -19.45 -3.95 -34.71
N ALA B 378 -19.96 -5.15 -34.57
CA ALA B 378 -21.40 -5.35 -34.54
C ALA B 378 -22.02 -4.60 -33.38
N ILE B 379 -21.34 -4.62 -32.23
CA ILE B 379 -21.83 -3.87 -31.07
C ILE B 379 -21.85 -2.39 -31.36
N LYS B 380 -20.82 -1.89 -32.07
CA LYS B 380 -20.77 -0.48 -32.43
C LYS B 380 -21.93 -0.11 -33.36
N GLU B 381 -22.18 -0.94 -34.37
CA GLU B 381 -23.26 -0.67 -35.31
C GLU B 381 -24.64 -0.92 -34.71
N GLY B 382 -24.73 -1.62 -33.59
CA GLY B 382 -26.02 -1.93 -33.02
C GLY B 382 -26.67 -3.17 -33.61
N ASP B 383 -25.91 -3.97 -34.36
CA ASP B 383 -26.43 -5.16 -35.01
C ASP B 383 -26.55 -6.28 -33.98
N LEU B 384 -27.55 -6.16 -33.12
CA LEU B 384 -27.70 -7.08 -31.99
C LEU B 384 -28.15 -8.46 -32.42
N SER B 385 -28.50 -8.64 -33.71
CA SER B 385 -28.85 -9.95 -34.22
C SER B 385 -27.63 -10.86 -34.26
N THR B 386 -26.43 -10.28 -34.22
CA THR B 386 -25.18 -11.01 -34.34
C THR B 386 -25.00 -11.96 -33.16
N LYS B 387 -24.53 -13.15 -33.49
CA LYS B 387 -24.37 -14.28 -32.57
C LYS B 387 -23.34 -14.27 -31.46
N TYR B 388 -23.79 -14.85 -30.34
CA TYR B 388 -23.03 -14.95 -29.10
C TYR B 388 -23.14 -13.65 -28.31
N ASP B 389 -24.36 -13.44 -27.80
CA ASP B 389 -24.69 -12.48 -26.72
C ASP B 389 -24.32 -11.03 -27.04
N ALA B 390 -24.67 -10.58 -28.26
CA ALA B 390 -24.53 -9.17 -28.58
C ALA B 390 -25.37 -8.25 -27.70
N PRO B 391 -26.61 -8.57 -27.31
CA PRO B 391 -27.38 -7.64 -26.48
C PRO B 391 -26.75 -7.33 -25.14
N PHE B 392 -26.16 -8.32 -24.45
CA PHE B 392 -25.58 -8.07 -23.14
C PHE B 392 -24.36 -7.16 -23.23
N VAL B 393 -23.46 -7.45 -24.18
CA VAL B 393 -22.28 -6.61 -24.36
C VAL B 393 -22.68 -5.21 -24.79
N PHE B 394 -23.74 -5.09 -25.60
CA PHE B 394 -24.22 -3.77 -26.00
C PHE B 394 -24.75 -2.99 -24.80
N ALA B 395 -25.50 -3.67 -23.93
CA ALA B 395 -26.03 -3.03 -22.73
C ALA B 395 -24.91 -2.58 -21.80
N GLU B 396 -23.81 -3.34 -21.76
CA GLU B 396 -22.72 -2.99 -20.85
C GLU B 396 -22.18 -1.58 -21.12
N VAL B 397 -22.09 -1.18 -22.39
CA VAL B 397 -21.55 0.13 -22.72
C VAL B 397 -22.58 1.18 -23.12
N ASN B 398 -23.84 0.79 -23.37
CA ASN B 398 -24.82 1.76 -23.85
C ASN B 398 -26.06 1.93 -22.98
N ALA B 399 -26.17 1.26 -21.84
CA ALA B 399 -27.39 1.36 -21.05
C ALA B 399 -27.61 2.77 -20.53
N ASP B 400 -28.88 3.13 -20.35
CA ASP B 400 -29.27 4.43 -19.82
C ASP B 400 -29.73 4.32 -18.38
N VAL B 401 -29.34 5.29 -17.56
CA VAL B 401 -29.66 5.31 -16.14
C VAL B 401 -30.52 6.53 -15.85
N VAL B 402 -31.63 6.32 -15.13
CA VAL B 402 -32.47 7.41 -14.64
C VAL B 402 -32.57 7.27 -13.13
N ASP B 403 -32.41 8.38 -12.43
CA ASP B 403 -32.43 8.41 -10.98
C ASP B 403 -33.68 9.14 -10.50
N TRP B 404 -34.45 8.47 -9.66
CA TRP B 404 -35.67 9.04 -9.10
C TRP B 404 -35.44 9.31 -7.62
N ILE B 405 -36.01 10.41 -7.14
CA ILE B 405 -36.00 10.73 -5.71
C ILE B 405 -37.42 10.61 -5.22
N GLN B 406 -37.60 9.79 -4.19
CA GLN B 406 -38.92 9.59 -3.61
C GLN B 406 -39.06 10.57 -2.47
N GLN B 407 -40.18 11.28 -2.49
CA GLN B 407 -40.49 12.30 -1.51
C GLN B 407 -41.34 11.77 -0.36
N ASP B 408 -41.32 12.49 0.75
CA ASP B 408 -42.04 12.09 1.95
C ASP B 408 -43.49 11.87 1.55
N ASP B 409 -43.97 12.71 0.65
CA ASP B 409 -45.37 12.64 0.22
C ASP B 409 -45.68 11.41 -0.60
N GLY B 410 -44.68 10.61 -0.95
CA GLY B 410 -44.89 9.42 -1.73
C GLY B 410 -44.74 9.62 -3.23
N SER B 411 -44.36 10.81 -3.67
CA SER B 411 -44.14 11.02 -5.09
C SER B 411 -42.66 10.89 -5.44
N VAL B 412 -42.44 10.52 -6.68
CA VAL B 412 -41.13 10.34 -7.24
C VAL B 412 -40.91 11.31 -8.39
N HIS B 413 -39.73 11.96 -8.33
CA HIS B 413 -39.31 12.97 -9.27
C HIS B 413 -38.01 12.56 -9.93
N LYS B 414 -37.94 12.73 -11.24
CA LYS B 414 -36.71 12.43 -11.97
C LYS B 414 -35.69 13.51 -11.69
N SER B 415 -34.49 13.11 -11.27
CA SER B 415 -33.44 14.06 -11.01
C SER B 415 -32.54 14.18 -12.23
N ILE B 416 -31.80 15.28 -12.29
CA ILE B 416 -30.85 15.51 -13.37
C ILE B 416 -29.50 15.01 -12.89
N ASN B 417 -28.92 14.05 -13.63
CA ASN B 417 -27.62 13.51 -13.31
C ASN B 417 -26.75 13.53 -14.55
N ARG B 418 -25.78 14.43 -14.57
CA ARG B 418 -24.81 14.52 -15.66
C ARG B 418 -23.48 13.87 -15.32
N SER B 419 -23.28 13.47 -14.06
CA SER B 419 -22.04 12.85 -13.64
C SER B 419 -21.87 11.44 -14.18
N LEU B 420 -22.95 10.73 -14.48
CA LEU B 420 -22.87 9.30 -14.76
C LEU B 420 -22.97 9.10 -16.28
N ILE B 421 -21.97 8.43 -16.84
CA ILE B 421 -21.96 8.03 -18.24
C ILE B 421 -21.59 6.56 -18.30
N VAL B 422 -22.46 5.74 -18.86
CA VAL B 422 -22.18 4.31 -18.99
C VAL B 422 -21.22 4.10 -20.16
N GLY B 423 -20.33 3.11 -20.03
CA GLY B 423 -19.36 2.85 -21.08
C GLY B 423 -18.32 3.94 -21.22
N LEU B 424 -17.42 4.06 -20.24
CA LEU B 424 -16.44 5.15 -20.22
C LEU B 424 -15.02 4.61 -20.32
N LYS B 425 -14.18 5.33 -21.05
CA LYS B 425 -12.73 5.13 -21.06
C LYS B 425 -12.36 3.66 -21.25
N ILE B 426 -12.92 3.04 -22.29
CA ILE B 426 -12.60 1.63 -22.54
C ILE B 426 -11.12 1.53 -22.88
N SER B 427 -10.38 0.78 -22.06
CA SER B 427 -8.93 0.85 -22.07
C SER B 427 -8.31 -0.52 -22.26
N THR B 428 -7.16 -0.52 -22.92
CA THR B 428 -6.36 -1.73 -23.08
C THR B 428 -4.91 -1.29 -23.23
N LYS B 429 -3.99 -2.21 -22.95
CA LYS B 429 -2.59 -1.85 -23.10
C LYS B 429 -2.28 -1.60 -24.56
N SER B 430 -1.53 -0.54 -24.84
CA SER B 430 -1.17 -0.26 -26.22
C SER B 430 -0.11 -1.25 -26.69
N VAL B 431 0.01 -1.39 -28.01
CA VAL B 431 0.86 -2.41 -28.59
C VAL B 431 2.32 -1.97 -28.52
N GLY B 432 3.15 -2.80 -27.89
CA GLY B 432 4.58 -2.57 -27.79
C GLY B 432 4.99 -1.45 -26.88
N ARG B 433 4.06 -0.91 -26.09
CA ARG B 433 4.33 0.24 -25.24
C ARG B 433 3.60 0.07 -23.91
N ASP B 434 4.01 0.83 -22.92
CA ASP B 434 3.36 0.80 -21.62
C ASP B 434 2.21 1.80 -21.49
N GLU B 435 1.98 2.62 -22.51
CA GLU B 435 0.88 3.57 -22.46
C GLU B 435 -0.46 2.86 -22.64
N ARG B 436 -1.51 3.52 -22.15
CA ARG B 436 -2.87 3.04 -22.28
C ARG B 436 -3.45 3.48 -23.61
N GLU B 437 -4.18 2.57 -24.27
CA GLU B 437 -4.90 2.89 -25.49
C GLU B 437 -6.39 2.90 -25.17
N ASP B 438 -7.05 3.99 -25.54
CA ASP B 438 -8.48 4.15 -25.35
C ASP B 438 -9.17 3.56 -26.58
N ILE B 439 -9.99 2.53 -26.36
CA ILE B 439 -10.68 1.86 -27.47
C ILE B 439 -12.19 2.08 -27.39
N THR B 440 -12.62 3.17 -26.74
CA THR B 440 -14.04 3.46 -26.66
C THR B 440 -14.64 3.70 -28.04
N HIS B 441 -13.86 4.32 -28.94
CA HIS B 441 -14.36 4.60 -30.28
C HIS B 441 -14.71 3.33 -31.04
N THR B 442 -14.01 2.23 -30.75
CA THR B 442 -14.34 0.97 -31.40
C THR B 442 -15.71 0.46 -30.97
N TYR B 443 -16.06 0.64 -29.69
CA TYR B 443 -17.37 0.19 -29.21
C TYR B 443 -18.52 1.13 -29.58
N LYS B 444 -18.30 2.44 -29.56
CA LYS B 444 -19.40 3.38 -29.74
C LYS B 444 -19.02 4.52 -30.67
N TYR B 445 -20.01 5.00 -31.40
CA TYR B 445 -19.87 6.17 -32.24
C TYR B 445 -19.94 7.42 -31.37
N PRO B 446 -19.46 8.57 -31.87
CA PRO B 446 -19.53 9.79 -31.05
C PRO B 446 -20.98 10.11 -30.73
N GLU B 447 -21.21 10.60 -29.50
CA GLU B 447 -22.57 10.91 -29.09
C GLU B 447 -23.10 12.09 -29.90
N GLY B 448 -24.39 12.03 -30.20
CA GLY B 448 -25.02 13.02 -31.05
C GLY B 448 -24.58 12.96 -32.48
N SER B 449 -24.06 11.83 -32.93
CA SER B 449 -23.65 11.69 -34.32
C SER B 449 -24.72 10.92 -35.08
N SER B 450 -24.76 11.14 -36.39
CA SER B 450 -25.74 10.45 -37.21
C SER B 450 -25.51 8.95 -37.15
N GLU B 451 -24.24 8.52 -37.18
CA GLU B 451 -23.92 7.11 -37.10
C GLU B 451 -24.41 6.52 -35.80
N GLU B 452 -24.30 7.28 -34.70
CA GLU B 452 -24.76 6.81 -33.39
C GLU B 452 -26.26 6.55 -33.38
N ARG B 453 -27.04 7.50 -33.90
CA ARG B 453 -28.48 7.29 -33.94
C ARG B 453 -28.85 6.16 -34.86
N GLU B 454 -28.21 6.08 -36.01
CA GLU B 454 -28.54 4.98 -36.91
C GLU B 454 -28.27 3.64 -36.23
N ALA B 455 -27.17 3.56 -35.48
CA ALA B 455 -26.85 2.35 -34.72
C ALA B 455 -27.87 2.12 -33.61
N PHE B 456 -28.32 3.19 -32.94
CA PHE B 456 -29.30 3.07 -31.88
C PHE B 456 -30.66 2.61 -32.42
N THR B 457 -31.09 3.17 -33.55
CA THR B 457 -32.34 2.75 -34.17
C THR B 457 -32.27 1.29 -34.55
N ARG B 458 -31.10 0.87 -35.06
CA ARG B 458 -30.90 -0.53 -35.37
C ARG B 458 -31.01 -1.39 -34.12
N ALA B 459 -30.64 -0.85 -32.95
CA ALA B 459 -30.67 -1.57 -31.68
C ALA B 459 -31.92 -1.29 -30.85
N ASN B 460 -32.89 -0.54 -31.41
CA ASN B 460 -34.14 -0.19 -30.73
C ASN B 460 -33.87 0.49 -29.39
N HIS B 461 -32.88 1.37 -29.37
CA HIS B 461 -32.41 2.08 -28.19
C HIS B 461 -32.41 3.58 -28.40
N LEU B 462 -33.42 4.12 -29.06
CA LEU B 462 -33.46 5.55 -29.33
C LEU B 462 -33.57 6.46 -28.10
N ASN B 463 -34.38 6.03 -27.16
CA ASN B 463 -34.58 6.73 -25.90
C ASN B 463 -33.21 6.78 -25.23
N THR B 471 -32.15 22.75 -14.47
CA THR B 471 -32.82 24.03 -14.31
C THR B 471 -31.83 25.19 -14.50
N GLY B 472 -30.80 24.94 -15.30
CA GLY B 472 -29.73 25.91 -15.50
C GLY B 472 -28.66 25.84 -14.46
N MET B 473 -28.74 24.89 -13.54
CA MET B 473 -27.78 24.69 -12.48
C MET B 473 -26.99 23.41 -12.73
N ALA B 474 -25.73 23.41 -12.31
CA ALA B 474 -24.88 22.25 -12.50
C ALA B 474 -24.13 21.93 -11.22
N MET B 475 -23.80 20.66 -11.04
CA MET B 475 -23.01 20.25 -9.88
C MET B 475 -22.14 19.08 -10.29
N ARG B 476 -20.94 19.05 -9.74
CA ARG B 476 -20.02 17.95 -9.99
C ARG B 476 -19.12 17.78 -8.77
N ILE B 477 -18.54 16.60 -8.64
CA ILE B 477 -17.67 16.31 -7.52
C ILE B 477 -16.23 16.59 -7.94
N ARG B 478 -15.52 17.35 -7.11
CA ARG B 478 -14.16 17.75 -7.40
C ARG B 478 -13.22 17.23 -6.33
N VAL B 479 -12.04 16.78 -6.77
CA VAL B 479 -10.94 16.48 -5.88
C VAL B 479 -9.84 17.47 -6.22
N GLY B 480 -9.35 18.20 -5.22
CA GLY B 480 -8.33 19.20 -5.52
C GLY B 480 -7.10 18.58 -6.15
N GLN B 481 -6.63 17.48 -5.58
CA GLN B 481 -5.42 16.81 -6.03
C GLN B 481 -5.49 15.34 -5.66
N SER B 482 -4.44 14.61 -6.00
CA SER B 482 -4.38 13.19 -5.67
C SER B 482 -4.38 12.99 -4.16
N MET B 483 -5.11 11.99 -3.70
CA MET B 483 -5.21 11.66 -2.29
C MET B 483 -4.69 10.26 -2.05
N ASN B 484 -3.95 10.08 -0.97
CA ASN B 484 -3.28 8.82 -0.67
C ASN B 484 -4.07 7.96 0.30
N MET B 485 -3.96 6.66 0.11
CA MET B 485 -4.54 5.71 1.05
C MET B 485 -3.86 5.85 2.40
N GLY B 486 -4.66 5.90 3.46
CA GLY B 486 -4.12 6.11 4.78
C GLY B 486 -4.05 7.55 5.23
N SER B 487 -4.66 8.47 4.50
CA SER B 487 -4.59 9.88 4.83
C SER B 487 -5.98 10.48 4.89
N ASP B 488 -6.05 11.69 5.42
CA ASP B 488 -7.28 12.46 5.47
C ASP B 488 -7.27 13.42 4.29
N PHE B 489 -8.41 13.54 3.62
CA PHE B 489 -8.44 14.43 2.46
C PHE B 489 -9.83 15.01 2.30
N ASP B 490 -9.93 16.06 1.50
CA ASP B 490 -11.20 16.72 1.28
C ASP B 490 -11.62 16.55 -0.17
N VAL B 491 -12.94 16.47 -0.36
CA VAL B 491 -13.55 16.46 -1.68
C VAL B 491 -14.60 17.56 -1.64
N PHE B 492 -15.04 17.99 -2.81
CA PHE B 492 -15.93 19.13 -2.86
C PHE B 492 -17.11 18.86 -3.76
N ALA B 493 -18.25 19.42 -3.37
CA ALA B 493 -19.41 19.51 -4.24
C ALA B 493 -19.35 20.91 -4.85
N HIS B 494 -19.16 20.98 -6.16
CA HIS B 494 -19.02 22.24 -6.85
C HIS B 494 -20.31 22.51 -7.61
N ILE B 495 -20.96 23.62 -7.27
CA ILE B 495 -22.24 24.02 -7.83
C ILE B 495 -22.03 25.28 -8.65
N THR B 496 -22.63 25.30 -9.84
CA THR B 496 -22.57 26.42 -10.75
C THR B 496 -24.00 26.90 -11.00
N ASN B 497 -24.24 28.18 -10.73
CA ASN B 497 -25.53 28.82 -10.98
C ASN B 497 -25.26 29.84 -12.08
N ASN B 498 -25.57 29.45 -13.31
CA ASN B 498 -25.39 30.28 -14.49
C ASN B 498 -26.70 30.90 -14.92
N THR B 499 -27.46 31.42 -13.95
CA THR B 499 -28.75 32.02 -14.20
C THR B 499 -28.89 33.28 -13.37
N ALA B 500 -29.84 34.11 -13.78
CA ALA B 500 -30.12 35.33 -13.03
C ALA B 500 -30.77 35.07 -11.67
N GLU B 501 -31.50 33.96 -11.51
CA GLU B 501 -32.21 33.78 -10.24
C GLU B 501 -31.21 33.48 -9.14
N GLU B 502 -31.59 33.77 -7.90
CA GLU B 502 -30.85 33.39 -6.71
C GLU B 502 -31.60 32.23 -6.05
N TYR B 503 -30.88 31.18 -5.66
CA TYR B 503 -31.54 29.99 -5.12
C TYR B 503 -31.10 29.73 -3.69
N VAL B 504 -32.01 29.19 -2.89
CA VAL B 504 -31.70 28.63 -1.58
C VAL B 504 -32.04 27.16 -1.66
N CYS B 505 -31.05 26.31 -1.43
CA CYS B 505 -31.20 24.90 -1.71
C CYS B 505 -30.76 24.09 -0.49
N ARG B 506 -31.03 22.79 -0.60
CA ARG B 506 -30.58 21.79 0.34
C ARG B 506 -29.49 20.98 -0.33
N LEU B 507 -28.37 20.79 0.36
CA LEU B 507 -27.26 20.02 -0.18
C LEU B 507 -27.02 18.83 0.75
N LEU B 508 -27.10 17.62 0.20
CA LEU B 508 -26.88 16.39 0.95
C LEU B 508 -25.66 15.70 0.36
N LEU B 509 -24.65 15.49 1.19
CA LEU B 509 -23.37 14.91 0.80
C LEU B 509 -23.15 13.62 1.58
N CYS B 510 -22.92 12.53 0.86
CA CYS B 510 -22.67 11.23 1.46
C CYS B 510 -21.51 10.53 0.78
N ALA B 511 -20.51 10.13 1.55
CA ALA B 511 -19.36 9.38 1.05
C ALA B 511 -19.31 8.05 1.75
N ARG B 512 -19.26 6.97 0.98
CA ARG B 512 -19.22 5.62 1.50
C ARG B 512 -18.17 4.84 0.75
N THR B 513 -17.51 3.90 1.42
CA THR B 513 -16.61 3.02 0.71
C THR B 513 -17.41 2.13 -0.22
N VAL B 514 -16.81 1.73 -1.34
CA VAL B 514 -17.51 0.94 -2.34
C VAL B 514 -16.55 -0.09 -2.94
N SER B 515 -17.09 -1.24 -3.30
CA SER B 515 -16.34 -2.25 -4.01
C SER B 515 -16.33 -1.90 -5.50
N TYR B 516 -15.44 -2.56 -6.24
CA TYR B 516 -15.31 -2.24 -7.66
C TYR B 516 -16.56 -2.60 -8.44
N ASN B 517 -17.33 -3.58 -7.98
CA ASN B 517 -18.57 -3.94 -8.66
C ASN B 517 -19.79 -3.20 -8.10
N GLY B 518 -19.56 -2.15 -7.32
CA GLY B 518 -20.62 -1.24 -6.91
C GLY B 518 -21.30 -1.51 -5.60
N ILE B 519 -20.80 -2.43 -4.77
CA ILE B 519 -21.42 -2.70 -3.47
C ILE B 519 -21.02 -1.60 -2.51
N LEU B 520 -22.01 -0.84 -2.05
CA LEU B 520 -21.76 0.30 -1.16
C LEU B 520 -21.56 -0.16 0.27
N GLY B 521 -20.52 0.38 0.92
CA GLY B 521 -20.27 0.12 2.32
C GLY B 521 -20.82 1.22 3.20
N PRO B 522 -20.41 1.24 4.46
CA PRO B 522 -20.90 2.28 5.38
C PRO B 522 -20.34 3.65 5.04
N GLU B 523 -21.03 4.66 5.56
CA GLU B 523 -20.63 6.05 5.33
C GLU B 523 -19.25 6.32 5.92
N CYS B 524 -18.40 6.99 5.13
CA CYS B 524 -17.14 7.50 5.63
C CYS B 524 -17.13 9.03 5.67
N GLY B 525 -18.21 9.67 5.24
CA GLY B 525 -18.36 11.12 5.38
C GLY B 525 -19.76 11.62 5.09
N THR B 526 -20.30 12.54 5.90
CA THR B 526 -21.63 13.07 5.62
C THR B 526 -21.72 14.55 5.95
N LYS B 527 -22.46 15.30 5.13
CA LYS B 527 -22.70 16.72 5.36
C LYS B 527 -24.04 17.16 4.77
N TYR B 528 -24.79 17.99 5.50
CA TYR B 528 -26.03 18.55 4.96
C TYR B 528 -26.11 20.06 5.21
N LEU B 529 -26.56 20.80 4.20
CA LEU B 529 -26.75 22.25 4.29
C LEU B 529 -28.20 22.61 3.95
N LEU B 530 -28.95 23.12 4.94
CA LEU B 530 -30.36 23.44 4.72
C LEU B 530 -30.59 24.72 3.94
N ASN B 531 -29.84 25.77 4.21
CA ASN B 531 -30.06 27.03 3.50
C ASN B 531 -28.75 27.37 2.83
N LEU B 532 -28.61 26.93 1.59
CA LEU B 532 -27.39 27.23 0.86
C LEU B 532 -27.79 28.22 -0.22
N ASN B 533 -27.26 29.43 -0.11
CA ASN B 533 -27.53 30.48 -1.09
C ASN B 533 -26.57 30.29 -2.25
N LEU B 534 -27.11 30.13 -3.41
CA LEU B 534 -26.35 30.08 -4.63
C LEU B 534 -26.80 31.32 -5.37
N GLU B 535 -25.90 32.30 -5.41
CA GLU B 535 -26.14 33.61 -5.98
C GLU B 535 -26.19 33.54 -7.50
N PRO B 536 -26.82 34.53 -8.13
CA PRO B 536 -26.89 34.52 -9.60
C PRO B 536 -25.50 34.61 -10.20
N PHE B 537 -25.27 33.78 -11.22
CA PHE B 537 -24.02 33.77 -11.98
C PHE B 537 -22.82 33.58 -11.06
N SER B 538 -22.91 32.58 -10.18
CA SER B 538 -21.83 32.36 -9.23
C SER B 538 -21.64 30.87 -9.01
N GLU B 539 -20.57 30.53 -8.30
CA GLU B 539 -20.24 29.15 -8.02
C GLU B 539 -19.99 28.98 -6.54
N LYS B 540 -20.25 27.77 -6.05
CA LYS B 540 -20.07 27.43 -4.65
C LYS B 540 -19.32 26.12 -4.55
N SER B 541 -18.41 26.04 -3.58
CA SER B 541 -17.68 24.82 -3.30
C SER B 541 -17.96 24.44 -1.86
N VAL B 542 -18.51 23.26 -1.65
CA VAL B 542 -18.82 22.79 -0.31
C VAL B 542 -17.90 21.60 -0.01
N PRO B 543 -17.02 21.71 0.98
CA PRO B 543 -16.09 20.62 1.26
C PRO B 543 -16.70 19.54 2.12
N LEU B 544 -16.24 18.32 1.88
CA LEU B 544 -16.56 17.14 2.67
C LEU B 544 -15.24 16.52 3.06
N CYS B 545 -15.06 16.26 4.34
CA CYS B 545 -13.80 15.74 4.86
C CYS B 545 -13.93 14.24 5.02
N ILE B 546 -13.02 13.51 4.37
CA ILE B 546 -12.98 12.06 4.41
C ILE B 546 -11.78 11.69 5.26
N LEU B 547 -12.05 11.04 6.39
CA LEU B 547 -11.04 10.69 7.37
C LEU B 547 -10.64 9.23 7.23
N TYR B 548 -9.34 8.97 7.42
CA TYR B 548 -8.84 7.60 7.32
C TYR B 548 -9.52 6.68 8.32
N GLU B 549 -9.76 7.18 9.54
CA GLU B 549 -10.42 6.36 10.56
C GLU B 549 -11.82 5.94 10.14
N LYS B 550 -12.55 6.83 9.45
CA LYS B 550 -13.90 6.49 9.05
C LYS B 550 -13.95 5.49 7.89
N TYR B 551 -12.92 5.45 7.02
CA TYR B 551 -12.94 4.53 5.89
C TYR B 551 -12.02 3.32 6.02
N ARG B 552 -11.18 3.25 7.04
CA ARG B 552 -10.19 2.17 7.12
C ARG B 552 -10.85 0.81 7.29
N ASP B 553 -11.93 0.72 8.06
CA ASP B 553 -12.52 -0.59 8.39
C ASP B 553 -13.07 -1.29 7.15
N CYS B 554 -13.78 -0.58 6.29
CA CYS B 554 -14.50 -1.20 5.19
C CYS B 554 -13.93 -0.95 3.81
N LEU B 555 -12.82 -0.23 3.68
CA LEU B 555 -12.24 -0.02 2.36
C LEU B 555 -11.77 -1.35 1.79
N THR B 556 -12.11 -1.61 0.54
CA THR B 556 -11.65 -2.81 -0.13
C THR B 556 -10.28 -2.60 -0.75
N GLU B 557 -9.71 -3.68 -1.28
CA GLU B 557 -8.41 -3.62 -1.92
C GLU B 557 -8.43 -2.81 -3.20
N SER B 558 -9.61 -2.42 -3.68
CA SER B 558 -9.75 -1.56 -4.84
C SER B 558 -9.53 -0.08 -4.52
N ASN B 559 -9.46 0.27 -3.23
CA ASN B 559 -9.22 1.65 -2.79
C ASN B 559 -10.23 2.63 -3.37
N LEU B 560 -11.51 2.27 -3.37
CA LEU B 560 -12.56 3.11 -3.96
C LEU B 560 -13.51 3.65 -2.91
N ILE B 561 -13.81 4.94 -3.01
CA ILE B 561 -14.82 5.59 -2.19
C ILE B 561 -15.77 6.35 -3.10
N LYS B 562 -17.07 6.22 -2.85
CA LYS B 562 -18.09 6.88 -3.65
C LYS B 562 -18.59 8.11 -2.92
N VAL B 563 -18.58 9.24 -3.61
CA VAL B 563 -19.06 10.52 -3.11
C VAL B 563 -20.35 10.84 -3.86
N ARG B 564 -21.41 11.15 -3.12
CA ARG B 564 -22.70 11.46 -3.67
C ARG B 564 -23.14 12.82 -3.17
N ALA B 565 -23.67 13.63 -4.08
CA ALA B 565 -24.18 14.96 -3.77
C ALA B 565 -25.58 15.06 -4.38
N LEU B 566 -26.54 15.47 -3.57
CA LEU B 566 -27.89 15.72 -4.02
C LEU B 566 -28.24 17.14 -3.65
N LEU B 567 -28.56 17.94 -4.66
CA LEU B 567 -28.95 19.33 -4.46
C LEU B 567 -30.41 19.42 -4.82
N VAL B 568 -31.23 19.90 -3.89
CA VAL B 568 -32.66 20.00 -4.13
C VAL B 568 -33.06 21.46 -3.95
N GLU B 569 -33.74 21.98 -4.98
CA GLU B 569 -34.28 23.32 -4.96
C GLU B 569 -35.78 23.20 -4.73
N PRO B 570 -36.28 23.62 -3.56
CA PRO B 570 -37.69 23.37 -3.22
C PRO B 570 -38.70 24.11 -4.06
N VAL B 571 -38.41 25.34 -4.50
CA VAL B 571 -39.43 26.16 -5.14
C VAL B 571 -39.98 25.47 -6.39
N ILE B 572 -39.08 25.01 -7.26
CA ILE B 572 -39.51 24.21 -8.40
C ILE B 572 -39.35 22.73 -8.14
N ASN B 573 -38.91 22.35 -6.93
CA ASN B 573 -38.79 20.96 -6.53
C ASN B 573 -37.96 20.15 -7.51
N SER B 574 -36.76 20.67 -7.81
CA SER B 574 -35.85 20.03 -8.74
C SER B 574 -34.68 19.41 -8.00
N TYR B 575 -34.24 18.24 -8.47
CA TYR B 575 -33.16 17.49 -7.87
C TYR B 575 -32.02 17.36 -8.86
N LEU B 576 -30.80 17.70 -8.43
CA LEU B 576 -29.60 17.53 -9.23
C LEU B 576 -28.67 16.59 -8.49
N LEU B 577 -28.17 15.58 -9.18
CA LEU B 577 -27.41 14.49 -8.57
C LEU B 577 -26.02 14.45 -9.18
N ALA B 578 -25.01 14.35 -8.33
CA ALA B 578 -23.63 14.20 -8.78
C ALA B 578 -22.96 13.10 -7.97
N GLU B 579 -22.36 12.15 -8.67
CA GLU B 579 -21.65 11.06 -8.00
C GLU B 579 -20.27 10.88 -8.62
N ARG B 580 -19.30 10.54 -7.80
CA ARG B 580 -17.95 10.31 -8.27
C ARG B 580 -17.30 9.19 -7.48
N ASP B 581 -16.47 8.42 -8.17
CA ASP B 581 -15.71 7.34 -7.54
C ASP B 581 -14.26 7.78 -7.43
N LEU B 582 -13.71 7.67 -6.21
CA LEU B 582 -12.36 8.10 -5.90
C LEU B 582 -11.48 6.88 -5.72
N TYR B 583 -10.27 6.96 -6.23
CA TYR B 583 -9.26 5.94 -6.05
C TYR B 583 -8.19 6.48 -5.10
N LEU B 584 -7.92 5.74 -4.03
CA LEU B 584 -6.91 6.16 -3.07
C LEU B 584 -5.58 5.57 -3.51
N GLU B 585 -4.59 6.43 -3.71
CA GLU B 585 -3.31 5.98 -4.25
C GLU B 585 -2.53 5.16 -3.22
N ASN B 586 -2.01 4.02 -3.64
CA ASN B 586 -1.12 3.24 -2.81
C ASN B 586 0.28 3.84 -2.84
N PRO B 587 1.12 3.48 -1.87
CA PRO B 587 2.51 3.95 -1.92
C PRO B 587 3.24 3.28 -3.08
N GLU B 588 4.14 4.05 -3.70
CA GLU B 588 4.94 3.51 -4.79
C GLU B 588 5.91 2.47 -4.26
N ILE B 589 6.10 1.39 -5.03
CA ILE B 589 7.08 0.38 -4.70
C ILE B 589 8.34 0.70 -5.49
N LYS B 590 9.40 1.09 -4.78
CA LYS B 590 10.66 1.38 -5.43
C LYS B 590 11.39 0.08 -5.72
N ILE B 591 11.85 -0.07 -6.96
CA ILE B 591 12.53 -1.27 -7.42
C ILE B 591 13.88 -0.87 -7.99
N ARG B 592 14.92 -1.54 -7.52
CA ARG B 592 16.28 -1.35 -7.99
C ARG B 592 16.81 -2.68 -8.50
N ILE B 593 17.51 -2.64 -9.63
CA ILE B 593 18.11 -3.83 -10.20
C ILE B 593 19.61 -3.75 -9.98
N LEU B 594 20.14 -4.74 -9.26
CA LEU B 594 21.54 -4.81 -8.88
C LEU B 594 22.22 -5.89 -9.68
N GLY B 595 23.39 -5.57 -10.21
CA GLY B 595 24.12 -6.43 -11.10
C GLY B 595 23.81 -6.14 -12.56
N GLU B 596 24.46 -6.91 -13.42
CA GLU B 596 24.25 -6.78 -14.86
C GLU B 596 23.19 -7.76 -15.29
N PRO B 597 22.11 -7.33 -15.94
CA PRO B 597 21.09 -8.29 -16.33
C PRO B 597 21.54 -9.09 -17.55
N LYS B 598 21.96 -10.32 -17.30
CA LYS B 598 22.48 -11.19 -18.32
C LYS B 598 21.86 -12.57 -18.17
N GLN B 599 21.82 -13.29 -19.28
CA GLN B 599 21.17 -14.59 -19.31
C GLN B 599 21.93 -15.56 -18.40
N LYS B 600 21.20 -16.28 -17.57
CA LYS B 600 21.76 -17.29 -16.67
C LYS B 600 22.81 -16.72 -15.71
N ARG B 601 22.63 -15.45 -15.32
CA ARG B 601 23.50 -14.82 -14.33
C ARG B 601 22.61 -14.27 -13.22
N LYS B 602 23.17 -14.22 -12.00
CA LYS B 602 22.40 -13.77 -10.86
C LYS B 602 22.03 -12.30 -11.00
N LEU B 603 20.78 -11.98 -10.68
CA LEU B 603 20.28 -10.61 -10.71
C LEU B 603 19.62 -10.36 -9.36
N VAL B 604 19.79 -9.17 -8.80
CA VAL B 604 19.18 -8.89 -7.50
C VAL B 604 18.17 -7.78 -7.67
N ALA B 605 16.97 -7.97 -7.13
CA ALA B 605 15.95 -6.94 -7.15
C ALA B 605 15.73 -6.46 -5.72
N GLU B 606 15.89 -5.17 -5.51
CA GLU B 606 15.66 -4.55 -4.22
C GLU B 606 14.34 -3.83 -4.30
N VAL B 607 13.38 -4.26 -3.49
CA VAL B 607 12.06 -3.67 -3.48
C VAL B 607 11.81 -3.04 -2.12
N SER B 608 11.20 -1.86 -2.13
CA SER B 608 10.98 -1.12 -0.89
C SER B 608 9.75 -0.25 -1.02
N LEU B 609 9.19 0.11 0.13
CA LEU B 609 8.10 1.07 0.17
C LEU B 609 8.07 1.72 1.54
N GLN B 610 7.43 2.89 1.62
CA GLN B 610 7.28 3.60 2.86
C GLN B 610 5.85 3.46 3.36
N ASN B 611 5.70 3.19 4.65
CA ASN B 611 4.39 2.99 5.25
C ASN B 611 3.62 4.30 5.18
N PRO B 612 2.49 4.35 4.48
CA PRO B 612 1.69 5.58 4.42
C PRO B 612 0.69 5.74 5.55
N LEU B 613 0.49 4.71 6.37
CA LEU B 613 -0.53 4.73 7.41
C LEU B 613 -0.01 5.41 8.68
N PRO B 614 -0.92 5.97 9.48
CA PRO B 614 -0.52 6.47 10.81
C PRO B 614 -0.15 5.36 11.78
N VAL B 615 -0.59 4.13 11.50
CA VAL B 615 -0.30 2.97 12.33
C VAL B 615 0.75 2.09 11.65
N ALA B 616 1.29 1.14 12.41
CA ALA B 616 2.32 0.24 11.94
C ALA B 616 1.75 -0.89 11.07
N LEU B 617 2.63 -1.50 10.29
CA LEU B 617 2.29 -2.61 9.41
C LEU B 617 2.89 -3.90 9.93
N GLU B 618 2.11 -4.99 9.89
CA GLU B 618 2.52 -6.29 10.40
C GLU B 618 2.23 -7.36 9.36
N GLY B 619 3.01 -8.45 9.41
CA GLY B 619 2.91 -9.49 8.42
C GLY B 619 3.31 -9.03 7.03
N CYS B 620 4.26 -8.10 6.93
CA CYS B 620 4.65 -7.55 5.63
C CYS B 620 5.30 -8.61 4.76
N THR B 621 4.84 -8.73 3.53
CA THR B 621 5.31 -9.72 2.59
C THR B 621 5.47 -9.10 1.21
N PHE B 622 6.57 -9.46 0.54
CA PHE B 622 6.82 -9.05 -0.83
C PHE B 622 6.79 -10.29 -1.71
N THR B 623 6.03 -10.24 -2.79
CA THR B 623 5.94 -11.33 -3.75
C THR B 623 6.37 -10.82 -5.12
N VAL B 624 7.26 -11.54 -5.77
CA VAL B 624 7.85 -11.15 -7.04
C VAL B 624 7.64 -12.27 -8.05
N GLU B 625 7.28 -11.89 -9.27
CA GLU B 625 6.95 -12.83 -10.34
C GLU B 625 7.35 -12.20 -11.67
N GLY B 626 7.70 -13.05 -12.64
CA GLY B 626 8.01 -12.52 -13.96
C GLY B 626 8.54 -13.53 -14.96
N ALA B 627 7.79 -13.75 -16.03
CA ALA B 627 8.22 -14.72 -17.05
C ALA B 627 9.49 -14.24 -17.73
N GLY B 628 10.49 -15.11 -17.77
CA GLY B 628 11.79 -14.79 -18.32
C GLY B 628 12.78 -14.28 -17.31
N LEU B 629 12.31 -13.79 -16.16
CA LEU B 629 13.14 -13.32 -15.07
C LEU B 629 13.28 -14.33 -13.95
N THR B 630 12.21 -15.04 -13.63
CA THR B 630 12.25 -16.07 -12.59
C THR B 630 11.33 -17.21 -13.01
N GLU B 631 11.81 -18.44 -12.87
CA GLU B 631 10.97 -19.59 -13.21
C GLU B 631 9.80 -19.73 -12.25
N GLU B 632 9.99 -19.36 -10.99
CA GLU B 632 8.95 -19.51 -9.99
C GLU B 632 8.78 -18.23 -9.18
N GLN B 633 7.58 -18.08 -8.63
CA GLN B 633 7.26 -16.95 -7.78
C GLN B 633 8.15 -16.96 -6.55
N LYS B 634 8.59 -15.78 -6.12
CA LYS B 634 9.47 -15.69 -4.96
C LYS B 634 8.86 -14.76 -3.92
N THR B 635 8.86 -15.20 -2.66
CA THR B 635 8.23 -14.48 -1.57
C THR B 635 9.23 -14.26 -0.44
N VAL B 636 9.23 -13.04 0.12
CA VAL B 636 10.03 -12.72 1.30
C VAL B 636 9.12 -12.10 2.35
N GLU B 637 9.21 -12.57 3.59
CA GLU B 637 8.42 -12.05 4.69
C GLU B 637 9.32 -11.29 5.65
N ILE B 638 8.86 -10.13 6.10
CA ILE B 638 9.59 -9.28 7.04
C ILE B 638 9.05 -9.54 8.43
N PRO B 639 9.85 -10.11 9.35
CA PRO B 639 9.32 -10.49 10.67
C PRO B 639 8.84 -9.33 11.54
N ASP B 640 9.62 -8.24 11.63
CA ASP B 640 9.26 -7.15 12.52
C ASP B 640 8.28 -6.17 11.87
N PRO B 641 7.47 -5.49 12.69
CA PRO B 641 6.52 -4.51 12.15
C PRO B 641 7.23 -3.27 11.63
N VAL B 642 6.52 -2.58 10.73
CA VAL B 642 7.01 -1.36 10.10
C VAL B 642 6.17 -0.21 10.63
N GLU B 643 6.85 0.78 11.22
CA GLU B 643 6.12 1.85 11.89
C GLU B 643 5.58 2.85 10.88
N ALA B 644 4.97 3.92 11.42
CA ALA B 644 4.12 4.80 10.63
C ALA B 644 4.86 5.43 9.46
N GLY B 645 6.04 5.97 9.69
CA GLY B 645 6.78 6.60 8.60
C GLY B 645 7.86 5.76 7.97
N GLU B 646 8.11 4.59 8.55
CA GLU B 646 9.26 3.79 8.19
C GLU B 646 9.12 3.16 6.81
N GLU B 647 10.24 2.65 6.30
CA GLU B 647 10.29 1.98 5.01
C GLU B 647 10.66 0.52 5.21
N VAL B 648 10.16 -0.32 4.31
CA VAL B 648 10.46 -1.75 4.25
C VAL B 648 11.28 -1.95 3.00
N LYS B 649 12.41 -2.64 3.13
CA LYS B 649 13.29 -2.91 2.00
C LYS B 649 13.76 -4.35 2.08
N VAL B 650 13.68 -5.07 0.96
CA VAL B 650 14.16 -6.45 0.89
C VAL B 650 14.84 -6.66 -0.46
N ARG B 651 15.67 -7.71 -0.51
CA ARG B 651 16.39 -8.11 -1.71
C ARG B 651 15.96 -9.51 -2.10
N MET B 652 15.68 -9.70 -3.38
CA MET B 652 15.33 -11.00 -3.94
C MET B 652 16.35 -11.39 -4.99
N ASP B 653 16.79 -12.64 -4.93
CA ASP B 653 17.70 -13.19 -5.93
C ASP B 653 16.91 -13.77 -7.08
N LEU B 654 17.31 -13.47 -8.30
CA LEU B 654 16.66 -13.94 -9.50
C LEU B 654 17.72 -14.57 -10.40
N LEU B 655 17.28 -15.51 -11.22
CA LEU B 655 18.14 -16.17 -12.19
C LEU B 655 17.42 -16.14 -13.53
N PRO B 656 17.50 -15.02 -14.24
CA PRO B 656 16.80 -14.91 -15.53
C PRO B 656 17.35 -15.90 -16.54
N LEU B 657 16.46 -16.67 -17.14
CA LEU B 657 16.85 -17.68 -18.12
C LEU B 657 16.58 -17.24 -19.54
N HIS B 658 15.95 -16.10 -19.75
CA HIS B 658 15.56 -15.68 -21.09
C HIS B 658 16.04 -14.26 -21.37
N MET B 659 16.53 -14.06 -22.59
CA MET B 659 16.95 -12.75 -23.05
C MET B 659 15.73 -11.91 -23.45
N GLY B 660 15.95 -10.63 -23.65
CA GLY B 660 14.88 -9.75 -24.11
C GLY B 660 14.21 -9.02 -22.96
N LEU B 661 13.15 -8.30 -23.31
CA LEU B 661 12.42 -7.50 -22.35
C LEU B 661 11.42 -8.34 -21.57
N HIS B 662 11.47 -8.24 -20.25
CA HIS B 662 10.54 -8.90 -19.34
C HIS B 662 10.08 -7.87 -18.32
N LYS B 663 8.91 -8.10 -17.74
CA LYS B 663 8.38 -7.21 -16.73
C LYS B 663 8.35 -7.93 -15.40
N LEU B 664 8.99 -7.35 -14.39
CA LEU B 664 8.98 -7.88 -13.05
C LEU B 664 7.77 -7.30 -12.34
N VAL B 665 6.87 -8.17 -11.89
CA VAL B 665 5.65 -7.77 -11.21
C VAL B 665 5.84 -8.02 -9.72
N VAL B 666 5.47 -7.04 -8.91
CA VAL B 666 5.69 -7.07 -7.46
C VAL B 666 4.36 -6.79 -6.76
N ASN B 667 4.10 -7.54 -5.70
CA ASN B 667 2.96 -7.33 -4.82
C ASN B 667 3.45 -7.19 -3.39
N PHE B 668 2.82 -6.29 -2.64
CA PHE B 668 3.10 -6.10 -1.24
C PHE B 668 1.81 -6.36 -0.46
N GLU B 669 1.96 -7.14 0.60
CA GLU B 669 0.88 -7.61 1.47
C GLU B 669 1.21 -7.25 2.91
N SER B 670 0.19 -6.85 3.66
CA SER B 670 0.36 -6.57 5.08
C SER B 670 -1.01 -6.62 5.73
N ASP B 671 -1.04 -6.54 7.05
CA ASP B 671 -2.32 -6.64 7.75
C ASP B 671 -3.22 -5.45 7.41
N LYS B 672 -2.66 -4.25 7.27
CA LYS B 672 -3.48 -3.07 7.00
C LYS B 672 -3.21 -2.39 5.66
N LEU B 673 -2.24 -2.87 4.88
CA LEU B 673 -1.98 -2.36 3.54
C LEU B 673 -1.86 -3.57 2.61
N LYS B 674 -2.82 -3.74 1.71
CA LYS B 674 -2.90 -4.94 0.90
C LYS B 674 -2.88 -4.65 -0.59
N ALA B 675 -2.41 -5.63 -1.34
CA ALA B 675 -2.42 -5.62 -2.81
C ALA B 675 -1.73 -4.38 -3.39
N VAL B 676 -0.60 -4.00 -2.81
CA VAL B 676 0.16 -2.88 -3.36
C VAL B 676 0.99 -3.38 -4.51
N LYS B 677 0.90 -2.73 -5.67
CA LYS B 677 1.51 -3.25 -6.87
C LYS B 677 2.71 -2.41 -7.31
N GLY B 678 3.64 -3.08 -7.98
CA GLY B 678 4.81 -2.43 -8.56
C GLY B 678 5.29 -3.25 -9.73
N PHE B 679 6.06 -2.61 -10.61
CA PHE B 679 6.61 -3.36 -11.73
C PHE B 679 7.86 -2.65 -12.23
N ARG B 680 8.72 -3.43 -12.87
CA ARG B 680 9.90 -2.84 -13.49
C ARG B 680 10.25 -3.59 -14.78
N ASN B 681 10.57 -2.84 -15.83
CA ASN B 681 11.00 -3.42 -17.10
C ASN B 681 12.48 -3.77 -17.03
N VAL B 682 12.82 -5.03 -17.32
CA VAL B 682 14.19 -5.50 -17.28
C VAL B 682 14.51 -6.12 -18.63
N ILE B 683 15.61 -5.69 -19.24
CA ILE B 683 16.07 -6.25 -20.50
C ILE B 683 17.26 -7.14 -20.19
N ILE B 684 17.15 -8.41 -20.54
CA ILE B 684 18.19 -9.38 -20.27
C ILE B 684 19.06 -9.51 -21.52
N GLY B 685 20.33 -9.15 -21.38
CA GLY B 685 21.28 -9.24 -22.47
C GLY B 685 21.93 -10.61 -22.50
N PRO B 686 22.68 -10.87 -23.57
CA PRO B 686 23.42 -12.14 -23.66
C PRO B 686 24.47 -12.23 -22.57
N ALA B 687 24.71 -13.46 -22.10
CA ALA B 687 25.71 -13.67 -21.06
C ALA B 687 27.06 -13.11 -21.48
N LEU B 688 27.39 -13.21 -22.77
CA LEU B 688 28.61 -12.63 -23.31
C LEU B 688 28.26 -11.91 -24.61
N GLU B 689 28.50 -10.60 -24.65
CA GLU B 689 28.33 -9.83 -25.88
C GLU B 689 29.61 -9.90 -26.70
N HIS B 690 29.46 -9.80 -28.02
CA HIS B 690 30.56 -10.01 -28.94
C HIS B 690 30.64 -8.89 -29.97
N HIS B 691 31.85 -8.63 -30.44
CA HIS B 691 32.13 -7.65 -31.49
C HIS B 691 33.16 -8.26 -32.44
N HIS B 692 33.77 -7.41 -33.27
CA HIS B 692 34.88 -7.79 -34.16
C HIS B 692 34.81 -9.20 -34.74
N MET C 1 75.23 -10.53 -27.61
CA MET C 1 75.14 -11.81 -28.29
C MET C 1 73.72 -12.39 -28.15
N ALA C 2 72.75 -11.48 -28.01
CA ALA C 2 71.33 -11.85 -28.00
C ALA C 2 70.61 -10.94 -28.98
N GLU C 3 69.81 -11.52 -29.88
CA GLU C 3 69.11 -10.69 -30.86
C GLU C 3 68.13 -9.80 -30.11
N GLU C 4 67.94 -8.60 -30.64
CA GLU C 4 67.18 -7.53 -30.01
C GLU C 4 65.71 -7.71 -29.63
N LEU C 5 65.00 -8.50 -30.45
CA LEU C 5 63.57 -8.81 -30.37
C LEU C 5 62.81 -8.02 -31.45
N VAL C 6 62.08 -8.71 -32.33
CA VAL C 6 61.36 -8.01 -33.36
C VAL C 6 59.87 -8.17 -33.19
N LEU C 7 59.19 -7.05 -33.16
CA LEU C 7 57.77 -7.06 -32.98
C LEU C 7 57.03 -7.07 -34.28
N GLU C 8 56.40 -8.19 -34.57
CA GLU C 8 55.60 -8.29 -35.78
C GLU C 8 54.34 -7.44 -35.66
N ARG C 9 53.49 -7.74 -34.68
CA ARG C 9 52.19 -7.10 -34.53
C ARG C 9 51.88 -6.92 -33.05
N CYS C 10 51.21 -5.81 -32.74
CA CYS C 10 50.70 -5.54 -31.40
C CYS C 10 49.18 -5.55 -31.43
N ASP C 11 48.59 -6.41 -30.63
CA ASP C 11 47.14 -6.53 -30.52
C ASP C 11 46.69 -5.80 -29.25
N LEU C 12 45.72 -4.90 -29.40
CA LEU C 12 45.21 -4.10 -28.29
C LEU C 12 43.94 -4.68 -27.70
N GLU C 13 43.58 -5.91 -28.09
CA GLU C 13 42.49 -6.67 -27.50
C GLU C 13 41.22 -5.84 -27.40
N LEU C 14 40.76 -5.36 -28.56
CA LEU C 14 39.66 -4.40 -28.60
C LEU C 14 38.37 -4.97 -28.03
N GLU C 15 38.00 -6.18 -28.45
CA GLU C 15 36.73 -6.73 -27.99
C GLU C 15 36.72 -6.92 -26.47
N THR C 16 37.69 -7.66 -25.94
CA THR C 16 37.72 -7.96 -24.51
C THR C 16 37.91 -6.68 -23.69
N ASN C 17 38.86 -5.83 -24.08
CA ASN C 17 39.10 -4.61 -23.33
C ASN C 17 37.88 -3.71 -23.36
N GLY C 18 37.24 -3.58 -24.52
CA GLY C 18 36.05 -2.77 -24.62
C GLY C 18 34.91 -3.29 -23.75
N ARG C 19 34.73 -4.61 -23.71
CA ARG C 19 33.67 -5.16 -22.87
C ARG C 19 33.98 -4.93 -21.38
N ASP C 20 35.22 -5.18 -20.97
CA ASP C 20 35.57 -5.00 -19.56
C ASP C 20 35.50 -3.54 -19.12
N HIS C 21 35.92 -2.63 -19.98
CA HIS C 21 36.00 -1.22 -19.62
C HIS C 21 34.74 -0.45 -19.98
N HIS C 22 33.69 -1.14 -20.43
CA HIS C 22 32.43 -0.49 -20.77
C HIS C 22 32.64 0.56 -21.86
N THR C 23 33.49 0.24 -22.82
CA THR C 23 33.83 1.11 -23.94
C THR C 23 33.69 0.38 -25.27
N ALA C 24 32.82 -0.63 -25.30
CA ALA C 24 32.72 -1.50 -26.47
C ALA C 24 32.34 -0.72 -27.72
N ASP C 25 31.33 0.15 -27.62
CA ASP C 25 30.94 0.95 -28.78
C ASP C 25 32.05 1.91 -29.20
N LEU C 26 32.78 2.46 -28.23
CA LEU C 26 33.90 3.34 -28.53
C LEU C 26 35.07 2.62 -29.17
N CYS C 27 35.20 1.30 -28.96
CA CYS C 27 36.35 0.56 -29.48
C CYS C 27 36.08 0.12 -30.91
N ARG C 28 36.08 1.12 -31.78
CA ARG C 28 35.91 0.92 -33.21
C ARG C 28 37.25 0.51 -33.82
N GLU C 29 38.20 1.43 -33.88
CA GLU C 29 39.49 1.10 -34.45
C GLU C 29 40.66 1.31 -33.50
N LYS C 30 40.43 2.18 -32.55
CA LYS C 30 41.37 2.54 -31.53
C LYS C 30 40.97 1.88 -30.23
N LEU C 31 41.88 1.83 -29.28
CA LEU C 31 41.56 1.23 -28.01
C LEU C 31 41.13 2.35 -27.07
N VAL C 32 40.00 2.15 -26.40
CA VAL C 32 39.48 3.08 -25.41
C VAL C 32 39.29 2.30 -24.11
N VAL C 33 39.83 2.84 -23.02
CA VAL C 33 39.81 2.18 -21.72
C VAL C 33 39.58 3.25 -20.65
N ARG C 34 39.26 2.80 -19.45
CA ARG C 34 39.00 3.70 -18.34
C ARG C 34 40.06 3.54 -17.25
N ARG C 35 40.45 4.67 -16.66
CA ARG C 35 41.55 4.72 -15.70
C ARG C 35 41.24 3.94 -14.43
N GLY C 36 42.30 3.49 -13.77
CA GLY C 36 42.16 2.75 -12.54
C GLY C 36 41.86 1.28 -12.72
N GLN C 37 41.91 0.79 -13.95
CA GLN C 37 41.53 -0.57 -14.27
C GLN C 37 42.54 -1.19 -15.24
N PRO C 38 42.88 -2.46 -15.06
CA PRO C 38 43.82 -3.11 -15.98
C PRO C 38 43.17 -3.45 -17.30
N PHE C 39 44.00 -3.47 -18.36
CA PHE C 39 43.56 -3.87 -19.68
C PHE C 39 44.61 -4.78 -20.31
N TRP C 40 44.13 -5.74 -21.10
CA TRP C 40 44.97 -6.73 -21.74
C TRP C 40 45.79 -6.14 -22.89
N LEU C 41 46.97 -6.69 -23.10
CA LEU C 41 47.85 -6.34 -24.20
C LEU C 41 48.46 -7.61 -24.74
N THR C 42 48.58 -7.73 -26.06
CA THR C 42 49.17 -8.93 -26.65
C THR C 42 50.27 -8.52 -27.62
N LEU C 43 51.46 -9.09 -27.44
CA LEU C 43 52.61 -8.82 -28.28
C LEU C 43 52.91 -10.05 -29.11
N HIS C 44 53.05 -9.86 -30.41
CA HIS C 44 53.43 -10.92 -31.32
C HIS C 44 54.83 -10.59 -31.82
N PHE C 45 55.74 -11.54 -31.68
CA PHE C 45 57.11 -11.31 -32.08
C PHE C 45 57.47 -12.22 -33.24
N GLU C 46 58.56 -11.86 -33.91
CA GLU C 46 59.01 -12.57 -35.09
C GLU C 46 60.22 -13.40 -34.71
N GLY C 47 60.16 -14.70 -34.98
CA GLY C 47 61.27 -15.58 -34.66
C GLY C 47 61.19 -16.23 -33.29
N ARG C 48 61.36 -15.43 -32.24
CA ARG C 48 61.47 -15.91 -30.88
C ARG C 48 60.54 -15.15 -29.94
N ASN C 49 60.17 -15.81 -28.85
CA ASN C 49 59.38 -15.20 -27.79
C ASN C 49 60.27 -14.38 -26.86
N TYR C 50 59.63 -13.56 -26.04
CA TYR C 50 60.33 -12.78 -25.02
C TYR C 50 60.95 -13.71 -23.98
N GLU C 51 62.20 -13.41 -23.60
CA GLU C 51 62.92 -14.20 -22.59
C GLU C 51 63.23 -13.33 -21.39
N ALA C 52 62.74 -13.71 -20.21
CA ALA C 52 63.05 -12.94 -19.01
C ALA C 52 64.54 -12.94 -18.73
N SER C 53 65.23 -14.03 -19.05
CA SER C 53 66.66 -14.13 -18.82
C SER C 53 67.42 -13.11 -19.66
N VAL C 54 67.08 -12.99 -20.94
CA VAL C 54 67.82 -12.14 -21.85
C VAL C 54 67.15 -10.82 -22.19
N ASP C 55 65.86 -10.66 -21.89
CA ASP C 55 65.14 -9.46 -22.33
C ASP C 55 64.69 -8.58 -21.17
N SER C 56 64.86 -7.28 -21.37
CA SER C 56 64.40 -6.25 -20.44
C SER C 56 63.51 -5.30 -21.22
N LEU C 57 62.27 -5.13 -20.76
CA LEU C 57 61.27 -4.33 -21.44
C LEU C 57 60.79 -3.21 -20.56
N THR C 58 60.76 -1.98 -21.10
CA THR C 58 60.25 -0.83 -20.38
C THR C 58 59.17 -0.14 -21.22
N PHE C 59 58.04 0.19 -20.60
CA PHE C 59 56.94 0.86 -21.25
C PHE C 59 56.95 2.33 -20.90
N SER C 60 56.50 3.14 -21.84
CA SER C 60 56.31 4.57 -21.69
C SER C 60 54.95 4.93 -22.24
N VAL C 61 54.26 5.81 -21.54
CA VAL C 61 52.94 6.30 -21.92
C VAL C 61 53.03 7.81 -21.83
N VAL C 62 52.50 8.48 -22.84
CA VAL C 62 52.67 9.92 -22.96
C VAL C 62 51.38 10.52 -23.52
N THR C 63 50.94 11.68 -22.99
CA THR C 63 49.67 12.15 -23.58
C THR C 63 49.67 13.59 -24.06
N GLY C 64 50.25 14.52 -23.32
CA GLY C 64 50.17 15.92 -23.66
C GLY C 64 51.16 16.31 -24.74
N PRO C 65 51.03 17.56 -25.22
CA PRO C 65 52.08 18.11 -26.08
C PRO C 65 53.39 18.34 -25.34
N ALA C 66 53.33 18.59 -24.03
CA ALA C 66 54.51 18.81 -23.19
C ALA C 66 54.45 17.83 -22.04
N PRO C 67 54.71 16.56 -22.33
CA PRO C 67 54.56 15.50 -21.32
C PRO C 67 55.58 15.59 -20.21
N SER C 68 55.13 15.38 -18.98
CA SER C 68 56.01 15.42 -17.83
C SER C 68 55.61 14.36 -16.80
N GLN C 69 56.60 13.73 -16.19
CA GLN C 69 56.33 12.81 -15.09
C GLN C 69 55.83 13.57 -13.87
N GLU C 70 56.34 14.79 -13.67
CA GLU C 70 55.88 15.61 -12.56
C GLU C 70 54.42 15.99 -12.75
N ALA C 71 54.03 16.28 -14.00
CA ALA C 71 52.65 16.65 -14.30
C ALA C 71 51.69 15.46 -14.26
N GLY C 72 52.20 14.24 -14.32
CA GLY C 72 51.36 13.08 -14.46
C GLY C 72 51.08 12.74 -15.91
N THR C 73 51.62 13.53 -16.84
CA THR C 73 51.42 13.37 -18.27
C THR C 73 52.30 12.30 -18.89
N LYS C 74 53.37 11.88 -18.22
CA LYS C 74 54.28 10.88 -18.75
C LYS C 74 54.56 9.83 -17.69
N ALA C 75 54.72 8.58 -18.12
CA ALA C 75 55.05 7.52 -17.17
C ALA C 75 55.85 6.42 -17.87
N ARG C 76 56.92 5.96 -17.24
CA ARG C 76 57.70 4.83 -17.71
C ARG C 76 57.76 3.79 -16.60
N PHE C 77 57.41 2.56 -16.94
CA PHE C 77 57.31 1.46 -15.99
C PHE C 77 57.81 0.18 -16.63
N PRO C 78 58.40 -0.74 -15.85
CA PRO C 78 58.99 -1.94 -16.45
C PRO C 78 58.06 -3.16 -16.48
N LEU C 79 58.33 -4.09 -17.39
CA LEU C 79 57.59 -5.35 -17.41
C LEU C 79 57.97 -6.20 -16.20
N ARG C 80 56.97 -6.86 -15.59
CA ARG C 80 57.23 -7.64 -14.39
C ARG C 80 56.22 -8.77 -14.24
N ASP C 81 56.34 -9.46 -13.12
CA ASP C 81 55.38 -10.41 -12.60
C ASP C 81 54.81 -9.99 -11.23
N ALA C 82 55.50 -9.08 -10.57
CA ALA C 82 55.19 -8.54 -9.25
C ALA C 82 53.89 -7.77 -9.13
N VAL C 83 53.57 -6.99 -10.15
CA VAL C 83 52.35 -6.16 -10.21
C VAL C 83 52.27 -5.09 -9.13
N GLU C 84 53.39 -4.53 -8.73
CA GLU C 84 53.33 -3.44 -7.80
C GLU C 84 54.29 -2.33 -8.13
N GLU C 85 54.18 -1.78 -9.33
CA GLU C 85 55.01 -0.66 -9.68
C GLU C 85 54.56 0.42 -8.73
N GLY C 86 53.25 0.50 -8.55
CA GLY C 86 52.60 1.43 -7.65
C GLY C 86 51.55 2.31 -8.27
N ASP C 87 51.72 2.67 -9.54
CA ASP C 87 50.74 3.50 -10.25
C ASP C 87 50.53 3.05 -11.69
N TRP C 88 51.59 3.01 -12.49
CA TRP C 88 51.53 2.44 -13.83
C TRP C 88 52.29 1.13 -13.79
N THR C 89 51.63 0.03 -14.17
CA THR C 89 52.23 -1.30 -14.07
C THR C 89 51.99 -2.12 -15.33
N ALA C 90 52.97 -2.96 -15.67
CA ALA C 90 52.87 -3.92 -16.77
C ALA C 90 53.37 -5.27 -16.29
N THR C 91 52.56 -6.31 -16.44
CA THR C 91 52.97 -7.63 -15.96
C THR C 91 52.62 -8.73 -16.94
N VAL C 92 53.47 -9.76 -16.97
CA VAL C 92 53.28 -10.91 -17.83
C VAL C 92 52.11 -11.75 -17.34
N VAL C 93 51.19 -12.08 -18.24
CA VAL C 93 50.06 -12.94 -17.93
C VAL C 93 50.28 -14.33 -18.52
N ASP C 94 50.67 -14.40 -19.79
CA ASP C 94 50.84 -15.70 -20.43
C ASP C 94 51.93 -15.61 -21.49
N GLN C 95 52.55 -16.76 -21.77
CA GLN C 95 53.53 -16.85 -22.86
C GLN C 95 53.22 -18.09 -23.69
N GLN C 96 53.04 -17.88 -24.99
CA GLN C 96 52.75 -18.98 -25.90
C GLN C 96 53.37 -18.63 -27.24
N ASP C 97 54.12 -19.57 -27.85
CA ASP C 97 54.72 -19.26 -29.15
C ASP C 97 55.58 -18.00 -29.14
N CYS C 98 55.30 -17.06 -30.05
CA CYS C 98 56.00 -15.79 -30.12
C CYS C 98 55.11 -14.69 -29.60
N THR C 99 54.15 -15.07 -28.75
CA THR C 99 53.14 -14.18 -28.21
C THR C 99 53.31 -14.06 -26.69
N LEU C 100 53.28 -12.82 -26.25
CA LEU C 100 53.38 -12.42 -24.85
C LEU C 100 52.08 -11.73 -24.47
N SER C 101 51.39 -12.26 -23.47
CA SER C 101 50.14 -11.69 -23.00
C SER C 101 50.40 -10.93 -21.71
N LEU C 102 50.13 -9.62 -21.74
CA LEU C 102 50.45 -8.64 -20.70
C LEU C 102 49.17 -8.03 -20.13
N GLN C 103 49.28 -7.51 -18.91
CA GLN C 103 48.24 -6.69 -18.30
C GLN C 103 48.83 -5.34 -17.93
N LEU C 104 48.20 -4.27 -18.39
CA LEU C 104 48.66 -2.93 -18.09
C LEU C 104 47.61 -2.23 -17.21
N THR C 105 48.08 -1.55 -16.17
CA THR C 105 47.18 -0.88 -15.24
C THR C 105 47.52 0.60 -15.19
N THR C 106 46.50 1.42 -15.00
CA THR C 106 46.62 2.86 -14.95
C THR C 106 46.10 3.38 -13.60
N PRO C 107 46.62 4.51 -13.13
CA PRO C 107 46.14 5.05 -11.85
C PRO C 107 44.73 5.59 -11.96
N ALA C 108 44.04 5.60 -10.81
CA ALA C 108 42.67 6.10 -10.77
C ALA C 108 42.60 7.61 -10.92
N ASN C 109 43.71 8.31 -10.74
CA ASN C 109 43.76 9.76 -10.90
C ASN C 109 44.55 10.16 -12.13
N ALA C 110 44.77 9.24 -13.06
CA ALA C 110 45.50 9.56 -14.27
C ALA C 110 44.75 10.59 -15.09
N PRO C 111 45.44 11.52 -15.74
CA PRO C 111 44.75 12.47 -16.63
C PRO C 111 44.14 11.76 -17.82
N ILE C 112 42.94 12.19 -18.20
CA ILE C 112 42.25 11.59 -19.33
C ILE C 112 42.78 12.19 -20.63
N GLY C 113 42.70 11.41 -21.69
CA GLY C 113 43.11 11.89 -23.00
C GLY C 113 43.70 10.77 -23.81
N LEU C 114 44.19 11.15 -24.99
CA LEU C 114 44.84 10.21 -25.90
C LEU C 114 46.27 9.98 -25.46
N TYR C 115 46.69 8.71 -25.49
CA TYR C 115 48.03 8.34 -25.03
C TYR C 115 48.78 7.61 -26.14
N ARG C 116 50.08 7.86 -26.17
CA ARG C 116 51.02 7.14 -27.02
C ARG C 116 51.73 6.12 -26.13
N LEU C 117 51.71 4.87 -26.59
CA LEU C 117 52.30 3.77 -25.85
C LEU C 117 53.55 3.31 -26.59
N SER C 118 54.68 3.43 -25.91
CA SER C 118 55.96 3.09 -26.47
C SER C 118 56.64 1.99 -25.67
N LEU C 119 57.26 1.07 -26.38
CA LEU C 119 57.97 -0.01 -25.74
C LEU C 119 59.43 0.03 -26.10
N GLU C 120 60.32 -0.04 -25.12
CA GLU C 120 61.72 -0.13 -25.44
C GLU C 120 62.29 -1.44 -24.92
N ALA C 121 62.86 -2.22 -25.82
CA ALA C 121 63.43 -3.51 -25.48
C ALA C 121 64.91 -3.33 -25.14
N SER C 122 65.59 -4.41 -24.83
CA SER C 122 66.99 -4.25 -24.45
C SER C 122 67.81 -5.41 -24.96
N THR C 123 67.79 -6.52 -24.23
CA THR C 123 68.82 -7.55 -24.31
C THR C 123 70.15 -6.97 -23.88
N GLY C 124 71.21 -7.36 -24.57
CA GLY C 124 72.45 -6.67 -24.39
C GLY C 124 72.28 -5.26 -24.93
N TYR C 125 72.37 -5.14 -26.26
CA TYR C 125 72.35 -3.85 -26.93
C TYR C 125 71.10 -3.06 -26.58
N GLN C 126 71.30 -1.78 -26.25
CA GLN C 126 70.17 -0.90 -25.95
C GLN C 126 69.14 -0.98 -27.07
N GLY C 127 67.91 -1.37 -26.72
CA GLY C 127 66.96 -1.83 -27.70
C GLY C 127 66.31 -0.76 -28.56
N SER C 128 66.26 0.48 -28.08
CA SER C 128 65.66 1.64 -28.76
C SER C 128 64.14 1.62 -28.64
N SER C 129 63.53 2.80 -28.76
CA SER C 129 62.13 3.05 -28.44
C SER C 129 61.24 2.93 -29.67
N PHE C 130 60.12 2.28 -29.54
CA PHE C 130 59.19 2.22 -30.62
C PHE C 130 57.77 2.35 -30.10
N VAL C 131 56.88 2.66 -31.01
CA VAL C 131 55.47 2.87 -30.67
C VAL C 131 54.64 1.63 -30.95
N LEU C 132 54.08 1.00 -29.90
CA LEU C 132 53.16 -0.11 -30.10
C LEU C 132 51.82 0.40 -30.61
N GLY C 133 51.35 1.54 -30.11
CA GLY C 133 50.07 2.07 -30.54
C GLY C 133 49.60 3.21 -29.65
N HIS C 134 48.30 3.48 -29.73
CA HIS C 134 47.66 4.56 -28.99
C HIS C 134 46.43 4.02 -28.27
N PHE C 135 46.05 4.71 -27.20
CA PHE C 135 44.82 4.39 -26.50
C PHE C 135 44.28 5.67 -25.87
N ILE C 136 42.97 5.71 -25.68
CA ILE C 136 42.30 6.85 -25.06
C ILE C 136 41.83 6.41 -23.68
N LEU C 137 42.16 7.21 -22.67
CA LEU C 137 41.86 6.91 -21.28
C LEU C 137 40.76 7.84 -20.80
N LEU C 138 39.73 7.27 -20.19
CA LEU C 138 38.56 8.03 -19.77
C LEU C 138 38.31 7.84 -18.29
N PHE C 139 37.44 8.69 -17.75
CA PHE C 139 37.02 8.56 -16.36
C PHE C 139 36.29 7.24 -16.17
N ASN C 140 36.45 6.66 -14.99
CA ASN C 140 35.90 5.33 -14.69
C ASN C 140 34.89 5.46 -13.55
N ALA C 141 33.60 5.40 -13.90
CA ALA C 141 32.57 5.40 -12.87
C ALA C 141 32.51 4.07 -12.13
N TRP C 142 33.03 3.01 -12.74
CA TRP C 142 33.07 1.69 -12.13
C TRP C 142 34.21 1.51 -11.13
N CYS C 143 35.24 2.36 -11.17
CA CYS C 143 36.41 2.19 -10.32
C CYS C 143 36.21 2.90 -8.99
N PRO C 144 36.25 2.18 -7.86
CA PRO C 144 36.00 2.83 -6.56
C PRO C 144 37.03 3.88 -6.22
N ALA C 145 38.28 3.71 -6.64
CA ALA C 145 39.31 4.70 -6.40
C ALA C 145 39.05 5.98 -7.20
N ASP C 146 38.37 5.89 -8.33
CA ASP C 146 38.12 7.05 -9.16
C ASP C 146 37.20 8.05 -8.48
N ALA C 147 37.42 9.33 -8.77
CA ALA C 147 36.64 10.40 -8.18
C ALA C 147 35.18 10.37 -8.64
N VAL C 148 34.91 9.84 -9.83
CA VAL C 148 33.57 9.86 -10.40
C VAL C 148 32.84 8.55 -10.11
N TYR C 149 33.35 7.79 -9.14
CA TYR C 149 32.82 6.46 -8.88
C TYR C 149 31.34 6.49 -8.46
N LEU C 150 30.57 5.60 -9.07
CA LEU C 150 29.17 5.38 -8.72
C LEU C 150 29.02 3.92 -8.30
N ASP C 151 28.53 3.70 -7.08
CA ASP C 151 28.35 2.35 -6.57
C ASP C 151 27.22 1.59 -7.25
N SER C 152 26.25 2.29 -7.84
CA SER C 152 25.10 1.65 -8.46
C SER C 152 25.32 1.39 -9.94
N GLU C 153 25.14 0.14 -10.37
CA GLU C 153 25.24 -0.20 -11.79
C GLU C 153 24.13 0.45 -12.59
N GLU C 154 22.92 0.54 -12.02
CA GLU C 154 21.81 1.19 -12.71
C GLU C 154 22.16 2.63 -13.04
N GLU C 155 22.70 3.35 -12.05
CA GLU C 155 23.06 4.74 -12.24
C GLU C 155 24.23 4.89 -13.19
N ARG C 156 25.18 3.95 -13.16
CA ARG C 156 26.27 4.00 -14.13
C ARG C 156 25.73 3.88 -15.55
N GLN C 157 24.79 2.95 -15.75
CA GLN C 157 24.18 2.77 -17.06
C GLN C 157 23.45 4.03 -17.51
N GLU C 158 22.63 4.60 -16.63
CA GLU C 158 21.84 5.76 -17.01
C GLU C 158 22.72 6.98 -17.29
N TYR C 159 23.63 7.30 -16.37
CA TYR C 159 24.37 8.55 -16.42
C TYR C 159 25.67 8.50 -17.22
N VAL C 160 26.11 7.33 -17.68
CA VAL C 160 27.33 7.23 -18.48
C VAL C 160 27.05 6.57 -19.83
N LEU C 161 26.39 5.41 -19.82
CA LEU C 161 26.28 4.60 -21.04
C LEU C 161 25.02 4.86 -21.86
N THR C 162 23.92 5.32 -21.27
CA THR C 162 22.67 5.44 -22.02
C THR C 162 22.74 6.62 -22.97
N GLN C 163 22.53 6.36 -24.26
CA GLN C 163 22.73 7.35 -25.30
C GLN C 163 21.49 8.16 -25.67
N GLN C 164 20.32 7.83 -25.12
CA GLN C 164 19.12 8.61 -25.37
C GLN C 164 18.48 9.00 -24.04
N GLY C 165 17.74 10.09 -24.03
CA GLY C 165 17.13 10.56 -22.81
C GLY C 165 16.05 11.58 -23.06
N PHE C 166 15.70 12.30 -22.00
CA PHE C 166 14.64 13.30 -22.07
C PHE C 166 15.12 14.64 -21.54
N ILE C 167 14.60 15.70 -22.17
CA ILE C 167 14.76 17.08 -21.71
C ILE C 167 13.37 17.57 -21.34
N TYR C 168 13.21 18.12 -20.15
CA TYR C 168 11.89 18.52 -19.71
C TYR C 168 11.65 19.98 -20.04
N GLN C 169 10.58 20.22 -20.81
CA GLN C 169 10.16 21.53 -21.27
C GLN C 169 8.67 21.71 -20.97
N GLY C 170 8.00 22.49 -21.81
CA GLY C 170 6.59 22.79 -21.57
C GLY C 170 6.47 23.75 -20.42
N SER C 171 5.57 23.46 -19.49
CA SER C 171 5.31 24.34 -18.36
C SER C 171 5.27 23.51 -17.07
N ALA C 172 5.42 24.22 -15.95
CA ALA C 172 5.35 23.54 -14.66
C ALA C 172 4.01 22.87 -14.45
N LYS C 173 2.93 23.50 -14.93
CA LYS C 173 1.61 22.90 -14.87
C LYS C 173 1.48 21.74 -15.86
N PHE C 174 2.22 21.78 -16.98
CA PHE C 174 2.13 20.77 -18.04
C PHE C 174 3.56 20.44 -18.49
N ILE C 175 4.23 19.59 -17.73
CA ILE C 175 5.59 19.20 -18.05
C ILE C 175 5.61 18.33 -19.31
N LYS C 176 6.54 18.61 -20.21
CA LYS C 176 6.70 17.89 -21.46
C LYS C 176 8.07 17.24 -21.50
N ASN C 177 8.14 16.00 -21.97
CA ASN C 177 9.41 15.28 -22.07
C ASN C 177 9.80 15.19 -23.54
N ILE C 178 10.87 15.89 -23.90
CA ILE C 178 11.37 15.96 -25.26
C ILE C 178 12.44 14.90 -25.44
N PRO C 179 12.30 14.01 -26.42
CA PRO C 179 13.35 13.00 -26.66
C PRO C 179 14.62 13.62 -27.17
N TRP C 180 15.75 13.03 -26.75
CA TRP C 180 17.06 13.53 -27.17
C TRP C 180 18.00 12.36 -27.42
N ASN C 181 18.77 12.45 -28.50
CA ASN C 181 19.78 11.47 -28.85
C ASN C 181 21.14 12.05 -28.46
N PHE C 182 21.62 11.67 -27.27
CA PHE C 182 22.94 12.13 -26.84
C PHE C 182 24.03 11.56 -27.73
N GLY C 183 23.92 10.28 -28.09
CA GLY C 183 24.83 9.67 -29.05
C GLY C 183 26.30 9.86 -28.71
N GLN C 184 26.65 9.74 -27.43
CA GLN C 184 28.03 9.96 -27.02
C GLN C 184 28.99 8.96 -27.65
N PHE C 185 28.51 7.75 -27.97
CA PHE C 185 29.37 6.72 -28.54
C PHE C 185 29.22 6.57 -30.04
N GLU C 186 28.58 7.53 -30.72
CA GLU C 186 28.54 7.47 -32.17
C GLU C 186 29.92 7.79 -32.74
N ASP C 187 30.13 7.43 -34.00
CA ASP C 187 31.46 7.52 -34.60
C ASP C 187 31.96 8.96 -34.62
N GLY C 188 33.20 9.14 -34.15
CA GLY C 188 33.85 10.44 -34.16
C GLY C 188 33.51 11.38 -33.02
N ILE C 189 32.53 11.03 -32.18
CA ILE C 189 32.13 11.94 -31.10
C ILE C 189 33.24 12.07 -30.06
N LEU C 190 33.90 10.96 -29.73
CA LEU C 190 34.99 11.00 -28.76
C LEU C 190 36.14 11.88 -29.27
N ASP C 191 36.49 11.74 -30.55
CA ASP C 191 37.55 12.55 -31.14
C ASP C 191 37.19 14.03 -31.10
N ILE C 192 35.93 14.36 -31.40
CA ILE C 192 35.49 15.75 -31.36
C ILE C 192 35.55 16.30 -29.94
N CYS C 193 35.20 15.46 -28.96
CA CYS C 193 35.29 15.88 -27.56
C CYS C 193 36.74 16.17 -27.19
N LEU C 194 37.66 15.33 -27.65
CA LEU C 194 39.07 15.57 -27.41
C LEU C 194 39.52 16.88 -28.06
N ILE C 195 39.03 17.16 -29.27
CA ILE C 195 39.34 18.42 -29.94
C ILE C 195 38.81 19.59 -29.11
N LEU C 196 37.60 19.44 -28.57
CA LEU C 196 37.01 20.49 -27.75
C LEU C 196 37.84 20.78 -26.52
N LEU C 197 38.37 19.73 -25.88
CA LEU C 197 39.29 19.96 -24.78
C LEU C 197 40.55 20.67 -25.27
N ASP C 198 41.08 20.23 -26.43
CA ASP C 198 42.33 20.76 -26.95
C ASP C 198 42.22 22.20 -27.45
N VAL C 199 41.03 22.67 -27.85
CA VAL C 199 40.92 24.05 -28.31
C VAL C 199 40.38 24.97 -27.21
N ASN C 200 40.29 24.47 -25.97
CA ASN C 200 39.80 25.31 -24.89
C ASN C 200 40.88 26.33 -24.51
N PRO C 201 40.49 27.48 -23.96
CA PRO C 201 41.46 28.57 -23.74
C PRO C 201 42.63 28.20 -22.85
N LYS C 202 42.38 27.44 -21.77
CA LYS C 202 43.47 27.09 -20.86
C LYS C 202 44.50 26.22 -21.55
N PHE C 203 44.07 25.39 -22.51
CA PHE C 203 45.03 24.61 -23.30
C PHE C 203 45.92 25.51 -24.13
N LEU C 204 45.34 26.53 -24.78
CA LEU C 204 46.16 27.42 -25.57
C LEU C 204 47.14 28.18 -24.70
N LYS C 205 46.71 28.60 -23.51
CA LYS C 205 47.61 29.37 -22.65
C LYS C 205 48.79 28.52 -22.16
N ASN C 206 48.50 27.36 -21.62
CA ASN C 206 49.57 26.56 -21.10
C ASN C 206 49.76 25.17 -21.66
N ALA C 207 48.72 24.56 -22.20
CA ALA C 207 48.78 23.20 -22.80
C ALA C 207 49.15 22.03 -21.88
N GLY C 208 50.37 22.02 -21.38
CA GLY C 208 50.84 21.00 -20.47
C GLY C 208 50.11 21.04 -19.17
N ARG C 209 49.84 22.25 -18.71
CA ARG C 209 49.12 22.49 -17.48
C ARG C 209 47.72 21.97 -17.63
N ASP C 210 47.14 22.22 -18.80
CA ASP C 210 45.78 21.80 -19.06
C ASP C 210 45.67 20.32 -19.06
N CYS C 211 46.60 19.67 -19.72
CA CYS C 211 46.66 18.22 -19.82
C CYS C 211 46.88 17.58 -18.46
N SER C 212 47.74 18.17 -17.63
CA SER C 212 47.97 17.64 -16.29
C SER C 212 46.69 17.72 -15.47
N ARG C 213 45.97 18.83 -15.58
CA ARG C 213 44.78 19.10 -14.81
C ARG C 213 43.55 18.36 -15.34
N ARG C 214 43.69 17.68 -16.48
CA ARG C 214 42.61 16.83 -16.96
C ARG C 214 42.41 15.58 -16.12
N SER C 215 43.23 15.37 -15.09
CA SER C 215 43.00 14.29 -14.15
C SER C 215 41.77 14.52 -13.29
N SER C 216 41.32 15.77 -13.20
CA SER C 216 40.24 16.15 -12.29
C SER C 216 38.93 16.24 -13.04
N PRO C 217 37.88 15.58 -12.55
CA PRO C 217 36.55 15.76 -13.15
C PRO C 217 36.02 17.17 -12.98
N VAL C 218 36.39 17.86 -11.89
CA VAL C 218 35.99 19.24 -11.70
C VAL C 218 36.54 20.12 -12.83
N TYR C 219 37.83 19.97 -13.12
CA TYR C 219 38.48 20.78 -14.14
C TYR C 219 37.88 20.50 -15.52
N VAL C 220 37.74 19.22 -15.86
CA VAL C 220 37.19 18.86 -17.17
C VAL C 220 35.74 19.34 -17.29
N GLY C 221 34.98 19.25 -16.21
CA GLY C 221 33.62 19.75 -16.24
C GLY C 221 33.57 21.24 -16.52
N ARG C 222 34.44 22.00 -15.85
CA ARG C 222 34.47 23.45 -16.09
C ARG C 222 34.81 23.74 -17.55
N VAL C 223 35.81 23.03 -18.07
CA VAL C 223 36.27 23.28 -19.44
C VAL C 223 35.14 22.99 -20.43
N VAL C 224 34.49 21.83 -20.30
CA VAL C 224 33.44 21.47 -21.24
C VAL C 224 32.28 22.46 -21.16
N SER C 225 31.86 22.81 -19.94
CA SER C 225 30.75 23.73 -19.76
C SER C 225 31.04 25.07 -20.43
N GLY C 226 32.26 25.57 -20.25
CA GLY C 226 32.62 26.81 -20.91
C GLY C 226 32.69 26.68 -22.42
N MET C 227 33.17 25.54 -22.91
CA MET C 227 33.35 25.37 -24.34
C MET C 227 32.03 25.31 -25.10
N VAL C 228 30.95 24.86 -24.46
CA VAL C 228 29.70 24.67 -25.21
C VAL C 228 29.21 25.99 -25.80
N ASN C 229 29.10 27.05 -24.97
CA ASN C 229 28.59 28.31 -25.50
C ASN C 229 29.42 29.54 -25.13
N CYS C 230 30.01 29.58 -23.93
CA CYS C 230 30.68 30.80 -23.48
C CYS C 230 31.82 31.23 -24.39
N ASN C 231 32.56 30.29 -24.96
CA ASN C 231 33.75 30.64 -25.72
C ASN C 231 33.35 31.45 -26.95
N ASP C 232 33.85 32.69 -27.01
CA ASP C 232 33.56 33.54 -28.15
C ASP C 232 34.29 33.07 -29.41
N ASP C 233 35.50 32.56 -29.26
CA ASP C 233 36.28 32.16 -30.43
C ASP C 233 35.83 30.80 -30.97
N GLN C 234 35.70 29.80 -30.09
CA GLN C 234 35.56 28.41 -30.52
C GLN C 234 34.35 27.69 -29.90
N GLY C 235 33.33 28.43 -29.48
CA GLY C 235 32.18 27.80 -28.86
C GLY C 235 31.48 26.84 -29.82
N VAL C 236 30.86 25.80 -29.26
CA VAL C 236 30.16 24.83 -30.09
C VAL C 236 28.89 25.44 -30.70
N LEU C 237 28.15 26.21 -29.93
CA LEU C 237 26.87 26.74 -30.36
C LEU C 237 26.81 28.25 -30.16
N LEU C 238 26.05 28.90 -31.03
CA LEU C 238 25.74 30.32 -30.94
C LEU C 238 24.29 30.47 -30.54
N GLY C 239 24.01 31.28 -29.52
CA GLY C 239 22.65 31.41 -29.01
C GLY C 239 21.91 32.58 -29.56
N ARG C 240 20.68 32.33 -30.04
CA ARG C 240 19.76 33.37 -30.51
C ARG C 240 18.38 33.08 -29.93
N TRP C 241 17.70 34.12 -29.46
CA TRP C 241 16.45 33.98 -28.73
C TRP C 241 15.29 34.80 -29.28
N ASP C 242 15.44 35.43 -30.44
CA ASP C 242 14.46 36.39 -30.96
C ASP C 242 13.41 35.78 -31.90
N ASN C 243 13.40 34.46 -32.08
CA ASN C 243 12.46 33.69 -32.93
C ASN C 243 12.77 33.80 -34.41
N ASN C 244 13.95 34.31 -34.77
CA ASN C 244 14.41 34.42 -36.15
C ASN C 244 15.60 33.48 -36.36
N TYR C 245 15.33 32.26 -36.82
CA TYR C 245 16.39 31.26 -37.02
C TYR C 245 16.47 30.80 -38.48
N GLY C 246 16.04 31.66 -39.41
CA GLY C 246 15.96 31.24 -40.81
C GLY C 246 17.31 30.86 -41.41
N ASP C 247 18.37 31.55 -41.01
CA ASP C 247 19.70 31.33 -41.58
C ASP C 247 20.45 30.20 -40.89
N GLY C 248 19.81 29.49 -39.97
CA GLY C 248 20.41 28.39 -39.26
C GLY C 248 19.41 27.32 -38.90
N VAL C 249 19.73 26.49 -37.92
CA VAL C 249 18.82 25.49 -37.41
C VAL C 249 18.21 26.05 -36.13
N SER C 250 16.89 26.02 -36.04
CA SER C 250 16.23 26.56 -34.86
C SER C 250 16.58 25.71 -33.64
N PRO C 251 16.68 26.33 -32.47
CA PRO C 251 17.08 25.56 -31.27
C PRO C 251 16.15 24.40 -30.98
N MET C 252 14.84 24.59 -31.17
CA MET C 252 13.87 23.53 -30.94
C MET C 252 13.99 22.40 -31.96
N SER C 253 14.59 22.66 -33.13
CA SER C 253 14.65 21.65 -34.17
C SER C 253 15.57 20.47 -33.82
N TRP C 254 16.62 20.72 -33.04
CA TRP C 254 17.59 19.67 -32.76
C TRP C 254 16.93 18.50 -32.03
N ILE C 255 17.30 17.28 -32.43
CA ILE C 255 16.88 16.06 -31.78
C ILE C 255 18.02 15.30 -31.14
N GLY C 256 19.25 15.82 -31.26
CA GLY C 256 20.40 15.15 -30.68
C GLY C 256 21.60 16.06 -30.65
N SER C 257 22.58 15.68 -29.84
CA SER C 257 23.83 16.41 -29.75
C SER C 257 24.79 16.06 -30.88
N VAL C 258 24.62 14.90 -31.52
CA VAL C 258 25.62 14.38 -32.45
C VAL C 258 25.77 15.32 -33.64
N ASP C 259 24.65 15.72 -34.26
CA ASP C 259 24.73 16.57 -35.44
C ASP C 259 25.37 17.91 -35.11
N ILE C 260 25.09 18.45 -33.93
CA ILE C 260 25.68 19.73 -33.54
C ILE C 260 27.20 19.63 -33.46
N LEU C 261 27.69 18.60 -32.75
CA LEU C 261 29.13 18.43 -32.59
C LEU C 261 29.80 18.19 -33.93
N ARG C 262 29.17 17.37 -34.78
CA ARG C 262 29.75 17.08 -36.08
C ARG C 262 29.78 18.32 -36.97
N ARG C 263 28.72 19.13 -36.95
CA ARG C 263 28.71 20.38 -37.69
C ARG C 263 29.78 21.33 -37.20
N TRP C 264 29.95 21.40 -35.88
CA TRP C 264 30.95 22.30 -35.32
C TRP C 264 32.34 21.91 -35.81
N LYS C 265 32.71 20.64 -35.63
CA LYS C 265 34.04 20.20 -36.02
C LYS C 265 34.25 20.31 -37.52
N ASN C 266 33.25 19.93 -38.32
CA ASN C 266 33.41 19.87 -39.77
C ASN C 266 33.63 21.24 -40.41
N HIS C 267 33.33 22.32 -39.72
CA HIS C 267 33.48 23.66 -40.28
C HIS C 267 34.62 24.42 -39.62
N GLY C 268 35.73 23.73 -39.35
CA GLY C 268 36.81 24.39 -38.63
C GLY C 268 36.37 24.85 -37.25
N CYS C 269 35.49 24.08 -36.60
CA CYS C 269 35.02 24.37 -35.27
C CYS C 269 34.34 25.73 -35.18
N GLN C 270 33.59 26.13 -36.22
CA GLN C 270 32.83 27.36 -36.05
C GLN C 270 31.59 27.10 -35.21
N ARG C 271 31.19 28.12 -34.45
CA ARG C 271 30.04 27.97 -33.61
C ARG C 271 28.91 27.58 -34.50
N VAL C 272 28.20 26.55 -34.08
CA VAL C 272 27.04 26.03 -34.82
C VAL C 272 25.84 26.95 -34.58
N LYS C 273 25.06 27.18 -35.63
CA LYS C 273 24.08 28.24 -35.58
C LYS C 273 22.82 27.83 -34.83
N TYR C 274 22.63 28.45 -33.67
CA TYR C 274 21.41 28.53 -32.87
C TYR C 274 21.12 27.34 -31.97
N GLY C 275 21.39 27.59 -30.70
CA GLY C 275 21.00 26.70 -29.62
C GLY C 275 20.53 27.55 -28.47
N GLN C 276 19.80 26.92 -27.55
CA GLN C 276 19.36 27.62 -26.36
C GLN C 276 19.78 26.82 -25.13
N CYS C 277 19.30 27.19 -23.94
CA CYS C 277 19.88 26.64 -22.71
C CYS C 277 19.81 25.11 -22.68
N TRP C 278 18.67 24.52 -23.03
CA TRP C 278 18.60 23.07 -23.04
C TRP C 278 19.52 22.47 -24.10
N VAL C 279 19.72 23.16 -25.22
CA VAL C 279 20.65 22.66 -26.23
C VAL C 279 22.07 22.67 -25.68
N PHE C 280 22.44 23.75 -24.97
CA PHE C 280 23.77 23.81 -24.37
C PHE C 280 23.94 22.68 -23.37
N ALA C 281 22.94 22.47 -22.51
CA ALA C 281 22.99 21.43 -21.49
C ALA C 281 23.09 20.05 -22.12
N ALA C 282 22.31 19.79 -23.17
CA ALA C 282 22.33 18.47 -23.80
C ALA C 282 23.67 18.18 -24.45
N VAL C 283 24.25 19.16 -25.15
CA VAL C 283 25.56 18.95 -25.76
C VAL C 283 26.62 18.74 -24.69
N ALA C 284 26.56 19.53 -23.62
CA ALA C 284 27.50 19.35 -22.51
C ALA C 284 27.35 17.97 -21.88
N CYS C 285 26.11 17.50 -21.73
CA CYS C 285 25.87 16.18 -21.19
C CYS C 285 26.46 15.11 -22.09
N THR C 286 26.32 15.27 -23.41
CA THR C 286 26.91 14.30 -24.33
C THR C 286 28.43 14.24 -24.17
N VAL C 287 29.07 15.41 -24.12
CA VAL C 287 30.53 15.43 -24.01
C VAL C 287 30.98 14.81 -22.69
N LEU C 288 30.34 15.20 -21.59
CA LEU C 288 30.73 14.67 -20.27
C LEU C 288 30.49 13.17 -20.19
N ARG C 289 29.36 12.69 -20.70
CA ARG C 289 29.09 11.25 -20.70
C ARG C 289 30.12 10.51 -21.55
N CYS C 290 30.48 11.08 -22.70
CA CYS C 290 31.50 10.45 -23.54
C CYS C 290 32.82 10.34 -22.80
N LEU C 291 33.16 11.36 -22.02
CA LEU C 291 34.43 11.36 -21.29
C LEU C 291 34.38 10.52 -20.02
N GLY C 292 33.23 9.96 -19.66
CA GLY C 292 33.11 9.10 -18.50
C GLY C 292 32.62 9.75 -17.23
N ILE C 293 32.21 11.01 -17.27
CA ILE C 293 31.72 11.70 -16.08
C ILE C 293 30.19 11.51 -16.04
N PRO C 294 29.65 10.88 -15.01
CA PRO C 294 28.18 10.69 -14.95
C PRO C 294 27.49 12.04 -14.91
N THR C 295 26.60 12.27 -15.87
CA THR C 295 25.96 13.56 -16.04
C THR C 295 24.50 13.37 -16.44
N ARG C 296 23.67 14.31 -16.00
CA ARG C 296 22.26 14.32 -16.35
C ARG C 296 21.79 15.75 -16.61
N VAL C 297 20.87 15.89 -17.55
CA VAL C 297 20.27 17.19 -17.86
C VAL C 297 19.12 17.45 -16.90
N VAL C 298 19.09 18.65 -16.34
CA VAL C 298 18.14 19.03 -15.30
C VAL C 298 17.37 20.26 -15.78
N THR C 299 16.07 20.28 -15.47
CA THR C 299 15.20 21.39 -15.81
C THR C 299 14.60 21.98 -14.54
N ASN C 300 14.65 23.29 -14.42
CA ASN C 300 14.06 24.03 -13.31
C ASN C 300 13.00 24.96 -13.87
N TYR C 301 11.76 24.78 -13.43
CA TYR C 301 10.67 25.63 -13.88
C TYR C 301 10.56 26.87 -12.99
N ASN C 302 10.13 27.98 -13.60
CA ASN C 302 10.09 29.28 -12.94
C ASN C 302 11.48 29.68 -12.43
N SER C 303 12.47 29.59 -13.32
CA SER C 303 13.86 29.83 -12.96
C SER C 303 14.18 31.32 -12.95
N ALA C 304 14.77 31.79 -11.85
CA ALA C 304 15.23 33.17 -11.76
C ALA C 304 16.65 33.21 -12.29
N HIS C 305 16.76 33.38 -13.61
CA HIS C 305 18.01 33.33 -14.33
C HIS C 305 18.42 34.70 -14.85
N ASP C 306 19.73 34.90 -14.98
CA ASP C 306 20.32 36.14 -15.46
C ASP C 306 19.85 37.35 -14.66
N GLN C 307 19.58 37.14 -13.37
CA GLN C 307 19.23 38.23 -12.49
C GLN C 307 20.39 38.59 -11.59
N ASN C 308 21.62 38.26 -12.01
CA ASN C 308 22.83 38.62 -11.26
C ASN C 308 22.76 38.11 -9.82
N SER C 309 22.17 36.94 -9.63
CA SER C 309 22.08 36.24 -8.34
C SER C 309 21.19 36.97 -7.35
N ASN C 310 20.39 37.95 -7.79
CA ASN C 310 19.65 38.78 -6.84
C ASN C 310 18.52 37.92 -6.25
N LEU C 311 18.40 37.93 -4.93
CA LEU C 311 17.36 37.13 -4.28
C LEU C 311 16.03 37.87 -4.14
N LEU C 312 15.99 39.15 -4.50
CA LEU C 312 14.75 39.92 -4.53
C LEU C 312 14.62 40.51 -5.93
N ILE C 313 13.58 40.11 -6.65
CA ILE C 313 13.33 40.53 -8.03
C ILE C 313 12.02 41.30 -8.05
N GLU C 314 12.03 42.50 -8.62
CA GLU C 314 10.87 43.38 -8.58
C GLU C 314 10.40 43.77 -9.97
N TYR C 315 9.10 43.69 -10.15
CA TYR C 315 8.44 44.09 -11.39
C TYR C 315 7.41 45.16 -11.04
N PHE C 316 7.35 46.19 -11.86
CA PHE C 316 6.39 47.26 -11.68
C PHE C 316 5.43 47.25 -12.85
N ARG C 317 4.13 47.20 -12.54
CA ARG C 317 3.12 47.00 -13.56
C ARG C 317 2.14 48.16 -13.56
N ASN C 318 1.50 48.35 -14.70
CA ASN C 318 0.52 49.41 -14.87
C ASN C 318 -0.81 48.95 -14.28
N GLU C 319 -1.88 49.70 -14.56
CA GLU C 319 -3.20 49.36 -14.06
C GLU C 319 -3.74 48.08 -14.68
N PHE C 320 -3.32 47.71 -15.88
CA PHE C 320 -3.80 46.49 -16.50
C PHE C 320 -2.96 45.28 -16.10
N GLY C 321 -1.96 45.49 -15.25
CA GLY C 321 -1.07 44.44 -14.80
C GLY C 321 0.11 44.16 -15.71
N GLU C 322 0.25 44.88 -16.80
CA GLU C 322 1.36 44.66 -17.72
C GLU C 322 2.66 45.22 -17.14
N ILE C 323 3.75 44.47 -17.32
CA ILE C 323 5.04 44.83 -16.74
C ILE C 323 5.65 45.95 -17.59
N GLN C 324 5.77 47.15 -16.99
CA GLN C 324 6.25 48.32 -17.71
C GLN C 324 7.76 48.28 -17.93
N GLY C 325 8.51 47.74 -16.97
CA GLY C 325 9.96 47.85 -16.98
C GLY C 325 10.64 47.09 -18.11
N ASP C 326 11.48 47.80 -18.89
CA ASP C 326 12.44 47.16 -19.81
C ASP C 326 13.84 46.93 -19.20
N LYS C 327 14.28 47.56 -18.09
CA LYS C 327 15.54 47.04 -17.56
C LYS C 327 15.37 45.58 -17.06
N SER C 328 14.19 45.24 -16.54
CA SER C 328 14.10 43.97 -15.84
C SER C 328 14.12 42.77 -16.76
N GLU C 329 14.68 41.68 -16.22
CA GLU C 329 14.72 40.39 -16.88
C GLU C 329 13.57 39.57 -16.34
N MET C 330 12.86 38.91 -17.23
CA MET C 330 11.72 38.09 -16.84
C MET C 330 12.19 36.80 -16.18
N ILE C 331 11.29 36.22 -15.39
CA ILE C 331 11.50 34.89 -14.83
C ILE C 331 11.30 33.86 -15.95
N TRP C 332 12.30 33.01 -16.16
CA TRP C 332 12.20 32.03 -17.22
C TRP C 332 11.14 31.00 -16.91
N ASN C 333 10.40 30.59 -17.94
CA ASN C 333 9.41 29.54 -17.78
C ASN C 333 10.08 28.25 -17.34
N PHE C 334 11.22 27.94 -17.93
CA PHE C 334 12.09 26.86 -17.50
C PHE C 334 13.50 27.17 -17.96
N HIS C 335 14.47 26.65 -17.21
CA HIS C 335 15.89 26.79 -17.54
C HIS C 335 16.57 25.46 -17.29
N CYS C 336 17.54 25.13 -18.12
CA CYS C 336 18.19 23.83 -18.07
C CYS C 336 19.68 23.97 -17.79
N TRP C 337 20.21 23.00 -17.05
CA TRP C 337 21.64 22.88 -16.80
C TRP C 337 21.93 21.40 -16.59
N VAL C 338 23.15 21.06 -16.20
CA VAL C 338 23.49 19.65 -16.02
C VAL C 338 24.03 19.43 -14.62
N GLU C 339 24.00 18.18 -14.21
CA GLU C 339 24.57 17.74 -12.95
C GLU C 339 25.56 16.63 -13.25
N SER C 340 26.78 16.75 -12.70
CA SER C 340 27.82 15.76 -12.88
C SER C 340 28.23 15.18 -11.53
N TRP C 341 28.57 13.90 -11.53
CA TRP C 341 28.80 13.14 -10.31
C TRP C 341 30.30 13.04 -10.04
N MET C 342 30.75 13.61 -8.91
CA MET C 342 32.17 13.53 -8.59
C MET C 342 32.40 13.85 -7.13
N THR C 343 33.58 13.46 -6.65
CA THR C 343 34.04 13.90 -5.34
C THR C 343 34.58 15.32 -5.47
N ARG C 344 34.66 16.02 -4.34
CA ARG C 344 35.17 17.39 -4.33
C ARG C 344 36.28 17.53 -3.31
N PRO C 345 37.50 17.12 -3.67
CA PRO C 345 38.64 17.30 -2.77
C PRO C 345 38.98 18.76 -2.53
N ASP C 346 38.67 19.62 -3.50
CA ASP C 346 38.98 21.04 -3.43
C ASP C 346 38.15 21.77 -2.39
N LEU C 347 37.15 21.10 -1.83
CA LEU C 347 36.19 21.70 -0.92
C LEU C 347 36.27 21.01 0.44
N GLN C 348 35.46 21.49 1.37
CA GLN C 348 35.32 20.84 2.65
C GLN C 348 34.80 19.43 2.46
N PRO C 349 35.12 18.53 3.38
CA PRO C 349 34.67 17.14 3.23
C PRO C 349 33.16 17.06 3.24
N GLY C 350 32.63 16.02 2.61
CA GLY C 350 31.21 15.78 2.56
C GLY C 350 30.45 16.40 1.40
N TYR C 351 31.13 17.08 0.48
CA TYR C 351 30.45 17.70 -0.65
C TYR C 351 30.54 16.90 -1.93
N GLU C 352 30.94 15.63 -1.85
CA GLU C 352 30.92 14.77 -3.01
C GLU C 352 29.48 14.45 -3.42
N GLY C 353 29.28 14.21 -4.71
CA GLY C 353 27.96 13.94 -5.22
C GLY C 353 27.64 14.68 -6.50
N TRP C 354 26.38 15.10 -6.65
CA TRP C 354 25.97 15.87 -7.80
C TRP C 354 26.48 17.31 -7.72
N GLN C 355 27.03 17.79 -8.82
CA GLN C 355 27.55 19.14 -8.97
C GLN C 355 26.79 19.81 -10.09
N ALA C 356 26.27 21.01 -9.83
CA ALA C 356 25.51 21.73 -10.85
C ALA C 356 26.48 22.48 -11.77
N LEU C 357 26.37 22.22 -13.06
CA LEU C 357 27.14 22.90 -14.11
C LEU C 357 26.15 23.59 -15.01
N ASP C 358 26.25 24.92 -15.10
CA ASP C 358 25.36 25.66 -15.98
C ASP C 358 26.16 26.19 -17.15
N PRO C 359 26.00 25.62 -18.34
CA PRO C 359 26.73 26.11 -19.51
C PRO C 359 26.10 27.32 -20.17
N THR C 360 25.03 27.87 -19.58
CA THR C 360 24.38 29.05 -20.13
C THR C 360 25.00 30.28 -19.49
N PRO C 361 25.59 31.19 -20.26
CA PRO C 361 26.26 32.35 -19.68
C PRO C 361 25.31 33.21 -18.87
N GLN C 362 25.78 33.64 -17.71
CA GLN C 362 25.01 34.45 -16.78
C GLN C 362 25.77 35.75 -16.54
N GLU C 363 25.03 36.87 -16.44
CA GLU C 363 25.66 38.18 -16.27
C GLU C 363 26.07 38.33 -14.81
N LYS C 364 27.24 37.77 -14.49
CA LYS C 364 27.71 37.69 -13.12
C LYS C 364 28.88 38.65 -12.86
N SER C 365 29.03 39.68 -13.70
CA SER C 365 30.20 40.55 -13.75
C SER C 365 31.41 39.75 -14.22
N GLU C 366 32.47 40.46 -14.59
CA GLU C 366 33.67 39.86 -15.18
C GLU C 366 33.33 39.04 -16.42
N GLY C 367 32.50 39.64 -17.28
CA GLY C 367 32.08 39.00 -18.51
C GLY C 367 30.95 38.01 -18.31
N THR C 368 30.54 37.40 -19.41
CA THR C 368 29.56 36.33 -19.38
C THR C 368 30.30 35.01 -19.23
N TYR C 369 30.17 34.39 -18.06
CA TYR C 369 30.79 33.10 -17.82
C TYR C 369 29.75 32.12 -17.30
N CYS C 370 30.06 30.84 -17.49
CA CYS C 370 29.21 29.78 -17.01
C CYS C 370 29.37 29.65 -15.49
N CYS C 371 28.44 28.95 -14.87
CA CYS C 371 28.49 28.72 -13.44
C CYS C 371 29.14 27.36 -13.22
N GLY C 372 30.32 27.36 -12.60
CA GLY C 372 31.13 26.19 -12.44
C GLY C 372 30.50 25.18 -11.51
N PRO C 373 31.12 24.01 -11.40
CA PRO C 373 30.52 22.92 -10.62
C PRO C 373 30.39 23.32 -9.15
N VAL C 374 29.14 23.32 -8.68
CA VAL C 374 28.83 23.64 -7.30
C VAL C 374 28.05 22.46 -6.74
N PRO C 375 28.36 21.98 -5.55
CA PRO C 375 27.60 20.85 -5.01
C PRO C 375 26.15 21.23 -4.82
N VAL C 376 25.26 20.39 -5.35
CA VAL C 376 23.84 20.65 -5.21
C VAL C 376 23.46 20.67 -3.74
N ARG C 377 24.08 19.79 -2.95
CA ARG C 377 23.81 19.75 -1.52
C ARG C 377 24.22 21.07 -0.84
N ALA C 378 25.29 21.71 -1.33
CA ALA C 378 25.65 23.01 -0.79
C ALA C 378 24.56 24.04 -1.07
N ILE C 379 23.97 23.98 -2.27
CA ILE C 379 22.85 24.86 -2.62
C ILE C 379 21.65 24.56 -1.74
N LYS C 380 21.37 23.28 -1.51
CA LYS C 380 20.23 22.94 -0.68
C LYS C 380 20.37 23.47 0.72
N GLU C 381 21.54 23.28 1.32
CA GLU C 381 21.88 23.91 2.59
C GLU C 381 22.05 25.43 2.50
N GLY C 382 22.31 25.95 1.33
CA GLY C 382 22.47 27.35 1.30
C GLY C 382 23.84 27.89 1.60
N ASP C 383 24.89 27.08 1.58
CA ASP C 383 26.26 27.44 1.88
C ASP C 383 26.84 28.08 0.63
N LEU C 384 26.46 29.32 0.36
CA LEU C 384 26.90 29.96 -0.89
C LEU C 384 28.41 30.27 -0.95
N SER C 385 29.18 30.08 0.13
CA SER C 385 30.64 30.25 0.05
C SER C 385 31.32 29.11 -0.71
N THR C 386 30.62 28.02 -0.93
CA THR C 386 31.22 26.91 -1.63
C THR C 386 31.66 27.28 -3.03
N LYS C 387 32.80 26.75 -3.43
CA LYS C 387 33.39 27.07 -4.71
C LYS C 387 32.62 26.70 -5.95
N TYR C 388 32.68 27.65 -6.85
CA TYR C 388 32.07 27.68 -8.16
C TYR C 388 30.60 28.05 -8.29
N ASP C 389 30.40 29.36 -8.15
CA ASP C 389 29.14 30.05 -8.37
C ASP C 389 27.91 29.64 -7.60
N ALA C 390 28.07 29.27 -6.35
CA ALA C 390 26.93 28.86 -5.52
C ALA C 390 25.83 29.91 -5.45
N PRO C 391 26.12 31.22 -5.35
CA PRO C 391 25.02 32.21 -5.25
C PRO C 391 24.09 32.22 -6.45
N PHE C 392 24.61 32.07 -7.67
CA PHE C 392 23.76 32.16 -8.86
C PHE C 392 22.81 30.96 -8.94
N VAL C 393 23.34 29.75 -8.74
CA VAL C 393 22.49 28.57 -8.75
C VAL C 393 21.47 28.64 -7.62
N PHE C 394 21.88 29.21 -6.49
CA PHE C 394 20.95 29.39 -5.37
C PHE C 394 19.83 30.35 -5.73
N ALA C 395 20.18 31.47 -6.38
CA ALA C 395 19.16 32.45 -6.76
C ALA C 395 18.19 31.87 -7.78
N GLU C 396 18.68 30.99 -8.66
CA GLU C 396 17.81 30.43 -9.68
C GLU C 396 16.62 29.68 -9.08
N VAL C 397 16.83 28.99 -7.95
CA VAL C 397 15.75 28.21 -7.35
C VAL C 397 15.13 28.87 -6.11
N ASN C 398 15.74 29.91 -5.55
CA ASN C 398 15.23 30.48 -4.30
C ASN C 398 14.85 31.95 -4.34
N ALA C 399 14.95 32.62 -5.48
CA ALA C 399 14.68 34.05 -5.51
C ALA C 399 13.23 34.35 -5.16
N ASP C 400 13.00 35.51 -4.56
CA ASP C 400 11.67 35.99 -4.24
C ASP C 400 11.30 37.08 -5.23
N VAL C 401 10.05 37.04 -5.70
CA VAL C 401 9.53 37.99 -6.66
C VAL C 401 8.38 38.72 -6.00
N VAL C 402 8.41 40.05 -6.07
CA VAL C 402 7.31 40.89 -5.62
C VAL C 402 6.86 41.73 -6.80
N ASP C 403 5.55 41.81 -6.98
CA ASP C 403 4.95 42.53 -8.09
C ASP C 403 4.34 43.80 -7.54
N TRP C 404 4.73 44.94 -8.09
CA TRP C 404 4.19 46.22 -7.68
C TRP C 404 3.24 46.72 -8.76
N ILE C 405 2.19 47.40 -8.34
CA ILE C 405 1.27 47.99 -9.28
C ILE C 405 1.48 49.50 -9.24
N GLN C 406 1.79 50.05 -10.42
CA GLN C 406 2.10 51.46 -10.61
C GLN C 406 0.83 52.20 -10.90
N GLN C 407 0.56 53.14 -10.05
CA GLN C 407 -0.65 53.81 -10.41
C GLN C 407 -0.36 54.87 -11.45
N ASP C 408 -1.44 55.37 -12.04
CA ASP C 408 -1.32 56.50 -12.94
C ASP C 408 -0.92 57.63 -12.01
N ASP C 409 -1.55 57.65 -10.85
CA ASP C 409 -1.18 58.62 -9.83
C ASP C 409 0.30 58.53 -9.51
N GLY C 410 0.95 57.47 -9.96
CA GLY C 410 2.36 57.32 -9.71
C GLY C 410 2.73 56.63 -8.40
N SER C 411 1.75 56.18 -7.63
CA SER C 411 2.01 55.45 -6.41
C SER C 411 2.02 53.96 -6.71
N VAL C 412 2.75 53.21 -5.90
CA VAL C 412 2.91 51.78 -6.09
C VAL C 412 2.30 51.04 -4.91
N HIS C 413 1.50 50.03 -5.23
CA HIS C 413 0.87 49.16 -4.25
C HIS C 413 1.34 47.73 -4.51
N LYS C 414 1.72 47.02 -3.46
CA LYS C 414 2.13 45.64 -3.63
C LYS C 414 0.90 44.78 -3.90
N SER C 415 0.96 43.99 -4.96
CA SER C 415 -0.15 43.11 -5.26
C SER C 415 0.14 41.74 -4.65
N ILE C 416 -0.92 40.97 -4.42
CA ILE C 416 -0.78 39.61 -3.93
C ILE C 416 -0.75 38.69 -5.14
N ASN C 417 0.34 37.95 -5.29
CA ASN C 417 0.51 36.99 -6.36
C ASN C 417 0.92 35.67 -5.74
N ARG C 418 0.00 34.72 -5.71
CA ARG C 418 0.26 33.38 -5.21
C ARG C 418 0.53 32.40 -6.33
N SER C 419 0.35 32.83 -7.59
CA SER C 419 0.55 31.96 -8.74
C SER C 419 2.02 31.60 -8.97
N LEU C 420 2.95 32.46 -8.57
CA LEU C 420 4.36 32.31 -8.94
C LEU C 420 5.18 31.81 -7.77
N ILE C 421 5.88 30.70 -7.98
CA ILE C 421 6.89 30.20 -7.05
C ILE C 421 8.13 29.89 -7.88
N VAL C 422 9.25 30.47 -7.48
CA VAL C 422 10.52 30.23 -8.17
C VAL C 422 11.07 28.86 -7.77
N GLY C 423 11.72 28.19 -8.72
CA GLY C 423 12.24 26.85 -8.47
C GLY C 423 11.19 25.78 -8.30
N LEU C 424 10.51 25.42 -9.39
CA LEU C 424 9.41 24.46 -9.37
C LEU C 424 9.74 23.23 -10.19
N LYS C 425 9.31 22.08 -9.68
CA LYS C 425 9.28 20.84 -10.44
C LYS C 425 10.62 20.57 -11.11
N ILE C 426 11.69 20.62 -10.34
CA ILE C 426 13.02 20.34 -10.88
C ILE C 426 13.03 18.88 -11.31
N SER C 427 13.28 18.65 -12.60
CA SER C 427 13.01 17.35 -13.21
C SER C 427 14.23 16.81 -13.94
N THR C 428 14.36 15.49 -13.94
CA THR C 428 15.38 14.79 -14.69
C THR C 428 14.86 13.39 -15.01
N LYS C 429 15.41 12.78 -16.05
CA LYS C 429 14.96 11.45 -16.43
C LYS C 429 15.32 10.43 -15.35
N SER C 430 14.40 9.52 -15.08
CA SER C 430 14.61 8.49 -14.07
C SER C 430 15.63 7.47 -14.54
N VAL C 431 16.16 6.74 -13.57
CA VAL C 431 17.22 5.76 -13.83
C VAL C 431 16.59 4.52 -14.46
N GLY C 432 17.02 4.19 -15.67
CA GLY C 432 16.56 2.99 -16.35
C GLY C 432 15.11 2.99 -16.76
N ARG C 433 14.44 4.13 -16.69
CA ARG C 433 13.02 4.24 -16.96
C ARG C 433 12.75 5.50 -17.75
N ASP C 434 11.57 5.54 -18.39
CA ASP C 434 11.15 6.72 -19.10
C ASP C 434 10.35 7.68 -18.24
N GLU C 435 10.05 7.31 -17.00
CA GLU C 435 9.33 8.19 -16.11
C GLU C 435 10.20 9.35 -15.69
N ARG C 436 9.55 10.44 -15.31
CA ARG C 436 10.24 11.62 -14.82
C ARG C 436 10.49 11.50 -13.33
N GLU C 437 11.68 11.92 -12.91
CA GLU C 437 12.03 12.00 -11.49
C GLU C 437 12.09 13.46 -11.08
N ASP C 438 11.37 13.79 -10.01
CA ASP C 438 11.39 15.13 -9.45
C ASP C 438 12.51 15.20 -8.42
N ILE C 439 13.46 16.09 -8.66
CA ILE C 439 14.62 16.25 -7.79
C ILE C 439 14.60 17.61 -7.08
N THR C 440 13.41 18.19 -6.93
CA THR C 440 13.30 19.48 -6.24
C THR C 440 13.79 19.37 -4.81
N HIS C 441 13.55 18.22 -4.17
CA HIS C 441 13.96 18.03 -2.79
C HIS C 441 15.48 18.09 -2.65
N THR C 442 16.22 17.67 -3.68
CA THR C 442 17.68 17.76 -3.60
C THR C 442 18.14 19.21 -3.56
N TYR C 443 17.46 20.10 -4.28
CA TYR C 443 17.84 21.52 -4.27
C TYR C 443 17.33 22.28 -3.05
N LYS C 444 16.13 21.98 -2.56
CA LYS C 444 15.54 22.80 -1.51
C LYS C 444 14.85 21.95 -0.46
N TYR C 445 14.86 22.45 0.77
CA TYR C 445 14.14 21.83 1.86
C TYR C 445 12.64 22.16 1.78
N PRO C 446 11.79 21.39 2.47
CA PRO C 446 10.34 21.68 2.43
C PRO C 446 10.07 23.11 2.88
N GLU C 447 9.13 23.79 2.26
CA GLU C 447 8.86 25.18 2.62
C GLU C 447 8.35 25.29 4.04
N GLY C 448 8.72 26.34 4.76
CA GLY C 448 8.22 26.49 6.12
C GLY C 448 8.77 25.44 7.06
N SER C 449 9.93 24.87 6.75
CA SER C 449 10.57 23.86 7.58
C SER C 449 11.73 24.45 8.37
N SER C 450 12.11 23.74 9.44
CA SER C 450 13.24 24.18 10.27
C SER C 450 14.53 24.19 9.46
N GLU C 451 14.75 23.13 8.68
CA GLU C 451 15.96 23.03 7.87
C GLU C 451 16.02 24.15 6.84
N GLU C 452 14.88 24.47 6.23
CA GLU C 452 14.84 25.59 5.30
C GLU C 452 15.23 26.89 5.98
N ARG C 453 14.74 27.13 7.19
CA ARG C 453 15.08 28.38 7.87
C ARG C 453 16.57 28.46 8.21
N GLU C 454 17.16 27.37 8.72
CA GLU C 454 18.60 27.41 8.95
C GLU C 454 19.33 27.67 7.63
N ALA C 455 18.78 27.08 6.55
CA ALA C 455 19.38 27.18 5.22
C ALA C 455 19.39 28.60 4.73
N PHE C 456 18.26 29.29 4.87
CA PHE C 456 18.12 30.67 4.44
C PHE C 456 18.94 31.61 5.31
N THR C 457 18.98 31.37 6.62
CA THR C 457 19.73 32.25 7.50
C THR C 457 21.21 32.25 7.15
N ARG C 458 21.67 31.08 6.77
CA ARG C 458 23.03 30.80 6.35
C ARG C 458 23.38 31.56 5.07
N ALA C 459 22.39 31.74 4.22
CA ALA C 459 22.54 32.35 2.91
C ALA C 459 22.01 33.78 2.93
N ASN C 460 21.59 34.23 4.10
CA ASN C 460 21.00 35.55 4.27
C ASN C 460 19.75 35.74 3.44
N HIS C 461 18.95 34.70 3.31
CA HIS C 461 17.73 34.81 2.52
C HIS C 461 16.58 35.60 3.12
N LEU C 462 16.64 35.83 4.42
CA LEU C 462 15.63 36.60 5.14
C LEU C 462 14.16 36.10 5.12
N ASN C 463 13.97 34.79 5.18
CA ASN C 463 12.64 34.24 5.29
C ASN C 463 12.59 32.92 6.07
N THR C 471 -6.93 39.52 1.22
CA THR C 471 -8.04 40.11 1.97
C THR C 471 -9.21 39.12 1.97
N GLY C 472 -8.83 37.84 1.88
CA GLY C 472 -9.78 36.74 1.81
C GLY C 472 -10.24 36.40 0.42
N MET C 473 -9.71 37.05 -0.62
CA MET C 473 -10.05 36.73 -1.99
C MET C 473 -8.85 36.09 -2.68
N ALA C 474 -9.13 35.16 -3.58
CA ALA C 474 -8.11 34.43 -4.31
C ALA C 474 -8.48 34.36 -5.77
N MET C 475 -7.48 34.20 -6.62
CA MET C 475 -7.73 34.04 -8.05
C MET C 475 -6.65 33.13 -8.62
N ARG C 476 -7.05 32.30 -9.59
CA ARG C 476 -6.11 31.43 -10.27
C ARG C 476 -6.58 31.24 -11.70
N ILE C 477 -5.67 30.83 -12.57
CA ILE C 477 -5.99 30.59 -13.96
C ILE C 477 -6.28 29.10 -14.12
N ARG C 478 -7.41 28.79 -14.73
CA ARG C 478 -7.83 27.42 -14.91
C ARG C 478 -7.97 27.11 -16.39
N VAL C 479 -7.56 25.91 -16.78
CA VAL C 479 -7.79 25.38 -18.11
C VAL C 479 -8.70 24.18 -17.94
N GLY C 480 -9.82 24.15 -18.67
CA GLY C 480 -10.75 23.05 -18.52
C GLY C 480 -10.10 21.71 -18.80
N GLN C 481 -9.38 21.63 -19.91
CA GLN C 481 -8.73 20.39 -20.34
C GLN C 481 -7.54 20.77 -21.21
N SER C 482 -6.88 19.74 -21.74
CA SER C 482 -5.75 19.97 -22.63
C SER C 482 -6.21 20.70 -23.89
N MET C 483 -5.41 21.67 -24.33
CA MET C 483 -5.70 22.43 -25.54
C MET C 483 -4.58 22.16 -26.54
N ASN C 484 -4.98 21.95 -27.79
CA ASN C 484 -4.03 21.58 -28.84
C ASN C 484 -3.59 22.78 -29.65
N MET C 485 -2.34 22.71 -30.11
CA MET C 485 -1.81 23.72 -31.01
C MET C 485 -2.60 23.73 -32.31
N GLY C 486 -2.96 24.92 -32.76
CA GLY C 486 -3.79 25.05 -33.94
C GLY C 486 -5.27 25.10 -33.69
N SER C 487 -5.70 25.22 -32.44
CA SER C 487 -7.10 25.20 -32.10
C SER C 487 -7.47 26.42 -31.27
N ASP C 488 -8.77 26.65 -31.18
CA ASP C 488 -9.32 27.71 -30.34
C ASP C 488 -9.74 27.09 -29.03
N PHE C 489 -9.45 27.76 -27.93
CA PHE C 489 -9.77 27.18 -26.64
C PHE C 489 -10.06 28.28 -25.63
N ASP C 490 -10.66 27.89 -24.52
CA ASP C 490 -11.00 28.84 -23.48
C ASP C 490 -10.18 28.56 -22.23
N VAL C 491 -9.81 29.62 -21.53
CA VAL C 491 -9.18 29.54 -20.23
C VAL C 491 -10.01 30.44 -19.34
N PHE C 492 -9.87 30.27 -18.04
CA PHE C 492 -10.75 30.99 -17.13
C PHE C 492 -9.95 31.63 -16.01
N ALA C 493 -10.42 32.79 -15.59
CA ALA C 493 -9.96 33.41 -14.35
C ALA C 493 -10.96 32.99 -13.29
N HIS C 494 -10.51 32.22 -12.32
CA HIS C 494 -11.38 31.71 -11.27
C HIS C 494 -11.09 32.49 -10.01
N ILE C 495 -12.13 33.14 -9.50
CA ILE C 495 -12.05 34.02 -8.34
C ILE C 495 -12.85 33.37 -7.22
N THR C 496 -12.27 33.35 -6.03
CA THR C 496 -12.91 32.81 -4.84
C THR C 496 -13.00 33.91 -3.80
N ASN C 497 -14.22 34.17 -3.33
CA ASN C 497 -14.49 35.16 -2.28
C ASN C 497 -14.99 34.38 -1.07
N ASN C 498 -14.10 34.18 -0.10
CA ASN C 498 -14.43 33.47 1.14
C ASN C 498 -14.68 34.46 2.27
N THR C 499 -15.49 35.48 1.98
CA THR C 499 -15.80 36.51 2.96
C THR C 499 -17.30 36.82 2.91
N ALA C 500 -17.78 37.40 4.00
CA ALA C 500 -19.19 37.83 4.08
C ALA C 500 -19.48 39.01 3.18
N GLU C 501 -18.48 39.86 2.92
CA GLU C 501 -18.70 41.05 2.11
C GLU C 501 -18.91 40.70 0.65
N GLU C 502 -19.61 41.59 -0.05
CA GLU C 502 -19.83 41.52 -1.49
C GLU C 502 -18.96 42.58 -2.13
N TYR C 503 -18.24 42.20 -3.18
CA TYR C 503 -17.28 43.11 -3.79
C TYR C 503 -17.68 43.40 -5.23
N VAL C 504 -17.36 44.62 -5.67
CA VAL C 504 -17.45 44.98 -7.08
C VAL C 504 -16.05 45.32 -7.53
N CYS C 505 -15.54 44.59 -8.52
CA CYS C 505 -14.14 44.67 -8.88
C CYS C 505 -13.98 44.86 -10.39
N ARG C 506 -12.76 45.14 -10.79
CA ARG C 506 -12.39 45.15 -12.21
C ARG C 506 -11.44 44.00 -12.46
N LEU C 507 -11.73 43.21 -13.47
CA LEU C 507 -10.92 42.06 -13.84
C LEU C 507 -10.41 42.24 -15.25
N LEU C 508 -9.10 42.25 -15.40
CA LEU C 508 -8.46 42.44 -16.71
C LEU C 508 -7.67 41.19 -17.04
N LEU C 509 -8.00 40.58 -18.17
CA LEU C 509 -7.43 39.34 -18.64
C LEU C 509 -6.67 39.59 -19.93
N CYS C 510 -5.40 39.17 -19.96
CA CYS C 510 -4.56 39.34 -21.12
C CYS C 510 -3.79 38.06 -21.38
N ALA C 511 -3.90 37.55 -22.60
CA ALA C 511 -3.18 36.38 -23.04
C ALA C 511 -2.25 36.80 -24.16
N ARG C 512 -0.97 36.49 -24.00
CA ARG C 512 0.08 36.86 -24.94
C ARG C 512 0.96 35.66 -25.20
N THR C 513 1.44 35.51 -26.43
CA THR C 513 2.43 34.48 -26.68
C THR C 513 3.72 34.86 -25.98
N VAL C 514 4.47 33.84 -25.56
CA VAL C 514 5.69 34.06 -24.80
C VAL C 514 6.74 33.05 -25.23
N SER C 515 7.99 33.47 -25.17
CA SER C 515 9.09 32.55 -25.36
C SER C 515 9.38 31.82 -24.05
N TYR C 516 10.12 30.73 -24.15
CA TYR C 516 10.40 29.93 -22.96
C TYR C 516 11.24 30.71 -21.94
N ASN C 517 12.04 31.67 -22.39
CA ASN C 517 12.83 32.48 -21.46
C ASN C 517 12.11 33.76 -21.04
N GLY C 518 10.80 33.87 -21.28
CA GLY C 518 9.99 34.94 -20.74
C GLY C 518 9.80 36.18 -21.59
N ILE C 519 10.20 36.18 -22.85
CA ILE C 519 10.00 37.35 -23.70
C ILE C 519 8.55 37.36 -24.17
N LEU C 520 7.79 38.37 -23.76
CA LEU C 520 6.37 38.46 -24.08
C LEU C 520 6.15 39.01 -25.49
N GLY C 521 5.25 38.37 -26.24
CA GLY C 521 4.85 38.82 -27.54
C GLY C 521 3.56 39.64 -27.49
N PRO C 522 2.95 39.87 -28.65
CA PRO C 522 1.68 40.64 -28.69
C PRO C 522 0.55 39.85 -28.06
N GLU C 523 -0.51 40.51 -27.63
CA GLU C 523 -1.59 39.80 -27.00
C GLU C 523 -2.35 38.90 -27.96
N CYS C 524 -2.62 37.67 -27.56
CA CYS C 524 -3.48 36.82 -28.35
C CYS C 524 -4.91 36.75 -27.81
N GLY C 525 -5.20 37.43 -26.70
CA GLY C 525 -6.57 37.48 -26.20
C GLY C 525 -6.79 38.48 -25.08
N THR C 526 -7.87 39.25 -25.10
CA THR C 526 -8.10 40.20 -24.02
C THR C 526 -9.56 40.29 -23.63
N LYS C 527 -9.79 40.49 -22.33
CA LYS C 527 -11.13 40.74 -21.81
C LYS C 527 -11.00 41.65 -20.60
N TYR C 528 -11.80 42.70 -20.55
CA TYR C 528 -11.77 43.62 -19.43
C TYR C 528 -13.19 43.76 -18.89
N LEU C 529 -13.34 43.59 -17.58
CA LEU C 529 -14.64 43.66 -16.93
C LEU C 529 -14.53 44.76 -15.87
N LEU C 530 -15.21 45.88 -16.13
CA LEU C 530 -15.10 47.01 -15.21
C LEU C 530 -15.95 46.83 -13.96
N ASN C 531 -17.09 46.16 -14.09
CA ASN C 531 -18.03 45.93 -12.99
C ASN C 531 -18.24 44.43 -12.83
N LEU C 532 -17.52 43.81 -11.91
CA LEU C 532 -17.67 42.38 -11.67
C LEU C 532 -18.20 42.19 -10.25
N ASN C 533 -19.37 41.58 -10.13
CA ASN C 533 -20.00 41.33 -8.84
C ASN C 533 -19.44 40.01 -8.30
N LEU C 534 -18.80 40.04 -7.15
CA LEU C 534 -18.34 38.84 -6.47
C LEU C 534 -19.11 38.72 -5.16
N GLU C 535 -19.99 37.73 -5.10
CA GLU C 535 -20.90 37.53 -4.01
C GLU C 535 -20.18 36.95 -2.80
N PRO C 536 -20.75 37.12 -1.60
CA PRO C 536 -20.11 36.58 -0.40
C PRO C 536 -20.06 35.06 -0.42
N PHE C 537 -18.90 34.52 -0.04
CA PHE C 537 -18.70 33.08 0.06
C PHE C 537 -19.07 32.37 -1.24
N SER C 538 -18.57 32.92 -2.35
CA SER C 538 -18.91 32.36 -3.66
C SER C 538 -17.70 32.43 -4.58
N GLU C 539 -17.86 31.80 -5.74
CA GLU C 539 -16.80 31.75 -6.74
C GLU C 539 -17.35 32.21 -8.08
N LYS C 540 -16.46 32.76 -8.90
CA LYS C 540 -16.80 33.26 -10.21
C LYS C 540 -15.74 32.76 -11.19
N SER C 541 -16.16 32.32 -12.36
CA SER C 541 -15.23 31.91 -13.40
C SER C 541 -15.52 32.77 -14.63
N VAL C 542 -14.53 33.52 -15.08
CA VAL C 542 -14.66 34.41 -16.22
C VAL C 542 -13.86 33.83 -17.39
N PRO C 543 -14.50 33.53 -18.51
CA PRO C 543 -13.79 32.92 -19.64
C PRO C 543 -13.06 33.93 -20.50
N LEU C 544 -11.94 33.47 -21.05
CA LEU C 544 -11.15 34.17 -22.03
C LEU C 544 -10.96 33.22 -23.21
N CYS C 545 -11.26 33.68 -24.41
CA CYS C 545 -11.17 32.84 -25.59
C CYS C 545 -9.87 33.14 -26.33
N ILE C 546 -9.07 32.10 -26.55
CA ILE C 546 -7.80 32.20 -27.26
C ILE C 546 -8.01 31.59 -28.63
N LEU C 547 -7.82 32.41 -29.66
CA LEU C 547 -8.05 32.02 -31.04
C LEU C 547 -6.75 31.71 -31.73
N TYR C 548 -6.77 30.68 -32.58
CA TYR C 548 -5.57 30.29 -33.31
C TYR C 548 -5.07 31.41 -34.20
N GLU C 549 -5.99 32.12 -34.85
CA GLU C 549 -5.59 33.21 -35.74
C GLU C 549 -4.87 34.31 -34.96
N LYS C 550 -5.30 34.57 -33.73
CA LYS C 550 -4.68 35.62 -32.92
C LYS C 550 -3.31 35.23 -32.37
N TYR C 551 -3.05 33.93 -32.14
CA TYR C 551 -1.75 33.54 -31.60
C TYR C 551 -0.82 32.89 -32.62
N ARG C 552 -1.31 32.60 -33.83
CA ARG C 552 -0.51 31.83 -34.78
C ARG C 552 0.75 32.58 -35.23
N ASP C 553 0.62 33.89 -35.47
CA ASP C 553 1.73 34.63 -36.06
C ASP C 553 2.96 34.68 -35.15
N CYS C 554 2.77 34.90 -33.84
CA CYS C 554 3.89 35.12 -32.94
C CYS C 554 4.19 33.97 -32.00
N LEU C 555 3.49 32.84 -32.10
CA LEU C 555 3.81 31.71 -31.25
C LEU C 555 5.20 31.18 -31.56
N THR C 556 5.99 30.93 -30.51
CA THR C 556 7.31 30.33 -30.69
C THR C 556 7.18 28.81 -30.75
N GLU C 557 8.30 28.15 -31.04
CA GLU C 557 8.28 26.69 -31.15
C GLU C 557 8.07 26.02 -29.80
N SER C 558 8.13 26.76 -28.69
CA SER C 558 7.87 26.21 -27.37
C SER C 558 6.38 26.05 -27.09
N ASN C 559 5.52 26.60 -27.96
CA ASN C 559 4.07 26.49 -27.83
C ASN C 559 3.57 27.00 -26.48
N LEU C 560 4.09 28.16 -26.05
CA LEU C 560 3.74 28.72 -24.76
C LEU C 560 2.93 30.00 -24.93
N ILE C 561 1.87 30.11 -24.13
CA ILE C 561 1.05 31.31 -24.05
C ILE C 561 0.94 31.68 -22.57
N LYS C 562 1.13 32.95 -22.26
CA LYS C 562 1.02 33.42 -20.89
C LYS C 562 -0.34 34.09 -20.71
N VAL C 563 -1.05 33.66 -19.69
CA VAL C 563 -2.33 34.23 -19.31
C VAL C 563 -2.11 35.03 -18.04
N ARG C 564 -2.53 36.28 -18.05
CA ARG C 564 -2.37 37.19 -16.94
C ARG C 564 -3.76 37.67 -16.56
N ALA C 565 -4.04 37.68 -15.27
CA ALA C 565 -5.30 38.14 -14.73
C ALA C 565 -4.97 39.11 -13.62
N LEU C 566 -5.55 40.29 -13.70
CA LEU C 566 -5.38 41.27 -12.64
C LEU C 566 -6.78 41.63 -12.14
N LEU C 567 -7.01 41.38 -10.87
CA LEU C 567 -8.27 41.71 -10.22
C LEU C 567 -8.01 42.83 -9.23
N VAL C 568 -8.75 43.91 -9.37
CA VAL C 568 -8.59 45.04 -8.48
C VAL C 568 -9.91 45.31 -7.81
N GLU C 569 -9.85 45.39 -6.49
CA GLU C 569 -10.96 45.72 -5.63
C GLU C 569 -10.79 47.17 -5.23
N PRO C 570 -11.63 48.07 -5.76
CA PRO C 570 -11.35 49.51 -5.58
C PRO C 570 -11.49 50.07 -4.17
N VAL C 571 -12.44 49.59 -3.36
CA VAL C 571 -12.71 50.30 -2.11
C VAL C 571 -11.48 50.33 -1.19
N ILE C 572 -10.82 49.19 -0.97
CA ILE C 572 -9.60 49.17 -0.17
C ILE C 572 -8.35 49.19 -1.04
N ASN C 573 -8.50 49.39 -2.35
CA ASN C 573 -7.36 49.50 -3.25
C ASN C 573 -6.49 48.24 -3.22
N SER C 574 -7.12 47.08 -3.43
CA SER C 574 -6.41 45.80 -3.40
C SER C 574 -6.21 45.25 -4.80
N TYR C 575 -5.03 44.70 -5.05
CA TYR C 575 -4.68 44.08 -6.32
C TYR C 575 -4.29 42.64 -6.10
N LEU C 576 -4.89 41.74 -6.86
CA LEU C 576 -4.54 40.33 -6.86
C LEU C 576 -4.13 39.93 -8.27
N LEU C 577 -3.01 39.23 -8.38
CA LEU C 577 -2.39 38.90 -9.65
C LEU C 577 -2.34 37.39 -9.81
N ALA C 578 -2.75 36.91 -10.97
CA ALA C 578 -2.66 35.48 -11.28
C ALA C 578 -2.07 35.32 -12.67
N GLU C 579 -1.02 34.52 -12.78
CA GLU C 579 -0.40 34.27 -14.07
C GLU C 579 -0.16 32.78 -14.26
N ARG C 580 -0.34 32.32 -15.50
CA ARG C 580 -0.10 30.92 -15.82
C ARG C 580 0.47 30.81 -17.22
N ASP C 581 1.38 29.85 -17.41
CA ASP C 581 1.94 29.55 -18.72
C ASP C 581 1.32 28.25 -19.23
N LEU C 582 0.75 28.31 -20.42
CA LEU C 582 0.08 27.18 -21.04
C LEU C 582 0.92 26.65 -22.18
N TYR C 583 0.96 25.33 -22.30
CA TYR C 583 1.63 24.64 -23.40
C TYR C 583 0.58 24.04 -24.31
N LEU C 584 0.64 24.39 -25.58
CA LEU C 584 -0.31 23.86 -26.56
C LEU C 584 0.26 22.58 -27.16
N GLU C 585 -0.53 21.51 -27.10
CA GLU C 585 -0.05 20.20 -27.47
C GLU C 585 0.18 20.11 -28.98
N ASN C 586 1.34 19.59 -29.36
CA ASN C 586 1.62 19.30 -30.74
C ASN C 586 0.92 18.01 -31.12
N PRO C 587 0.75 17.73 -32.40
CA PRO C 587 0.16 16.44 -32.79
C PRO C 587 1.11 15.31 -32.45
N GLU C 588 0.53 14.18 -32.01
CA GLU C 588 1.33 13.01 -31.72
C GLU C 588 1.85 12.41 -33.02
N ILE C 589 3.11 11.96 -32.98
CA ILE C 589 3.71 11.28 -34.13
C ILE C 589 3.58 9.78 -33.88
N LYS C 590 2.77 9.12 -34.69
CA LYS C 590 2.62 7.67 -34.57
C LYS C 590 3.76 6.98 -35.29
N ILE C 591 4.41 6.05 -34.60
CA ILE C 591 5.56 5.32 -35.12
C ILE C 591 5.26 3.83 -35.07
N ARG C 592 5.50 3.15 -36.18
CA ARG C 592 5.31 1.72 -36.30
C ARG C 592 6.63 1.10 -36.71
N ILE C 593 6.97 -0.03 -36.11
CA ILE C 593 8.18 -0.77 -36.47
C ILE C 593 7.74 -1.99 -37.22
N LEU C 594 8.21 -2.12 -38.47
CA LEU C 594 7.77 -3.19 -39.35
C LEU C 594 8.88 -4.22 -39.47
N GLY C 595 8.50 -5.49 -39.35
CA GLY C 595 9.48 -6.55 -39.39
C GLY C 595 10.01 -6.86 -38.02
N GLU C 596 10.92 -7.79 -37.99
CA GLU C 596 11.53 -8.17 -36.72
C GLU C 596 12.84 -7.40 -36.55
N PRO C 597 13.00 -6.67 -35.45
CA PRO C 597 14.22 -5.87 -35.24
C PRO C 597 15.37 -6.74 -34.81
N LYS C 598 16.34 -6.94 -35.70
CA LYS C 598 17.49 -7.78 -35.45
C LYS C 598 18.75 -7.02 -35.87
N GLN C 599 19.86 -7.37 -35.23
CA GLN C 599 21.11 -6.67 -35.48
C GLN C 599 21.58 -6.88 -36.92
N LYS C 600 22.00 -5.78 -37.55
CA LYS C 600 22.53 -5.79 -38.92
C LYS C 600 21.50 -6.32 -39.93
N ARG C 601 20.22 -6.06 -39.67
CA ARG C 601 19.15 -6.39 -40.59
C ARG C 601 18.34 -5.12 -40.86
N LYS C 602 17.76 -5.04 -42.05
CA LYS C 602 17.00 -3.86 -42.41
C LYS C 602 15.78 -3.73 -41.52
N LEU C 603 15.51 -2.51 -41.08
CA LEU C 603 14.36 -2.21 -40.24
C LEU C 603 13.60 -1.06 -40.88
N VAL C 604 12.28 -1.13 -40.86
CA VAL C 604 11.45 -0.08 -41.45
C VAL C 604 10.68 0.61 -40.35
N ALA C 605 10.78 1.94 -40.31
CA ALA C 605 10.05 2.76 -39.35
C ALA C 605 9.03 3.58 -40.12
N GLU C 606 7.77 3.48 -39.71
CA GLU C 606 6.69 4.23 -40.34
C GLU C 606 6.27 5.34 -39.39
N VAL C 607 6.44 6.57 -39.82
CA VAL C 607 6.08 7.72 -38.98
C VAL C 607 4.95 8.48 -39.67
N SER C 608 3.98 8.92 -38.86
CA SER C 608 2.81 9.60 -39.41
C SER C 608 2.27 10.58 -38.39
N LEU C 609 1.53 11.57 -38.89
CA LEU C 609 0.82 12.48 -38.02
C LEU C 609 -0.33 13.12 -38.78
N GLN C 610 -1.28 13.65 -38.03
CA GLN C 610 -2.42 14.36 -38.60
C GLN C 610 -2.23 15.86 -38.43
N ASN C 611 -2.50 16.59 -39.50
CA ASN C 611 -2.36 18.04 -39.47
C ASN C 611 -3.42 18.60 -38.55
N PRO C 612 -3.05 19.26 -37.45
CA PRO C 612 -4.03 19.85 -36.54
C PRO C 612 -4.49 21.24 -36.94
N LEU C 613 -3.87 21.84 -37.94
CA LEU C 613 -4.20 23.21 -38.31
C LEU C 613 -5.42 23.28 -39.22
N PRO C 614 -6.12 24.42 -39.21
CA PRO C 614 -7.19 24.63 -40.18
C PRO C 614 -6.65 24.84 -41.58
N VAL C 615 -5.38 25.21 -41.71
CA VAL C 615 -4.74 25.48 -42.97
C VAL C 615 -3.83 24.32 -43.33
N ALA C 616 -3.41 24.29 -44.59
CA ALA C 616 -2.57 23.20 -45.08
C ALA C 616 -1.12 23.40 -44.63
N LEU C 617 -0.37 22.29 -44.66
CA LEU C 617 1.04 22.27 -44.33
C LEU C 617 1.87 22.03 -45.58
N GLU C 618 2.95 22.81 -45.73
CA GLU C 618 3.83 22.71 -46.87
C GLU C 618 5.28 22.61 -46.40
N GLY C 619 6.12 22.01 -47.24
CA GLY C 619 7.50 21.77 -46.88
C GLY C 619 7.68 20.81 -45.73
N CYS C 620 6.77 19.84 -45.61
CA CYS C 620 6.81 18.90 -44.51
C CYS C 620 8.02 17.99 -44.62
N THR C 621 8.75 17.86 -43.51
CA THR C 621 9.96 17.07 -43.46
C THR C 621 9.97 16.25 -42.18
N PHE C 622 10.39 14.99 -42.29
CA PHE C 622 10.58 14.12 -41.15
C PHE C 622 12.06 13.84 -41.01
N THR C 623 12.59 14.04 -39.80
CA THR C 623 13.99 13.76 -39.50
C THR C 623 14.06 12.73 -38.39
N VAL C 624 14.86 11.69 -38.60
CA VAL C 624 14.96 10.55 -37.69
C VAL C 624 16.41 10.36 -37.30
N GLU C 625 16.64 10.10 -36.01
CA GLU C 625 17.97 9.97 -35.46
C GLU C 625 17.92 8.96 -34.32
N GLY C 626 19.03 8.26 -34.10
CA GLY C 626 19.09 7.35 -32.97
C GLY C 626 20.34 6.51 -32.89
N ALA C 627 21.14 6.72 -31.85
CA ALA C 627 22.38 5.95 -31.69
C ALA C 627 22.05 4.48 -31.48
N GLY C 628 22.68 3.62 -32.28
CA GLY C 628 22.41 2.20 -32.26
C GLY C 628 21.35 1.76 -33.23
N LEU C 629 20.50 2.68 -33.71
CA LEU C 629 19.48 2.38 -34.69
C LEU C 629 19.87 2.78 -36.10
N THR C 630 20.51 3.94 -36.27
CA THR C 630 21.00 4.41 -37.56
C THR C 630 22.31 5.16 -37.32
N GLU C 631 23.30 4.90 -38.17
CA GLU C 631 24.60 5.54 -37.99
C GLU C 631 24.56 7.04 -38.21
N GLU C 632 23.70 7.46 -39.13
CA GLU C 632 23.55 8.86 -39.47
C GLU C 632 22.10 9.30 -39.54
N GLN C 633 21.87 10.58 -39.35
CA GLN C 633 20.52 11.14 -39.39
C GLN C 633 19.88 10.95 -40.77
N LYS C 634 18.56 10.73 -40.79
CA LYS C 634 17.84 10.52 -42.04
C LYS C 634 16.68 11.49 -42.20
N THR C 635 16.53 12.03 -43.40
CA THR C 635 15.57 13.06 -43.74
C THR C 635 14.69 12.56 -44.88
N VAL C 636 13.38 12.78 -44.72
CA VAL C 636 12.43 12.52 -45.79
C VAL C 636 11.58 13.76 -45.99
N GLU C 637 11.45 14.17 -47.24
CA GLU C 637 10.68 15.35 -47.61
C GLU C 637 9.43 14.87 -48.35
N ILE C 638 8.28 15.41 -48.01
CA ILE C 638 7.09 15.05 -48.71
C ILE C 638 6.90 16.21 -49.67
N PRO C 639 6.83 15.94 -50.98
CA PRO C 639 6.71 17.08 -51.90
C PRO C 639 5.36 17.78 -51.85
N ASP C 640 4.27 17.03 -51.79
CA ASP C 640 2.93 17.62 -51.85
C ASP C 640 2.47 18.16 -50.49
N PRO C 641 1.60 19.17 -50.50
CA PRO C 641 1.08 19.75 -49.25
C PRO C 641 0.09 18.82 -48.56
N VAL C 642 -0.07 19.06 -47.26
CA VAL C 642 -0.95 18.30 -46.39
C VAL C 642 -2.12 19.20 -45.99
N GLU C 643 -3.33 18.75 -46.27
CA GLU C 643 -4.49 19.60 -46.05
C GLU C 643 -4.91 19.57 -44.57
N ALA C 644 -6.02 20.25 -44.29
CA ALA C 644 -6.40 20.57 -42.93
C ALA C 644 -6.59 19.31 -42.08
N GLY C 645 -7.31 18.31 -42.59
CA GLY C 645 -7.54 17.11 -41.78
C GLY C 645 -6.63 15.98 -42.09
N GLU C 646 -5.83 16.17 -43.12
CA GLU C 646 -4.97 15.15 -43.68
C GLU C 646 -3.83 14.64 -42.83
N GLU C 647 -3.40 13.43 -43.15
CA GLU C 647 -2.30 12.80 -42.46
C GLU C 647 -1.11 12.64 -43.40
N VAL C 648 0.07 12.74 -42.82
CA VAL C 648 1.34 12.56 -43.52
C VAL C 648 1.98 11.30 -42.95
N LYS C 649 2.35 10.38 -43.82
CA LYS C 649 3.02 9.17 -43.35
C LYS C 649 4.14 8.80 -44.32
N VAL C 650 5.30 8.47 -43.78
CA VAL C 650 6.47 8.07 -44.56
C VAL C 650 7.17 6.90 -43.89
N ARG C 651 8.03 6.25 -44.67
CA ARG C 651 8.82 5.11 -44.22
C ARG C 651 10.29 5.48 -44.26
N MET C 652 11.00 5.11 -43.20
CA MET C 652 12.43 5.33 -43.09
C MET C 652 13.09 3.97 -43.01
N ASP C 653 14.15 3.78 -43.79
CA ASP C 653 14.93 2.55 -43.71
C ASP C 653 16.07 2.79 -42.72
N LEU C 654 16.25 1.83 -41.81
CA LEU C 654 17.27 1.89 -40.79
C LEU C 654 18.07 0.61 -40.81
N LEU C 655 19.32 0.70 -40.36
CA LEU C 655 20.23 -0.43 -40.28
C LEU C 655 20.81 -0.46 -38.87
N PRO C 656 20.07 -1.04 -37.92
CA PRO C 656 20.59 -1.08 -36.54
C PRO C 656 21.82 -1.96 -36.46
N LEU C 657 22.91 -1.39 -35.94
CA LEU C 657 24.17 -2.12 -35.81
C LEU C 657 24.46 -2.56 -34.38
N HIS C 658 23.64 -2.18 -33.41
CA HIS C 658 23.87 -2.53 -32.02
C HIS C 658 22.63 -3.17 -31.43
N MET C 659 22.84 -4.20 -30.60
CA MET C 659 21.75 -4.84 -29.90
C MET C 659 21.32 -4.01 -28.71
N GLY C 660 20.19 -4.37 -28.11
CA GLY C 660 19.73 -3.69 -26.92
C GLY C 660 18.72 -2.60 -27.21
N LEU C 661 18.40 -1.87 -26.16
CA LEU C 661 17.39 -0.81 -26.23
C LEU C 661 17.98 0.48 -26.77
N HIS C 662 17.33 1.05 -27.76
CA HIS C 662 17.67 2.34 -28.31
C HIS C 662 16.39 3.12 -28.46
N LYS C 663 16.50 4.44 -28.46
CA LYS C 663 15.33 5.28 -28.61
C LYS C 663 15.44 6.02 -29.94
N LEU C 664 14.42 5.84 -30.78
CA LEU C 664 14.36 6.49 -32.07
C LEU C 664 13.71 7.85 -31.87
N VAL C 665 14.43 8.92 -32.19
CA VAL C 665 13.97 10.28 -32.00
C VAL C 665 13.56 10.83 -33.36
N VAL C 666 12.39 11.47 -33.41
CA VAL C 666 11.79 11.97 -34.64
C VAL C 666 11.42 13.44 -34.46
N ASN C 667 11.69 14.24 -35.49
CA ASN C 667 11.28 15.64 -35.56
C ASN C 667 10.50 15.86 -36.85
N PHE C 668 9.46 16.68 -36.76
CA PHE C 668 8.64 17.05 -37.89
C PHE C 668 8.69 18.55 -38.09
N GLU C 669 8.89 18.96 -39.35
CA GLU C 669 9.04 20.34 -39.77
C GLU C 669 8.04 20.66 -40.87
N SER C 670 7.51 21.88 -40.84
CA SER C 670 6.63 22.38 -41.89
C SER C 670 6.61 23.90 -41.77
N ASP C 671 6.01 24.55 -42.77
CA ASP C 671 5.93 26.00 -42.75
C ASP C 671 5.04 26.51 -41.60
N LYS C 672 3.94 25.82 -41.35
CA LYS C 672 3.05 26.24 -40.30
C LYS C 672 3.09 25.41 -39.00
N LEU C 673 3.69 24.23 -39.05
CA LEU C 673 3.81 23.36 -37.88
C LEU C 673 5.28 22.98 -37.70
N LYS C 674 5.92 23.44 -36.61
CA LYS C 674 7.35 23.21 -36.46
C LYS C 674 7.71 22.52 -35.14
N ALA C 675 8.87 21.85 -35.17
CA ALA C 675 9.48 21.21 -34.01
C ALA C 675 8.54 20.19 -33.34
N VAL C 676 7.86 19.39 -34.16
CA VAL C 676 6.99 18.36 -33.58
C VAL C 676 7.85 17.14 -33.25
N LYS C 677 7.78 16.67 -32.01
CA LYS C 677 8.67 15.61 -31.57
C LYS C 677 7.93 14.30 -31.36
N GLY C 678 8.66 13.21 -31.58
CA GLY C 678 8.16 11.86 -31.36
C GLY C 678 9.33 10.97 -31.04
N PHE C 679 9.04 9.83 -30.42
CA PHE C 679 10.09 8.88 -30.11
C PHE C 679 9.49 7.50 -29.96
N ARG C 680 10.34 6.49 -30.15
CA ARG C 680 9.89 5.13 -29.93
C ARG C 680 11.03 4.28 -29.36
N ASN C 681 10.71 3.47 -28.36
CA ASN C 681 11.69 2.56 -27.78
C ASN C 681 11.76 1.31 -28.66
N VAL C 682 12.96 0.98 -29.13
CA VAL C 682 13.17 -0.16 -30.01
C VAL C 682 14.24 -1.04 -29.40
N ILE C 683 13.93 -2.32 -29.22
CA ILE C 683 14.88 -3.28 -28.69
C ILE C 683 15.34 -4.17 -29.83
N ILE C 684 16.65 -4.20 -30.06
CA ILE C 684 17.26 -4.96 -31.15
C ILE C 684 17.77 -6.29 -30.61
N GLY C 685 17.25 -7.37 -31.18
CA GLY C 685 17.61 -8.72 -30.82
C GLY C 685 18.83 -9.23 -31.58
N PRO C 686 19.27 -10.45 -31.24
CA PRO C 686 20.46 -11.01 -31.91
C PRO C 686 20.25 -11.14 -33.41
N ALA C 687 21.32 -10.89 -34.15
CA ALA C 687 21.32 -10.91 -35.62
C ALA C 687 20.79 -12.22 -36.21
PG GTP D . -39.94 2.32 26.62
O1G GTP D . -40.41 1.35 27.66
O2G GTP D . -40.89 3.38 26.19
O3G GTP D . -38.57 2.86 26.81
O3B GTP D . -39.90 1.29 25.38
PB GTP D . -38.84 0.14 25.25
O1B GTP D . -39.42 -0.80 24.29
O2B GTP D . -37.51 0.69 24.97
O3A GTP D . -38.82 -0.57 26.67
PA GTP D . -37.63 -1.50 27.11
O1A GTP D . -36.53 -1.34 26.17
O2A GTP D . -37.30 -1.29 28.52
O5' GTP D . -38.20 -2.95 26.97
C5' GTP D . -38.15 -3.52 25.68
C4' GTP D . -38.36 -5.01 25.72
O4' GTP D . -37.24 -5.48 25.00
C3' GTP D . -38.21 -5.58 27.09
O3' GTP D . -38.73 -6.90 27.04
C2' GTP D . -36.74 -5.63 27.30
O2' GTP D . -36.36 -6.67 28.18
C1' GTP D . -36.22 -5.88 25.90
N9 GTP D . -35.01 -5.09 25.65
C8 GTP D . -34.80 -3.83 25.99
N7 GTP D . -33.58 -3.43 25.62
C5 GTP D . -32.99 -4.47 25.04
C6 GTP D . -31.68 -4.75 24.42
O6 GTP D . -30.82 -3.88 24.35
N1 GTP D . -31.47 -5.97 23.94
C2 GTP D . -32.40 -6.93 24.00
N2 GTP D . -32.12 -8.12 23.50
N3 GTP D . -33.60 -6.74 24.55
C4 GTP D . -33.94 -5.56 25.07
PG GTP E . -12.49 19.58 -12.20
O1G GTP E . -13.41 18.41 -12.33
O2G GTP E . -13.26 20.85 -12.10
O3G GTP E . -11.29 19.57 -13.09
O3B GTP E . -11.73 19.46 -10.80
PB GTP E . -10.98 18.15 -10.33
O1B GTP E . -11.97 17.11 -10.01
O2B GTP E . -10.07 18.60 -9.28
O3A GTP E . -10.13 17.70 -11.58
PA GTP E . -9.56 16.23 -11.69
O1A GTP E . -9.65 15.74 -13.07
O2A GTP E . -10.18 15.40 -10.67
O5' GTP E . -8.04 16.39 -11.35
C5' GTP E . -7.70 16.38 -9.98
C4' GTP E . -6.24 16.16 -9.75
O4' GTP E . -6.23 15.09 -8.84
C3' GTP E . -5.54 15.63 -10.98
O3' GTP E . -4.14 15.74 -10.73
C2' GTP E . -5.93 14.18 -10.99
O2' GTP E . -4.92 13.38 -11.61
C1' GTP E . -6.04 13.87 -9.52
N9 GTP E . -7.19 12.99 -9.29
C8 GTP E . -8.41 13.08 -9.83
N7 GTP E . -9.20 12.11 -9.40
C5 GTP E . -8.50 11.36 -8.57
C6 GTP E . -8.72 10.15 -7.76
O6 GTP E . -9.81 9.59 -7.75
N1 GTP E . -7.71 9.69 -7.04
C2 GTP E . -6.52 10.28 -7.02
N2 GTP E . -5.55 9.77 -6.28
N3 GTP E . -6.23 11.37 -7.73
C4 GTP E . -7.17 11.94 -8.50
PG GTP F . -7.44 23.44 -11.08
O1G GTP F . -7.20 21.98 -10.93
O2G GTP F . -8.50 24.07 -10.25
O3G GTP F . -6.20 24.30 -11.09
O3B GTP F . -8.04 23.43 -12.56
PB GTP F . -7.17 23.11 -13.84
O1B GTP F . -8.15 22.74 -14.87
O2B GTP F . -6.24 24.21 -14.12
O3A GTP F . -6.35 21.81 -13.46
PA GTP F . -5.06 21.38 -14.29
O1A GTP F . -4.69 22.48 -15.17
O2A GTP F . -4.03 20.87 -13.39
O5' GTP F . -5.56 20.19 -15.17
C5' GTP F . -6.19 20.53 -16.37
C4' GTP F . -6.29 19.36 -17.31
O4' GTP F . -5.73 19.86 -18.49
C3' GTP F . -5.38 18.22 -16.92
O3' GTP F . -5.79 17.09 -17.68
C2' GTP F . -4.03 18.68 -17.37
O2' GTP F . -3.20 17.58 -17.69
C1' GTP F . -4.37 19.49 -18.59
N9 GTP F . -3.54 20.70 -18.65
C8 GTP F . -3.22 21.51 -17.64
N7 GTP F . -2.42 22.50 -18.05
C5 GTP F . -2.21 22.33 -19.34
C6 GTP F . -1.45 23.01 -20.41
O6 GTP F . -0.81 24.02 -20.16
N1 GTP F . -1.48 22.48 -21.62
C2 GTP F . -2.19 21.39 -21.90
N2 GTP F . -2.18 20.92 -23.15
N3 GTP F . -2.89 20.71 -21.00
C4 GTP F . -2.93 21.13 -19.73
#